data_8P6B
# 
_entry.id   8P6B 
# 
_audit_conform.dict_name       mmcif_pdbx.dic 
_audit_conform.dict_version    5.393 
_audit_conform.dict_location   http://mmcif.pdb.org/dictionaries/ascii/mmcif_pdbx.dic 
# 
loop_
_database_2.database_id 
_database_2.database_code 
_database_2.pdbx_database_accession 
_database_2.pdbx_DOI 
PDB   8P6B         pdb_00008p6b 10.2210/pdb8p6b/pdb 
WWPDB D_1292130759 ?            ?                   
# 
_pdbx_audit_revision_history.ordinal             1 
_pdbx_audit_revision_history.data_content_type   'Structure model' 
_pdbx_audit_revision_history.major_revision      1 
_pdbx_audit_revision_history.minor_revision      0 
_pdbx_audit_revision_history.revision_date       2024-06-12 
# 
_pdbx_audit_revision_details.ordinal             1 
_pdbx_audit_revision_details.revision_ordinal    1 
_pdbx_audit_revision_details.data_content_type   'Structure model' 
_pdbx_audit_revision_details.provider            repository 
_pdbx_audit_revision_details.type                'Initial release' 
_pdbx_audit_revision_details.description         ? 
_pdbx_audit_revision_details.details             ? 
# 
_pdbx_database_status.status_code                     REL 
_pdbx_database_status.status_code_sf                  REL 
_pdbx_database_status.status_code_mr                  ? 
_pdbx_database_status.entry_id                        8P6B 
_pdbx_database_status.recvd_initial_deposition_date   2023-05-25 
_pdbx_database_status.SG_entry                        N 
_pdbx_database_status.deposit_site                    PDBE 
_pdbx_database_status.process_site                    PDBE 
_pdbx_database_status.status_code_cs                  ? 
_pdbx_database_status.status_code_nmr_data            ? 
_pdbx_database_status.methods_development_category    ? 
_pdbx_database_status.pdb_format_compatible           Y 
# 
_pdbx_contact_author.id                 2 
_pdbx_contact_author.email              c.j.cardin@reading.ac.uk 
_pdbx_contact_author.name_first         Christine 
_pdbx_contact_author.name_last          Cardin 
_pdbx_contact_author.name_mi            ? 
_pdbx_contact_author.role               'principal investigator/group leader' 
_pdbx_contact_author.identifier_ORCID   0000-0002-2556-9995 
# 
loop_
_audit_author.name 
_audit_author.pdbx_ordinal 
_audit_author.identifier_ORCID 
'McQuaid, K.T.' 1 0000-0002-3222-5584 
'Cardin, C.J.'  2 0000-0002-2556-9995 
# 
_citation.abstract                  ? 
_citation.abstract_id_CAS           ? 
_citation.book_id_ISBN              ? 
_citation.book_publisher            ? 
_citation.book_publisher_city       ? 
_citation.book_title                ? 
_citation.coordinate_linkage        ? 
_citation.country                   ? 
_citation.database_id_Medline       ? 
_citation.details                   ? 
_citation.id                        primary 
_citation.journal_abbrev            'To Be Published' 
_citation.journal_id_ASTM           ? 
_citation.journal_id_CSD            0353 
_citation.journal_id_ISSN           ? 
_citation.journal_full              ? 
_citation.journal_issue             ? 
_citation.journal_volume            ? 
_citation.language                  ? 
_citation.page_first                ? 
_citation.page_last                 ? 
_citation.title                     'Ruthenium complex bound to an antiparallel G-quadruplex' 
_citation.year                      ? 
_citation.database_id_CSD           ? 
_citation.pdbx_database_id_DOI      ? 
_citation.pdbx_database_id_PubMed   ? 
_citation.pdbx_database_id_patent   ? 
_citation.unpublished_flag          ? 
# 
loop_
_citation_author.citation_id 
_citation_author.name 
_citation_author.ordinal 
_citation_author.identifier_ORCID 
primary 'McQuaid, K.T.' 1 0000-0002-3222-5584 
primary 'Cardin, C.J.'  2 0000-0002-2556-9995 
# 
loop_
_entity.id 
_entity.type 
_entity.src_method 
_entity.pdbx_description 
_entity.formula_weight 
_entity.pdbx_number_of_molecules 
_entity.pdbx_ec 
_entity.pdbx_mutation 
_entity.pdbx_fragment 
_entity.details 
1 polymer     syn 
;DNA (5'-D(*GP*GP*GP*TP*TP*TP*GP*GP*GP*TP*TP*AP*GP*GP*GP*TP*TP*AP*GP*GP*G)-3')
;
6661.276 1 ? ? ? 'unimolecular DNA G-quadruplex' 
2 non-polymer syn 'Ruthenium bis-(phenanthroline) 12,17-dihydro-naphthodipyridophenazine-12,17-dione' 873.880  1 ? ? ? ? 
3 non-polymer syn 'POTASSIUM ION'                                                                     39.098   2 ? ? ? ? 
# 
_entity_poly.entity_id                      1 
_entity_poly.type                           polydeoxyribonucleotide 
_entity_poly.nstd_linkage                   no 
_entity_poly.nstd_monomer                   no 
_entity_poly.pdbx_seq_one_letter_code       
;(DG)(DG)(DG)(DT)(DT)(DT)(DG)(DG)(DG)(DT)(DT)(DA)(DG)(DG)(DG)(DT)(DT)(DA)(DG)(DG)
(DG)
;
_entity_poly.pdbx_seq_one_letter_code_can   GGGTTTGGGTTAGGGTTAGGG 
_entity_poly.pdbx_strand_id                 A 
_entity_poly.pdbx_target_identifier         ? 
# 
loop_
_pdbx_entity_nonpoly.entity_id 
_pdbx_entity_nonpoly.name 
_pdbx_entity_nonpoly.comp_id 
2 'Ruthenium bis-(phenanthroline) 12,17-dihydro-naphthodipyridophenazine-12,17-dione' 0K8 
3 'POTASSIUM ION'                                                                     K   
# 
loop_
_entity_poly_seq.entity_id 
_entity_poly_seq.num 
_entity_poly_seq.mon_id 
_entity_poly_seq.hetero 
1 1  DG n 
1 2  DG n 
1 3  DG n 
1 4  DT n 
1 5  DT n 
1 6  DT n 
1 7  DG n 
1 8  DG n 
1 9  DG n 
1 10 DT n 
1 11 DT n 
1 12 DA n 
1 13 DG n 
1 14 DG n 
1 15 DG n 
1 16 DT n 
1 17 DT n 
1 18 DA n 
1 19 DG n 
1 20 DG n 
1 21 DG n 
# 
_pdbx_entity_src_syn.entity_id              1 
_pdbx_entity_src_syn.pdbx_src_id            1 
_pdbx_entity_src_syn.pdbx_alt_source_flag   sample 
_pdbx_entity_src_syn.pdbx_beg_seq_num       1 
_pdbx_entity_src_syn.pdbx_end_seq_num       21 
_pdbx_entity_src_syn.organism_scientific    'synthetic construct' 
_pdbx_entity_src_syn.organism_common_name   ? 
_pdbx_entity_src_syn.ncbi_taxonomy_id       32630 
_pdbx_entity_src_syn.details                ? 
# 
loop_
_chem_comp.id 
_chem_comp.type 
_chem_comp.mon_nstd_flag 
_chem_comp.name 
_chem_comp.pdbx_synonyms 
_chem_comp.formula 
_chem_comp.formula_weight 
0K8 non-polymer   . 'Ruthenium bis-(phenanthroline) 12,17-dihydro-naphthodipyridophenazine-12,17-dione' 
'Ruthenium polypridyl complex' 'C50 H28 N8 O2 Ru 2' 873.880 
DA  'DNA linking' y "2'-DEOXYADENOSINE-5'-MONOPHOSPHATE"                                                ? 'C10 H14 N5 O6 P'    
331.222 
DG  'DNA linking' y "2'-DEOXYGUANOSINE-5'-MONOPHOSPHATE"                                                ? 'C10 H14 N5 O7 P'    
347.221 
DT  'DNA linking' y "THYMIDINE-5'-MONOPHOSPHATE"                                                        ? 'C10 H15 N2 O8 P'    
322.208 
K   non-polymer   . 'POTASSIUM ION'                                                                     ? 'K 1'                
39.098  
# 
loop_
_pdbx_poly_seq_scheme.asym_id 
_pdbx_poly_seq_scheme.entity_id 
_pdbx_poly_seq_scheme.seq_id 
_pdbx_poly_seq_scheme.mon_id 
_pdbx_poly_seq_scheme.ndb_seq_num 
_pdbx_poly_seq_scheme.pdb_seq_num 
_pdbx_poly_seq_scheme.auth_seq_num 
_pdbx_poly_seq_scheme.pdb_mon_id 
_pdbx_poly_seq_scheme.auth_mon_id 
_pdbx_poly_seq_scheme.pdb_strand_id 
_pdbx_poly_seq_scheme.pdb_ins_code 
_pdbx_poly_seq_scheme.hetero 
A 1 1  DG 1  1  1  DG DG A . n 
A 1 2  DG 2  2  2  DG DG A . n 
A 1 3  DG 3  3  3  DG DG A . n 
A 1 4  DT 4  4  4  DT DT A . n 
A 1 5  DT 5  5  5  DT DT A . n 
A 1 6  DT 6  6  6  DT DT A . n 
A 1 7  DG 7  7  7  DG DG A . n 
A 1 8  DG 8  8  8  DG DG A . n 
A 1 9  DG 9  9  9  DG DG A . n 
A 1 10 DT 10 10 10 DT DT A . n 
A 1 11 DT 11 11 11 DT DT A . n 
A 1 12 DA 12 12 12 DA DA A . n 
A 1 13 DG 13 13 13 DG DG A . n 
A 1 14 DG 14 14 14 DG DG A . n 
A 1 15 DG 15 15 15 DG DG A . n 
A 1 16 DT 16 16 16 DT DT A . n 
A 1 17 DT 17 17 17 DT DT A . n 
A 1 18 DA 18 18 18 DA DA A . n 
A 1 19 DG 19 19 19 DG DG A . n 
A 1 20 DG 20 20 20 DG DG A . n 
A 1 21 DG 21 21 21 DG DG A . n 
# 
loop_
_pdbx_nonpoly_scheme.asym_id 
_pdbx_nonpoly_scheme.entity_id 
_pdbx_nonpoly_scheme.mon_id 
_pdbx_nonpoly_scheme.ndb_seq_num 
_pdbx_nonpoly_scheme.pdb_seq_num 
_pdbx_nonpoly_scheme.auth_seq_num 
_pdbx_nonpoly_scheme.pdb_mon_id 
_pdbx_nonpoly_scheme.auth_mon_id 
_pdbx_nonpoly_scheme.pdb_strand_id 
_pdbx_nonpoly_scheme.pdb_ins_code 
B 2 0K8 1 101 101 0K8 LAQ A . 
C 3 K   1 102 1   K   K   A . 
D 3 K   1 103 2   K   K   A . 
# 
loop_
_pdbx_unobs_or_zero_occ_atoms.id 
_pdbx_unobs_or_zero_occ_atoms.PDB_model_num 
_pdbx_unobs_or_zero_occ_atoms.polymer_flag 
_pdbx_unobs_or_zero_occ_atoms.occupancy_flag 
_pdbx_unobs_or_zero_occ_atoms.auth_asym_id 
_pdbx_unobs_or_zero_occ_atoms.auth_comp_id 
_pdbx_unobs_or_zero_occ_atoms.auth_seq_id 
_pdbx_unobs_or_zero_occ_atoms.PDB_ins_code 
_pdbx_unobs_or_zero_occ_atoms.auth_atom_id 
_pdbx_unobs_or_zero_occ_atoms.label_alt_id 
_pdbx_unobs_or_zero_occ_atoms.label_asym_id 
_pdbx_unobs_or_zero_occ_atoms.label_comp_id 
_pdbx_unobs_or_zero_occ_atoms.label_seq_id 
_pdbx_unobs_or_zero_occ_atoms.label_atom_id 
1 1 Y 1 A DG 1 ? "O5'" ? A DG 1 "O5'" 
2 1 Y 1 A DG 1 ? "C5'" ? A DG 1 "C5'" 
# 
loop_
_software.citation_id 
_software.classification 
_software.compiler_name 
_software.compiler_version 
_software.contact_author 
_software.contact_author_email 
_software.date 
_software.description 
_software.dependencies 
_software.hardware 
_software.language 
_software.location 
_software.mods 
_software.name 
_software.os 
_software.os_version 
_software.type 
_software.version 
_software.pdbx_ordinal 
? refinement       ? ? ? ? ? ? ? ? ? ? ? PHENIX ? ? ? '(1.19.2_4158: ???)' 1 
? 'data scaling'   ? ? ? ? ? ? ? ? ? ? ? DIALS  ? ? ? .                    2 
? 'data reduction' ? ? ? ? ? ? ? ? ? ? ? DIALS  ? ? ? .                    3 
? phasing          ? ? ? ? ? ? ? ? ? ? ? SHELXD ? ? ? .                    4 
# 
_cell.angle_alpha                  90.00 
_cell.angle_alpha_esd              ? 
_cell.angle_beta                   90.00 
_cell.angle_beta_esd               ? 
_cell.angle_gamma                  120.00 
_cell.angle_gamma_esd              ? 
_cell.entry_id                     8P6B 
_cell.details                      ? 
_cell.formula_units_Z              ? 
_cell.length_a                     29.131 
_cell.length_a_esd                 ? 
_cell.length_b                     29.131 
_cell.length_b_esd                 ? 
_cell.length_c                     143.294 
_cell.length_c_esd                 ? 
_cell.volume                       ? 
_cell.volume_esd                   ? 
_cell.Z_PDB                        6 
_cell.reciprocal_angle_alpha       ? 
_cell.reciprocal_angle_beta        ? 
_cell.reciprocal_angle_gamma       ? 
_cell.reciprocal_angle_alpha_esd   ? 
_cell.reciprocal_angle_beta_esd    ? 
_cell.reciprocal_angle_gamma_esd   ? 
_cell.reciprocal_length_a          ? 
_cell.reciprocal_length_b          ? 
_cell.reciprocal_length_c          ? 
_cell.reciprocal_length_a_esd      ? 
_cell.reciprocal_length_b_esd      ? 
_cell.reciprocal_length_c_esd      ? 
_cell.pdbx_unique_axis             ? 
_cell.pdbx_esd_method              ? 
# 
_symmetry.entry_id                         8P6B 
_symmetry.cell_setting                     ? 
_symmetry.Int_Tables_number                154 
_symmetry.space_group_name_Hall            ? 
_symmetry.space_group_name_H-M             'P 32 2 1' 
_symmetry.pdbx_full_space_group_name_H-M   ? 
# 
_exptl.absorpt_coefficient_mu     ? 
_exptl.absorpt_correction_T_max   ? 
_exptl.absorpt_correction_T_min   ? 
_exptl.absorpt_correction_type    ? 
_exptl.absorpt_process_details    ? 
_exptl.entry_id                   8P6B 
_exptl.crystals_number            1 
_exptl.details                    ? 
_exptl.method                     'X-RAY DIFFRACTION' 
_exptl.method_details             ? 
# 
_exptl_crystal.colour                       ? 
_exptl_crystal.density_diffrn               ? 
_exptl_crystal.density_Matthews             2.63 
_exptl_crystal.density_method               ? 
_exptl_crystal.density_percent_sol          53.32 
_exptl_crystal.description                  ? 
_exptl_crystal.F_000                        ? 
_exptl_crystal.id                           1 
_exptl_crystal.preparation                  ? 
_exptl_crystal.size_max                     ? 
_exptl_crystal.size_mid                     ? 
_exptl_crystal.size_min                     ? 
_exptl_crystal.size_rad                     ? 
_exptl_crystal.colour_lustre                ? 
_exptl_crystal.colour_modifier              ? 
_exptl_crystal.colour_primary               ? 
_exptl_crystal.density_meas                 ? 
_exptl_crystal.density_meas_esd             ? 
_exptl_crystal.density_meas_gt              ? 
_exptl_crystal.density_meas_lt              ? 
_exptl_crystal.density_meas_temp            ? 
_exptl_crystal.density_meas_temp_esd        ? 
_exptl_crystal.density_meas_temp_gt         ? 
_exptl_crystal.density_meas_temp_lt         ? 
_exptl_crystal.pdbx_crystal_image_url       ? 
_exptl_crystal.pdbx_crystal_image_format    ? 
_exptl_crystal.pdbx_mosaicity               ? 
_exptl_crystal.pdbx_mosaicity_esd           ? 
_exptl_crystal.pdbx_mosaic_method           ? 
_exptl_crystal.pdbx_mosaic_block_size       ? 
_exptl_crystal.pdbx_mosaic_block_size_esd   ? 
# 
_exptl_crystal_grow.apparatus       ? 
_exptl_crystal_grow.atmosphere      ? 
_exptl_crystal_grow.crystal_id      1 
_exptl_crystal_grow.details         ? 
_exptl_crystal_grow.method          'VAPOR DIFFUSION, SITTING DROP' 
_exptl_crystal_grow.method_ref      ? 
_exptl_crystal_grow.pH              5.5 
_exptl_crystal_grow.pressure        ? 
_exptl_crystal_grow.pressure_esd    ? 
_exptl_crystal_grow.seeding         ? 
_exptl_crystal_grow.seeding_ref     ? 
_exptl_crystal_grow.temp_details    ? 
_exptl_crystal_grow.temp_esd        ? 
_exptl_crystal_grow.time            ? 
_exptl_crystal_grow.pdbx_details    
;0.05 M Potassium Chloride, 0.04 M Sodium Chloride, 0.02 M Sodium cacodylate trihydrate pH 5.5, 17.5% v/v MPD, 0.001 M Hexamine Cobalt(III) chloride, and 0.01 M Magnesium Chloride Hexahydrate
;
_exptl_crystal_grow.pdbx_pH_range   ? 
_exptl_crystal_grow.temp            277 
# 
_diffrn.ambient_environment              ? 
_diffrn.ambient_temp                     100 
_diffrn.ambient_temp_details             ? 
_diffrn.ambient_temp_esd                 ? 
_diffrn.crystal_id                       1 
_diffrn.crystal_support                  ? 
_diffrn.crystal_treatment                ? 
_diffrn.details                          ? 
_diffrn.id                               1 
_diffrn.ambient_pressure                 ? 
_diffrn.ambient_pressure_esd             ? 
_diffrn.ambient_pressure_gt              ? 
_diffrn.ambient_pressure_lt              ? 
_diffrn.ambient_temp_gt                  ? 
_diffrn.ambient_temp_lt                  ? 
_diffrn.pdbx_serial_crystal_experiment   N 
# 
_diffrn_detector.details                      ? 
_diffrn_detector.detector                     PIXEL 
_diffrn_detector.diffrn_id                    1 
_diffrn_detector.type                         'DECTRIS EIGER2 X 16M' 
_diffrn_detector.area_resol_mean              ? 
_diffrn_detector.dtime                        ? 
_diffrn_detector.pdbx_frames_total            ? 
_diffrn_detector.pdbx_collection_time_total   ? 
_diffrn_detector.pdbx_collection_date         2022-05-05 
_diffrn_detector.pdbx_frequency               ? 
_diffrn_detector.id                           ? 
_diffrn_detector.number_of_axes               ? 
# 
_diffrn_radiation.collimation                      ? 
_diffrn_radiation.diffrn_id                        1 
_diffrn_radiation.filter_edge                      ? 
_diffrn_radiation.inhomogeneity                    ? 
_diffrn_radiation.monochromator                    ? 
_diffrn_radiation.polarisn_norm                    ? 
_diffrn_radiation.polarisn_ratio                   ? 
_diffrn_radiation.probe                            ? 
_diffrn_radiation.type                             ? 
_diffrn_radiation.xray_symbol                      ? 
_diffrn_radiation.wavelength_id                    1 
_diffrn_radiation.pdbx_monochromatic_or_laue_m_l   M 
_diffrn_radiation.pdbx_wavelength_list             ? 
_diffrn_radiation.pdbx_wavelength                  ? 
_diffrn_radiation.pdbx_diffrn_protocol             'SINGLE WAVELENGTH' 
_diffrn_radiation.pdbx_analyzer                    ? 
_diffrn_radiation.pdbx_scattering_type             x-ray 
# 
_diffrn_radiation_wavelength.id           1 
_diffrn_radiation_wavelength.wavelength   0.5585 
_diffrn_radiation_wavelength.wt           1.0 
# 
_diffrn_source.current                     ? 
_diffrn_source.details                     ? 
_diffrn_source.diffrn_id                   1 
_diffrn_source.power                       ? 
_diffrn_source.size                        ? 
_diffrn_source.source                      SYNCHROTRON 
_diffrn_source.target                      ? 
_diffrn_source.type                        'DIAMOND BEAMLINE I03' 
_diffrn_source.voltage                     ? 
_diffrn_source.take-off_angle              ? 
_diffrn_source.pdbx_wavelength_list        0.5585 
_diffrn_source.pdbx_wavelength             ? 
_diffrn_source.pdbx_synchrotron_beamline   I03 
_diffrn_source.pdbx_synchrotron_site       Diamond 
# 
_reflns.B_iso_Wilson_estimate                          ? 
_reflns.entry_id                                       8P6B 
_reflns.data_reduction_details                         ? 
_reflns.data_reduction_method                          ? 
_reflns.d_resolution_high                              1.90 
_reflns.d_resolution_low                               47.76 
_reflns.details                                        ? 
_reflns.limit_h_max                                    ? 
_reflns.limit_h_min                                    ? 
_reflns.limit_k_max                                    ? 
_reflns.limit_k_min                                    ? 
_reflns.limit_l_max                                    ? 
_reflns.limit_l_min                                    ? 
_reflns.number_all                                     ? 
_reflns.number_obs                                     6187 
_reflns.observed_criterion                             ? 
_reflns.observed_criterion_F_max                       ? 
_reflns.observed_criterion_F_min                       ? 
_reflns.observed_criterion_I_max                       ? 
_reflns.observed_criterion_I_min                       ? 
_reflns.observed_criterion_sigma_F                     ? 
_reflns.observed_criterion_sigma_I                     ? 
_reflns.percent_possible_obs                           100 
_reflns.R_free_details                                 ? 
_reflns.Rmerge_F_all                                   ? 
_reflns.Rmerge_F_obs                                   ? 
_reflns.Friedel_coverage                               ? 
_reflns.number_gt                                      ? 
_reflns.threshold_expression                           ? 
_reflns.pdbx_redundancy                                37.3 
_reflns.pdbx_netI_over_av_sigmaI                       ? 
_reflns.pdbx_netI_over_sigmaI                          17.4 
_reflns.pdbx_res_netI_over_av_sigmaI_2                 ? 
_reflns.pdbx_res_netI_over_sigmaI_2                    ? 
_reflns.pdbx_chi_squared                               ? 
_reflns.pdbx_scaling_rejects                           ? 
_reflns.pdbx_d_res_high_opt                            ? 
_reflns.pdbx_d_res_low_opt                             ? 
_reflns.pdbx_d_res_opt_method                          ? 
_reflns.phase_calculation_details                      ? 
_reflns.pdbx_Rrim_I_all                                0.064 
_reflns.pdbx_Rpim_I_all                                ? 
_reflns.pdbx_d_opt                                     ? 
_reflns.pdbx_number_measured_all                       ? 
_reflns.pdbx_diffrn_id                                 1 
_reflns.pdbx_ordinal                                   1 
_reflns.pdbx_CC_half                                   1 
_reflns.pdbx_CC_star                                   ? 
_reflns.pdbx_R_split                                   ? 
_reflns.pdbx_Rmerge_I_obs                              0.063 
_reflns.pdbx_Rmerge_I_all                              ? 
_reflns.pdbx_Rsym_value                                ? 
_reflns.pdbx_CC_split_method                           ? 
_reflns.pdbx_aniso_diffraction_limit_axis_1_ortho[1]   ? 
_reflns.pdbx_aniso_diffraction_limit_axis_1_ortho[2]   ? 
_reflns.pdbx_aniso_diffraction_limit_axis_1_ortho[3]   ? 
_reflns.pdbx_aniso_diffraction_limit_axis_2_ortho[1]   ? 
_reflns.pdbx_aniso_diffraction_limit_axis_2_ortho[2]   ? 
_reflns.pdbx_aniso_diffraction_limit_axis_2_ortho[3]   ? 
_reflns.pdbx_aniso_diffraction_limit_axis_3_ortho[1]   ? 
_reflns.pdbx_aniso_diffraction_limit_axis_3_ortho[2]   ? 
_reflns.pdbx_aniso_diffraction_limit_axis_3_ortho[3]   ? 
_reflns.pdbx_aniso_diffraction_limit_1                 ? 
_reflns.pdbx_aniso_diffraction_limit_2                 ? 
_reflns.pdbx_aniso_diffraction_limit_3                 ? 
_reflns.pdbx_aniso_B_tensor_eigenvector_1_ortho[1]     ? 
_reflns.pdbx_aniso_B_tensor_eigenvector_1_ortho[2]     ? 
_reflns.pdbx_aniso_B_tensor_eigenvector_1_ortho[3]     ? 
_reflns.pdbx_aniso_B_tensor_eigenvector_2_ortho[1]     ? 
_reflns.pdbx_aniso_B_tensor_eigenvector_2_ortho[2]     ? 
_reflns.pdbx_aniso_B_tensor_eigenvector_2_ortho[3]     ? 
_reflns.pdbx_aniso_B_tensor_eigenvector_3_ortho[1]     ? 
_reflns.pdbx_aniso_B_tensor_eigenvector_3_ortho[2]     ? 
_reflns.pdbx_aniso_B_tensor_eigenvector_3_ortho[3]     ? 
_reflns.pdbx_aniso_B_tensor_eigenvalue_1               ? 
_reflns.pdbx_aniso_B_tensor_eigenvalue_2               ? 
_reflns.pdbx_aniso_B_tensor_eigenvalue_3               ? 
_reflns.pdbx_orthogonalization_convention              ? 
_reflns.pdbx_percent_possible_ellipsoidal              ? 
_reflns.pdbx_percent_possible_spherical                ? 
_reflns.pdbx_percent_possible_ellipsoidal_anomalous    ? 
_reflns.pdbx_percent_possible_spherical_anomalous      ? 
_reflns.pdbx_redundancy_anomalous                      ? 
_reflns.pdbx_CC_half_anomalous                         ? 
_reflns.pdbx_absDiff_over_sigma_anomalous              ? 
_reflns.pdbx_percent_possible_anomalous                ? 
_reflns.pdbx_observed_signal_threshold                 ? 
_reflns.pdbx_signal_type                               ? 
_reflns.pdbx_signal_details                            ? 
_reflns.pdbx_signal_software_id                        ? 
# 
_reflns_shell.d_res_high                                    1.90 
_reflns_shell.d_res_low                                     1.93 
_reflns_shell.meanI_over_sigI_all                           ? 
_reflns_shell.meanI_over_sigI_obs                           0.1 
_reflns_shell.number_measured_all                           ? 
_reflns_shell.number_measured_obs                           ? 
_reflns_shell.number_possible                               ? 
_reflns_shell.number_unique_all                             ? 
_reflns_shell.number_unique_obs                             333 
_reflns_shell.percent_possible_obs                          ? 
_reflns_shell.Rmerge_F_all                                  ? 
_reflns_shell.Rmerge_F_obs                                  ? 
_reflns_shell.meanI_over_sigI_gt                            ? 
_reflns_shell.meanI_over_uI_all                             ? 
_reflns_shell.meanI_over_uI_gt                              ? 
_reflns_shell.number_measured_gt                            ? 
_reflns_shell.number_unique_gt                              ? 
_reflns_shell.percent_possible_gt                           ? 
_reflns_shell.Rmerge_F_gt                                   ? 
_reflns_shell.Rmerge_I_gt                                   ? 
_reflns_shell.pdbx_redundancy                               ? 
_reflns_shell.pdbx_chi_squared                              ? 
_reflns_shell.pdbx_netI_over_sigmaI_all                     ? 
_reflns_shell.pdbx_netI_over_sigmaI_obs                     ? 
_reflns_shell.pdbx_Rrim_I_all                               ? 
_reflns_shell.pdbx_Rpim_I_all                               ? 
_reflns_shell.pdbx_rejects                                  ? 
_reflns_shell.pdbx_ordinal                                  1 
_reflns_shell.pdbx_diffrn_id                                1 
_reflns_shell.pdbx_CC_half                                  0.337 
_reflns_shell.pdbx_CC_star                                  ? 
_reflns_shell.pdbx_R_split                                  ? 
_reflns_shell.percent_possible_all                          100 
_reflns_shell.Rmerge_I_all                                  ? 
_reflns_shell.Rmerge_I_obs                                  ? 
_reflns_shell.pdbx_Rsym_value                               ? 
_reflns_shell.pdbx_percent_possible_ellipsoidal             ? 
_reflns_shell.pdbx_percent_possible_spherical               ? 
_reflns_shell.pdbx_percent_possible_ellipsoidal_anomalous   ? 
_reflns_shell.pdbx_percent_possible_spherical_anomalous     ? 
_reflns_shell.pdbx_redundancy_anomalous                     ? 
_reflns_shell.pdbx_CC_half_anomalous                        ? 
_reflns_shell.pdbx_absDiff_over_sigma_anomalous             ? 
_reflns_shell.pdbx_percent_possible_anomalous               ? 
# 
_refine.aniso_B[1][1]                            ? 
_refine.aniso_B[1][2]                            ? 
_refine.aniso_B[1][3]                            ? 
_refine.aniso_B[2][2]                            ? 
_refine.aniso_B[2][3]                            ? 
_refine.aniso_B[3][3]                            ? 
_refine.B_iso_max                                ? 
_refine.B_iso_mean                               ? 
_refine.B_iso_min                                ? 
_refine.correlation_coeff_Fo_to_Fc               ? 
_refine.correlation_coeff_Fo_to_Fc_free          ? 
_refine.details                                  ? 
_refine.diff_density_max                         ? 
_refine.diff_density_max_esd                     ? 
_refine.diff_density_min                         ? 
_refine.diff_density_min_esd                     ? 
_refine.diff_density_rms                         ? 
_refine.diff_density_rms_esd                     ? 
_refine.entry_id                                 8P6B 
_refine.pdbx_refine_id                           'X-RAY DIFFRACTION' 
_refine.ls_abs_structure_details                 ? 
_refine.ls_abs_structure_Flack                   ? 
_refine.ls_abs_structure_Flack_esd               ? 
_refine.ls_abs_structure_Rogers                  ? 
_refine.ls_abs_structure_Rogers_esd              ? 
_refine.ls_d_res_high                            2.50 
_refine.ls_d_res_low                             25.23 
_refine.ls_extinction_coef                       ? 
_refine.ls_extinction_coef_esd                   ? 
_refine.ls_extinction_expression                 ? 
_refine.ls_extinction_method                     ? 
_refine.ls_goodness_of_fit_all                   ? 
_refine.ls_goodness_of_fit_all_esd               ? 
_refine.ls_goodness_of_fit_obs                   ? 
_refine.ls_goodness_of_fit_obs_esd               ? 
_refine.ls_hydrogen_treatment                    ? 
_refine.ls_matrix_type                           ? 
_refine.ls_number_constraints                    ? 
_refine.ls_number_parameters                     ? 
_refine.ls_number_reflns_all                     ? 
_refine.ls_number_reflns_obs                     4498 
_refine.ls_number_reflns_R_free                  240 
_refine.ls_number_reflns_R_work                  ? 
_refine.ls_number_restraints                     ? 
_refine.ls_percent_reflns_obs                    95.42 
_refine.ls_percent_reflns_R_free                 5.34 
_refine.ls_R_factor_all                          ? 
_refine.ls_R_factor_obs                          0.2604 
_refine.ls_R_factor_R_free                       0.2727 
_refine.ls_R_factor_R_free_error                 ? 
_refine.ls_R_factor_R_free_error_details         ? 
_refine.ls_R_factor_R_work                       0.2594 
_refine.ls_R_Fsqd_factor_obs                     ? 
_refine.ls_R_I_factor_obs                        ? 
_refine.ls_redundancy_reflns_all                 ? 
_refine.ls_redundancy_reflns_obs                 ? 
_refine.ls_restrained_S_all                      ? 
_refine.ls_restrained_S_obs                      ? 
_refine.ls_shift_over_esd_max                    ? 
_refine.ls_shift_over_esd_mean                   ? 
_refine.ls_structure_factor_coef                 ? 
_refine.ls_weighting_details                     ? 
_refine.ls_weighting_scheme                      ? 
_refine.ls_wR_factor_all                         ? 
_refine.ls_wR_factor_obs                         ? 
_refine.ls_wR_factor_R_free                      ? 
_refine.ls_wR_factor_R_work                      ? 
_refine.occupancy_max                            ? 
_refine.occupancy_min                            ? 
_refine.solvent_model_details                    'FLAT BULK SOLVENT MODEL' 
_refine.solvent_model_param_bsol                 ? 
_refine.solvent_model_param_ksol                 ? 
_refine.pdbx_R_complete                          ? 
_refine.ls_R_factor_gt                           ? 
_refine.ls_goodness_of_fit_gt                    ? 
_refine.ls_goodness_of_fit_ref                   ? 
_refine.ls_shift_over_su_max                     ? 
_refine.ls_shift_over_su_max_lt                  ? 
_refine.ls_shift_over_su_mean                    ? 
_refine.ls_shift_over_su_mean_lt                 ? 
_refine.pdbx_ls_sigma_I                          ? 
_refine.pdbx_ls_sigma_F                          1.37 
_refine.pdbx_ls_sigma_Fsqd                       ? 
_refine.pdbx_data_cutoff_high_absF               ? 
_refine.pdbx_data_cutoff_high_rms_absF           ? 
_refine.pdbx_data_cutoff_low_absF                ? 
_refine.pdbx_isotropic_thermal_model             ? 
_refine.pdbx_ls_cross_valid_method               'FREE R-VALUE' 
_refine.pdbx_method_to_determine_struct          SAD 
_refine.pdbx_starting_model                      ? 
_refine.pdbx_stereochemistry_target_values       ML 
_refine.pdbx_R_Free_selection_details            ? 
_refine.pdbx_stereochem_target_val_spec_case     ? 
_refine.pdbx_overall_ESU_R                       ? 
_refine.pdbx_overall_ESU_R_Free                  ? 
_refine.pdbx_solvent_vdw_probe_radii             1.11 
_refine.pdbx_solvent_ion_probe_radii             ? 
_refine.pdbx_solvent_shrinkage_radii             0.90 
_refine.pdbx_real_space_R                        ? 
_refine.pdbx_density_correlation                 ? 
_refine.pdbx_pd_number_of_powder_patterns        ? 
_refine.pdbx_pd_number_of_points                 ? 
_refine.pdbx_pd_meas_number_of_points            ? 
_refine.pdbx_pd_proc_ls_prof_R_factor            ? 
_refine.pdbx_pd_proc_ls_prof_wR_factor           ? 
_refine.pdbx_pd_Marquardt_correlation_coeff      ? 
_refine.pdbx_pd_Fsqrd_R_factor                   ? 
_refine.pdbx_pd_ls_matrix_band_width             ? 
_refine.pdbx_overall_phase_error                 35.89 
_refine.pdbx_overall_SU_R_free_Cruickshank_DPI   ? 
_refine.pdbx_overall_SU_R_free_Blow_DPI          ? 
_refine.pdbx_overall_SU_R_Blow_DPI               ? 
_refine.pdbx_TLS_residual_ADP_flag               ? 
_refine.pdbx_diffrn_id                           1 
_refine.overall_SU_B                             ? 
_refine.overall_SU_ML                            0.25 
_refine.overall_SU_R_Cruickshank_DPI             ? 
_refine.overall_SU_R_free                        ? 
_refine.overall_FOM_free_R_set                   ? 
_refine.overall_FOM_work_R_set                   ? 
_refine.pdbx_average_fsc_overall                 ? 
_refine.pdbx_average_fsc_work                    ? 
_refine.pdbx_average_fsc_free                    ? 
# 
_refine_hist.pdbx_refine_id                   'X-RAY DIFFRACTION' 
_refine_hist.cycle_id                         LAST 
_refine_hist.pdbx_number_atoms_protein        0 
_refine_hist.pdbx_number_atoms_nucleic_acid   441 
_refine_hist.pdbx_number_atoms_ligand         63 
_refine_hist.number_atoms_solvent             0 
_refine_hist.number_atoms_total               504 
_refine_hist.d_res_high                       2.50 
_refine_hist.d_res_low                        25.23 
# 
loop_
_refine_ls_restr.pdbx_refine_id 
_refine_ls_restr.criterion 
_refine_ls_restr.dev_ideal 
_refine_ls_restr.dev_ideal_target 
_refine_ls_restr.number 
_refine_ls_restr.rejects 
_refine_ls_restr.type 
_refine_ls_restr.weight 
_refine_ls_restr.pdbx_restraint_function 
'X-RAY DIFFRACTION' ? 0.005  ? 572 ? f_bond_d           ? ? 
'X-RAY DIFFRACTION' ? 0.758  ? 898 ? f_angle_d          ? ? 
'X-RAY DIFFRACTION' ? 35.887 ? 203 ? f_dihedral_angle_d ? ? 
'X-RAY DIFFRACTION' ? 0.036  ? 82  ? f_chiral_restr     ? ? 
'X-RAY DIFFRACTION' ? 0.004  ? 24  ? f_plane_restr      ? ? 
# 
loop_
_refine_ls_shell.pdbx_refine_id 
_refine_ls_shell.d_res_high 
_refine_ls_shell.d_res_low 
_refine_ls_shell.number_reflns_all 
_refine_ls_shell.number_reflns_obs 
_refine_ls_shell.number_reflns_R_free 
_refine_ls_shell.number_reflns_R_work 
_refine_ls_shell.percent_reflns_obs 
_refine_ls_shell.percent_reflns_R_free 
_refine_ls_shell.R_factor_all 
_refine_ls_shell.R_factor_obs 
_refine_ls_shell.R_factor_R_free_error 
_refine_ls_shell.R_factor_R_work 
_refine_ls_shell.redundancy_reflns_all 
_refine_ls_shell.redundancy_reflns_obs 
_refine_ls_shell.wR_factor_all 
_refine_ls_shell.wR_factor_obs 
_refine_ls_shell.wR_factor_R_free 
_refine_ls_shell.wR_factor_R_work 
_refine_ls_shell.pdbx_R_complete 
_refine_ls_shell.pdbx_total_number_of_bins_used 
_refine_ls_shell.pdbx_phase_error 
_refine_ls_shell.pdbx_fsc_work 
_refine_ls_shell.pdbx_fsc_free 
_refine_ls_shell.R_factor_R_free 
'X-RAY DIFFRACTION' 2.50 3.15  . . 133 2088 95.00 . . . . 0.3555 . . . . . . . . . . . 0.3426 
'X-RAY DIFFRACTION' 3.15 25.23 . . 107 2170 96.00 . . . . 0.2429 . . . . . . . . . . . 0.2594 
# 
_struct.entry_id                     8P6B 
_struct.title                        'Ruthenium complex bound to an antiparallel G-quadruplex' 
_struct.pdbx_model_details           ? 
_struct.pdbx_formula_weight          ? 
_struct.pdbx_formula_weight_method   ? 
_struct.pdbx_model_type_details      ? 
_struct.pdbx_CASP_flag               N 
# 
_struct_keywords.entry_id        8P6B 
_struct_keywords.text            'G-quadruplex, antiparallel, ruthenium polypyridyl, syn-guanosine, DNA' 
_struct_keywords.pdbx_keywords   DNA 
# 
loop_
_struct_asym.id 
_struct_asym.pdbx_blank_PDB_chainid_flag 
_struct_asym.pdbx_modified 
_struct_asym.entity_id 
_struct_asym.details 
A N N 1 ? 
B N N 2 ? 
C N N 3 ? 
D N N 3 ? 
# 
_struct_ref.id                         1 
_struct_ref.db_name                    PDB 
_struct_ref.db_code                    8P6B 
_struct_ref.pdbx_db_accession          8P6B 
_struct_ref.pdbx_db_isoform            ? 
_struct_ref.entity_id                  1 
_struct_ref.pdbx_seq_one_letter_code   ? 
_struct_ref.pdbx_align_begin           1 
# 
_struct_ref_seq.align_id                      1 
_struct_ref_seq.ref_id                        1 
_struct_ref_seq.pdbx_PDB_id_code              8P6B 
_struct_ref_seq.pdbx_strand_id                A 
_struct_ref_seq.seq_align_beg                 1 
_struct_ref_seq.pdbx_seq_align_beg_ins_code   ? 
_struct_ref_seq.seq_align_end                 21 
_struct_ref_seq.pdbx_seq_align_end_ins_code   ? 
_struct_ref_seq.pdbx_db_accession             8P6B 
_struct_ref_seq.db_align_beg                  1 
_struct_ref_seq.pdbx_db_align_beg_ins_code    ? 
_struct_ref_seq.db_align_end                  21 
_struct_ref_seq.pdbx_db_align_end_ins_code    ? 
_struct_ref_seq.pdbx_auth_seq_align_beg       1 
_struct_ref_seq.pdbx_auth_seq_align_end       21 
# 
_pdbx_struct_assembly.id                   1 
_pdbx_struct_assembly.details              author_defined_assembly 
_pdbx_struct_assembly.method_details       ? 
_pdbx_struct_assembly.oligomeric_details   monomeric 
_pdbx_struct_assembly.oligomeric_count     1 
# 
loop_
_pdbx_struct_assembly_prop.biol_id 
_pdbx_struct_assembly_prop.type 
_pdbx_struct_assembly_prop.value 
_pdbx_struct_assembly_prop.details 
1 'ABSA (A^2)' 270  ? 
1 MORE         0    ? 
1 'SSA (A^2)'  4140 ? 
# 
_pdbx_struct_assembly_gen.assembly_id       1 
_pdbx_struct_assembly_gen.oper_expression   1 
_pdbx_struct_assembly_gen.asym_id_list      A,B,C,D 
# 
_pdbx_struct_assembly_auth_evidence.id                     1 
_pdbx_struct_assembly_auth_evidence.assembly_id            1 
_pdbx_struct_assembly_auth_evidence.experimental_support   none 
_pdbx_struct_assembly_auth_evidence.details                ? 
# 
_pdbx_struct_oper_list.id                   1 
_pdbx_struct_oper_list.type                 'identity operation' 
_pdbx_struct_oper_list.name                 1_555 
_pdbx_struct_oper_list.symmetry_operation   x,y,z 
_pdbx_struct_oper_list.matrix[1][1]         1.0000000000 
_pdbx_struct_oper_list.matrix[1][2]         0.0000000000 
_pdbx_struct_oper_list.matrix[1][3]         0.0000000000 
_pdbx_struct_oper_list.vector[1]            0.0000000000 
_pdbx_struct_oper_list.matrix[2][1]         0.0000000000 
_pdbx_struct_oper_list.matrix[2][2]         1.0000000000 
_pdbx_struct_oper_list.matrix[2][3]         0.0000000000 
_pdbx_struct_oper_list.vector[2]            0.0000000000 
_pdbx_struct_oper_list.matrix[3][1]         0.0000000000 
_pdbx_struct_oper_list.matrix[3][2]         0.0000000000 
_pdbx_struct_oper_list.matrix[3][3]         1.0000000000 
_pdbx_struct_oper_list.vector[3]            0.0000000000 
# 
loop_
_struct_conn.id 
_struct_conn.conn_type_id 
_struct_conn.pdbx_leaving_atom_flag 
_struct_conn.pdbx_PDB_id 
_struct_conn.ptnr1_label_asym_id 
_struct_conn.ptnr1_label_comp_id 
_struct_conn.ptnr1_label_seq_id 
_struct_conn.ptnr1_label_atom_id 
_struct_conn.pdbx_ptnr1_label_alt_id 
_struct_conn.pdbx_ptnr1_PDB_ins_code 
_struct_conn.pdbx_ptnr1_standard_comp_id 
_struct_conn.ptnr1_symmetry 
_struct_conn.ptnr2_label_asym_id 
_struct_conn.ptnr2_label_comp_id 
_struct_conn.ptnr2_label_seq_id 
_struct_conn.ptnr2_label_atom_id 
_struct_conn.pdbx_ptnr2_label_alt_id 
_struct_conn.pdbx_ptnr2_PDB_ins_code 
_struct_conn.ptnr1_auth_asym_id 
_struct_conn.ptnr1_auth_comp_id 
_struct_conn.ptnr1_auth_seq_id 
_struct_conn.ptnr2_auth_asym_id 
_struct_conn.ptnr2_auth_comp_id 
_struct_conn.ptnr2_auth_seq_id 
_struct_conn.ptnr2_symmetry 
_struct_conn.pdbx_ptnr3_label_atom_id 
_struct_conn.pdbx_ptnr3_label_seq_id 
_struct_conn.pdbx_ptnr3_label_comp_id 
_struct_conn.pdbx_ptnr3_label_asym_id 
_struct_conn.pdbx_ptnr3_label_alt_id 
_struct_conn.pdbx_ptnr3_PDB_ins_code 
_struct_conn.details 
_struct_conn.pdbx_dist_value 
_struct_conn.pdbx_value_order 
_struct_conn.pdbx_role 
metalc1  metalc ? ? A DG 1  O6 ? ? ? 1_555 D K  .  K  ? ? A DG 1  A K  103 1_555 ? ? ? ? ? ? ?               2.634 ? ? 
metalc2  metalc ? ? A DG 2  O6 ? ? ? 1_555 C K  .  K  ? ? A DG 2  A K  102 1_555 ? ? ? ? ? ? ?               2.981 ? ? 
metalc3  metalc ? ? A DG 2  O6 ? ? ? 1_555 D K  .  K  ? ? A DG 2  A K  103 1_555 ? ? ? ? ? ? ?               3.224 ? ? 
metalc4  metalc ? ? A DG 3  O6 ? ? ? 1_555 C K  .  K  ? ? A DG 3  A K  102 1_555 ? ? ? ? ? ? ?               3.190 ? ? 
metalc5  metalc ? ? A DG 7  O6 ? ? ? 1_555 C K  .  K  ? ? A DG 7  A K  102 1_555 ? ? ? ? ? ? ?               2.679 ? ? 
metalc6  metalc ? ? A DG 8  O6 ? ? ? 1_555 C K  .  K  ? ? A DG 8  A K  102 1_555 ? ? ? ? ? ? ?               3.029 ? ? 
metalc7  metalc ? ? A DG 8  O6 ? ? ? 1_555 D K  .  K  ? ? A DG 8  A K  103 1_555 ? ? ? ? ? ? ?               3.120 ? ? 
metalc8  metalc ? ? A DG 9  O6 ? ? ? 1_555 D K  .  K  ? ? A DG 9  A K  103 1_555 ? ? ? ? ? ? ?               2.721 ? ? 
metalc9  metalc ? ? A DG 13 O6 ? ? ? 1_555 D K  .  K  ? ? A DG 13 A K  103 1_555 ? ? ? ? ? ? ?               2.555 ? ? 
metalc10 metalc ? ? A DG 14 O6 ? ? ? 1_555 C K  .  K  ? ? A DG 14 A K  102 1_555 ? ? ? ? ? ? ?               2.691 ? ? 
metalc11 metalc ? ? A DG 14 O6 ? ? ? 1_555 D K  .  K  ? ? A DG 14 A K  103 1_555 ? ? ? ? ? ? ?               2.764 ? ? 
metalc12 metalc ? ? A DG 15 O6 ? ? ? 1_555 C K  .  K  ? ? A DG 15 A K  102 1_555 ? ? ? ? ? ? ?               2.985 ? ? 
metalc13 metalc ? ? A DG 19 O6 ? ? ? 1_555 C K  .  K  ? ? A DG 19 A K  102 1_555 ? ? ? ? ? ? ?               2.700 ? ? 
metalc14 metalc ? ? A DG 20 O6 ? ? ? 1_555 C K  .  K  ? ? A DG 20 A K  102 1_555 ? ? ? ? ? ? ?               2.664 ? ? 
metalc15 metalc ? ? A DG 20 O6 ? ? ? 1_555 D K  .  K  ? ? A DG 20 A K  103 1_555 ? ? ? ? ? ? ?               2.805 ? ? 
metalc16 metalc ? ? A DG 21 O6 ? ? ? 1_555 D K  .  K  ? ? A DG 21 A K  103 1_555 ? ? ? ? ? ? ?               2.835 ? ? 
hydrog1  hydrog ? ? A DG 1  N7 ? ? ? 1_555 A DG 9  N2 ? ? A DG 1  A DG 9   1_555 ? ? ? ? ? ? TYPE_6_PAIR     ?     ? ? 
hydrog2  hydrog ? ? A DG 1  O6 ? ? ? 1_555 A DG 9  N1 ? ? A DG 1  A DG 9   1_555 ? ? ? ? ? ? TYPE_6_PAIR     ?     ? ? 
hydrog3  hydrog ? ? A DG 1  N1 ? ? ? 1_555 A DG 21 O6 ? ? A DG 1  A DG 21  1_555 ? ? ? ? ? ? TYPE_6_PAIR     ?     ? ? 
hydrog4  hydrog ? ? A DG 1  N2 ? ? ? 1_555 A DG 21 N7 ? ? A DG 1  A DG 21  1_555 ? ? ? ? ? ? TYPE_6_PAIR     ?     ? ? 
hydrog5  hydrog ? ? A DG 2  N7 ? ? ? 1_555 A DG 20 N2 ? ? A DG 2  A DG 20  1_555 ? ? ? ? ? ? TYPE_6_PAIR     ?     ? ? 
hydrog6  hydrog ? ? A DG 2  O6 ? ? ? 1_555 A DG 20 N1 ? ? A DG 2  A DG 20  1_555 ? ? ? ? ? ? TYPE_6_PAIR     ?     ? ? 
hydrog7  hydrog ? ? A DG 3  N1 ? ? ? 1_555 A DG 7  O6 ? ? A DG 3  A DG 7   1_555 ? ? ? ? ? ? TYPE_6_PAIR     ?     ? ? 
hydrog8  hydrog ? ? A DG 3  N2 ? ? ? 1_555 A DG 7  N7 ? ? A DG 3  A DG 7   1_555 ? ? ? ? ? ? TYPE_6_PAIR     ?     ? ? 
hydrog9  hydrog ? ? A DG 3  N7 ? ? ? 1_555 A DG 19 N2 ? ? A DG 3  A DG 19  1_555 ? ? ? ? ? ? TYPE_6_PAIR     ?     ? ? 
hydrog10 hydrog ? ? A DG 3  O6 ? ? ? 1_555 A DG 19 N1 ? ? A DG 3  A DG 19  1_555 ? ? ? ? ? ? TYPE_6_PAIR     ?     ? ? 
hydrog11 hydrog ? ? A DT 6  O2 ? ? ? 1_555 A DT 17 N3 ? ? A DT 6  A DT 17  1_555 ? ? ? ? ? ? 'DT-DT MISPAIR' ?     ? ? 
hydrog12 hydrog ? ? A DG 7  N1 ? ? ? 1_555 A DG 15 O6 ? ? A DG 7  A DG 15  1_555 ? ? ? ? ? ? TYPE_6_PAIR     ?     ? ? 
hydrog13 hydrog ? ? A DG 7  N2 ? ? ? 1_555 A DG 15 N7 ? ? A DG 7  A DG 15  1_555 ? ? ? ? ? ? TYPE_6_PAIR     ?     ? ? 
hydrog14 hydrog ? ? A DG 9  N7 ? ? ? 1_555 A DG 13 N2 ? ? A DG 9  A DG 13  1_555 ? ? ? ? ? ? TYPE_6_PAIR     ?     ? ? 
hydrog15 hydrog ? ? A DG 9  O6 ? ? ? 1_555 A DG 13 N1 ? ? A DG 9  A DG 13  1_555 ? ? ? ? ? ? TYPE_6_PAIR     ?     ? ? 
hydrog16 hydrog ? ? A DT 10 N3 ? ? ? 1_555 A DA 12 N7 ? ? A DT 10 A DA 12  1_555 ? ? ? ? ? ? HOOGSTEEN       ?     ? ? 
hydrog17 hydrog ? ? A DT 10 O4 ? ? ? 1_555 A DA 12 N6 ? ? A DT 10 A DA 12  1_555 ? ? ? ? ? ? HOOGSTEEN       ?     ? ? 
hydrog18 hydrog ? ? A DG 13 N7 ? ? ? 1_555 A DG 21 N2 ? ? A DG 13 A DG 21  1_555 ? ? ? ? ? ? TYPE_6_PAIR     ?     ? ? 
hydrog19 hydrog ? ? A DG 13 O6 ? ? ? 1_555 A DG 21 N1 ? ? A DG 13 A DG 21  1_555 ? ? ? ? ? ? TYPE_6_PAIR     ?     ? ? 
hydrog20 hydrog ? ? A DG 14 N1 ? ? ? 1_555 A DG 20 O6 ? ? A DG 14 A DG 20  1_555 ? ? ? ? ? ? TYPE_6_PAIR     ?     ? ? 
hydrog21 hydrog ? ? A DG 14 N2 ? ? ? 1_555 A DG 20 N7 ? ? A DG 14 A DG 20  1_555 ? ? ? ? ? ? TYPE_6_PAIR     ?     ? ? 
hydrog22 hydrog ? ? A DG 15 N1 ? ? ? 1_555 A DG 19 O6 ? ? A DG 15 A DG 19  1_555 ? ? ? ? ? ? TYPE_6_PAIR     ?     ? ? 
hydrog23 hydrog ? ? A DG 15 N2 ? ? ? 1_555 A DG 19 N7 ? ? A DG 15 A DG 19  1_555 ? ? ? ? ? ? TYPE_6_PAIR     ?     ? ? 
hydrog24 hydrog ? ? A DG 15 N1 ? ? ? 1_555 A DG 20 O6 ? ? A DG 15 A DG 20  1_555 ? ? ? ? ? ? TYPE_6_PAIR     ?     ? ? 
hydrog25 hydrog ? ? A DG 15 N2 ? ? ? 1_555 A DG 20 N7 ? ? A DG 15 A DG 20  1_555 ? ? ? ? ? ? TYPE_6_PAIR     ?     ? ? 
# 
loop_
_struct_conn_type.id 
_struct_conn_type.criteria 
_struct_conn_type.reference 
metalc ? ? 
hydrog ? ? 
# 
loop_
_pdbx_struct_conn_angle.id 
_pdbx_struct_conn_angle.ptnr1_label_atom_id 
_pdbx_struct_conn_angle.ptnr1_label_alt_id 
_pdbx_struct_conn_angle.ptnr1_label_asym_id 
_pdbx_struct_conn_angle.ptnr1_label_comp_id 
_pdbx_struct_conn_angle.ptnr1_label_seq_id 
_pdbx_struct_conn_angle.ptnr1_auth_atom_id 
_pdbx_struct_conn_angle.ptnr1_auth_asym_id 
_pdbx_struct_conn_angle.ptnr1_auth_comp_id 
_pdbx_struct_conn_angle.ptnr1_auth_seq_id 
_pdbx_struct_conn_angle.ptnr1_PDB_ins_code 
_pdbx_struct_conn_angle.ptnr1_symmetry 
_pdbx_struct_conn_angle.ptnr2_label_atom_id 
_pdbx_struct_conn_angle.ptnr2_label_alt_id 
_pdbx_struct_conn_angle.ptnr2_label_asym_id 
_pdbx_struct_conn_angle.ptnr2_label_comp_id 
_pdbx_struct_conn_angle.ptnr2_label_seq_id 
_pdbx_struct_conn_angle.ptnr2_auth_atom_id 
_pdbx_struct_conn_angle.ptnr2_auth_asym_id 
_pdbx_struct_conn_angle.ptnr2_auth_comp_id 
_pdbx_struct_conn_angle.ptnr2_auth_seq_id 
_pdbx_struct_conn_angle.ptnr2_PDB_ins_code 
_pdbx_struct_conn_angle.ptnr2_symmetry 
_pdbx_struct_conn_angle.ptnr3_label_atom_id 
_pdbx_struct_conn_angle.ptnr3_label_alt_id 
_pdbx_struct_conn_angle.ptnr3_label_asym_id 
_pdbx_struct_conn_angle.ptnr3_label_comp_id 
_pdbx_struct_conn_angle.ptnr3_label_seq_id 
_pdbx_struct_conn_angle.ptnr3_auth_atom_id 
_pdbx_struct_conn_angle.ptnr3_auth_asym_id 
_pdbx_struct_conn_angle.ptnr3_auth_comp_id 
_pdbx_struct_conn_angle.ptnr3_auth_seq_id 
_pdbx_struct_conn_angle.ptnr3_PDB_ins_code 
_pdbx_struct_conn_angle.ptnr3_symmetry 
_pdbx_struct_conn_angle.value 
_pdbx_struct_conn_angle.value_esd 
1  O6 ? A DG 1  ? A DG 1  ? 1_555 K ? D K . ? A K 103 ? 1_555 O6 ? A DG 2  ? A DG 2  ? 1_555 61.6  ? 
2  O6 ? A DG 1  ? A DG 1  ? 1_555 K ? D K . ? A K 103 ? 1_555 O6 ? A DG 8  ? A DG 8  ? 1_555 129.8 ? 
3  O6 ? A DG 2  ? A DG 2  ? 1_555 K ? D K . ? A K 103 ? 1_555 O6 ? A DG 8  ? A DG 8  ? 1_555 94.4  ? 
4  O6 ? A DG 1  ? A DG 1  ? 1_555 K ? D K . ? A K 103 ? 1_555 O6 ? A DG 9  ? A DG 9  ? 1_555 78.1  ? 
5  O6 ? A DG 2  ? A DG 2  ? 1_555 K ? D K . ? A K 103 ? 1_555 O6 ? A DG 9  ? A DG 9  ? 1_555 114.0 ? 
6  O6 ? A DG 8  ? A DG 8  ? 1_555 K ? D K . ? A K 103 ? 1_555 O6 ? A DG 9  ? A DG 9  ? 1_555 73.0  ? 
7  O6 ? A DG 1  ? A DG 1  ? 1_555 K ? D K . ? A K 103 ? 1_555 O6 ? A DG 13 ? A DG 13 ? 1_555 118.9 ? 
8  O6 ? A DG 2  ? A DG 2  ? 1_555 K ? D K . ? A K 103 ? 1_555 O6 ? A DG 13 ? A DG 13 ? 1_555 164.8 ? 
9  O6 ? A DG 8  ? A DG 8  ? 1_555 K ? D K . ? A K 103 ? 1_555 O6 ? A DG 13 ? A DG 13 ? 1_555 95.5  ? 
10 O6 ? A DG 9  ? A DG 9  ? 1_555 K ? D K . ? A K 103 ? 1_555 O6 ? A DG 13 ? A DG 13 ? 1_555 80.0  ? 
11 O6 ? A DG 1  ? A DG 1  ? 1_555 K ? D K . ? A K 103 ? 1_555 O6 ? A DG 14 ? A DG 14 ? 1_555 162.5 ? 
12 O6 ? A DG 2  ? A DG 2  ? 1_555 K ? D K . ? A K 103 ? 1_555 O6 ? A DG 14 ? A DG 14 ? 1_555 101.0 ? 
13 O6 ? A DG 8  ? A DG 8  ? 1_555 K ? D K . ? A K 103 ? 1_555 O6 ? A DG 14 ? A DG 14 ? 1_555 48.1  ? 
14 O6 ? A DG 9  ? A DG 9  ? 1_555 K ? D K . ? A K 103 ? 1_555 O6 ? A DG 14 ? A DG 14 ? 1_555 113.0 ? 
15 O6 ? A DG 13 ? A DG 13 ? 1_555 K ? D K . ? A K 103 ? 1_555 O6 ? A DG 14 ? A DG 14 ? 1_555 77.4  ? 
16 O6 ? A DG 1  ? A DG 1  ? 1_555 K ? D K . ? A K 103 ? 1_555 O6 ? A DG 20 ? A DG 20 ? 1_555 108.4 ? 
17 O6 ? A DG 2  ? A DG 2  ? 1_555 K ? D K . ? A K 103 ? 1_555 O6 ? A DG 20 ? A DG 20 ? 1_555 63.5  ? 
18 O6 ? A DG 8  ? A DG 8  ? 1_555 K ? D K . ? A K 103 ? 1_555 O6 ? A DG 20 ? A DG 20 ? 1_555 95.7  ? 
19 O6 ? A DG 9  ? A DG 9  ? 1_555 K ? D K . ? A K 103 ? 1_555 O6 ? A DG 20 ? A DG 20 ? 1_555 168.4 ? 
20 O6 ? A DG 13 ? A DG 13 ? 1_555 K ? D K . ? A K 103 ? 1_555 O6 ? A DG 20 ? A DG 20 ? 1_555 104.0 ? 
21 O6 ? A DG 14 ? A DG 14 ? 1_555 K ? D K . ? A K 103 ? 1_555 O6 ? A DG 20 ? A DG 20 ? 1_555 58.4  ? 
22 O6 ? A DG 1  ? A DG 1  ? 1_555 K ? D K . ? A K 103 ? 1_555 O6 ? A DG 21 ? A DG 21 ? 1_555 75.4  ? 
23 O6 ? A DG 2  ? A DG 2  ? 1_555 K ? D K . ? A K 103 ? 1_555 O6 ? A DG 21 ? A DG 21 ? 1_555 102.0 ? 
24 O6 ? A DG 8  ? A DG 8  ? 1_555 K ? D K . ? A K 103 ? 1_555 O6 ? A DG 21 ? A DG 21 ? 1_555 154.7 ? 
25 O6 ? A DG 9  ? A DG 9  ? 1_555 K ? D K . ? A K 103 ? 1_555 O6 ? A DG 21 ? A DG 21 ? 1_555 116.2 ? 
26 O6 ? A DG 13 ? A DG 13 ? 1_555 K ? D K . ? A K 103 ? 1_555 O6 ? A DG 21 ? A DG 21 ? 1_555 65.0  ? 
27 O6 ? A DG 14 ? A DG 14 ? 1_555 K ? D K . ? A K 103 ? 1_555 O6 ? A DG 21 ? A DG 21 ? 1_555 109.1 ? 
28 O6 ? A DG 20 ? A DG 20 ? 1_555 K ? D K . ? A K 103 ? 1_555 O6 ? A DG 21 ? A DG 21 ? 1_555 75.0  ? 
29 O6 ? A DG 2  ? A DG 2  ? 1_555 K ? C K . ? A K 102 ? 1_555 O6 ? A DG 3  ? A DG 3  ? 1_555 69.4  ? 
30 O6 ? A DG 2  ? A DG 2  ? 1_555 K ? C K . ? A K 102 ? 1_555 O6 ? A DG 7  ? A DG 7  ? 1_555 124.7 ? 
31 O6 ? A DG 3  ? A DG 3  ? 1_555 K ? C K . ? A K 102 ? 1_555 O6 ? A DG 7  ? A DG 7  ? 1_555 77.4  ? 
32 O6 ? A DG 2  ? A DG 2  ? 1_555 K ? C K . ? A K 102 ? 1_555 O6 ? A DG 8  ? A DG 8  ? 1_555 101.5 ? 
33 O6 ? A DG 3  ? A DG 3  ? 1_555 K ? C K . ? A K 102 ? 1_555 O6 ? A DG 8  ? A DG 8  ? 1_555 133.9 ? 
34 O6 ? A DG 7  ? A DG 7  ? 1_555 K ? C K . ? A K 102 ? 1_555 O6 ? A DG 8  ? A DG 8  ? 1_555 71.8  ? 
35 O6 ? A DG 2  ? A DG 2  ? 1_555 K ? C K . ? A K 102 ? 1_555 O6 ? A DG 14 ? A DG 14 ? 1_555 109.3 ? 
36 O6 ? A DG 3  ? A DG 3  ? 1_555 K ? C K . ? A K 102 ? 1_555 O6 ? A DG 14 ? A DG 14 ? 1_555 176.2 ? 
37 O6 ? A DG 7  ? A DG 7  ? 1_555 K ? C K . ? A K 102 ? 1_555 O6 ? A DG 14 ? A DG 14 ? 1_555 106.0 ? 
38 O6 ? A DG 8  ? A DG 8  ? 1_555 K ? C K . ? A K 102 ? 1_555 O6 ? A DG 14 ? A DG 14 ? 1_555 49.6  ? 
39 O6 ? A DG 2  ? A DG 2  ? 1_555 K ? C K . ? A K 102 ? 1_555 O6 ? A DG 15 ? A DG 15 ? 1_555 154.2 ? 
40 O6 ? A DG 3  ? A DG 3  ? 1_555 K ? C K . ? A K 102 ? 1_555 O6 ? A DG 15 ? A DG 15 ? 1_555 107.9 ? 
41 O6 ? A DG 7  ? A DG 7  ? 1_555 K ? C K . ? A K 102 ? 1_555 O6 ? A DG 15 ? A DG 15 ? 1_555 77.4  ? 
42 O6 ? A DG 8  ? A DG 8  ? 1_555 K ? C K . ? A K 102 ? 1_555 O6 ? A DG 15 ? A DG 15 ? 1_555 98.0  ? 
43 O6 ? A DG 14 ? A DG 14 ? 1_555 K ? C K . ? A K 102 ? 1_555 O6 ? A DG 15 ? A DG 15 ? 1_555 71.6  ? 
44 O6 ? A DG 2  ? A DG 2  ? 1_555 K ? C K . ? A K 102 ? 1_555 O6 ? A DG 19 ? A DG 19 ? 1_555 88.8  ? 
45 O6 ? A DG 3  ? A DG 3  ? 1_555 K ? C K . ? A K 102 ? 1_555 O6 ? A DG 19 ? A DG 19 ? 1_555 64.7  ? 
46 O6 ? A DG 7  ? A DG 7  ? 1_555 K ? C K . ? A K 102 ? 1_555 O6 ? A DG 19 ? A DG 19 ? 1_555 115.3 ? 
47 O6 ? A DG 8  ? A DG 8  ? 1_555 K ? C K . ? A K 102 ? 1_555 O6 ? A DG 19 ? A DG 19 ? 1_555 161.0 ? 
48 O6 ? A DG 14 ? A DG 14 ? 1_555 K ? C K . ? A K 102 ? 1_555 O6 ? A DG 19 ? A DG 19 ? 1_555 112.0 ? 
49 O6 ? A DG 15 ? A DG 15 ? 1_555 K ? C K . ? A K 102 ? 1_555 O6 ? A DG 19 ? A DG 19 ? 1_555 68.1  ? 
50 O6 ? A DG 2  ? A DG 2  ? 1_555 K ? C K . ? A K 102 ? 1_555 O6 ? A DG 20 ? A DG 20 ? 1_555 68.5  ? 
51 O6 ? A DG 3  ? A DG 3  ? 1_555 K ? C K . ? A K 102 ? 1_555 O6 ? A DG 20 ? A DG 20 ? 1_555 115.4 ? 
52 O6 ? A DG 7  ? A DG 7  ? 1_555 K ? C K . ? A K 102 ? 1_555 O6 ? A DG 20 ? A DG 20 ? 1_555 165.4 ? 
53 O6 ? A DG 8  ? A DG 8  ? 1_555 K ? C K . ? A K 102 ? 1_555 O6 ? A DG 20 ? A DG 20 ? 1_555 101.0 ? 
54 O6 ? A DG 14 ? A DG 14 ? 1_555 K ? C K . ? A K 102 ? 1_555 O6 ? A DG 20 ? A DG 20 ? 1_555 61.0  ? 
55 O6 ? A DG 15 ? A DG 15 ? 1_555 K ? C K . ? A K 102 ? 1_555 O6 ? A DG 20 ? A DG 20 ? 1_555 91.4  ? 
56 O6 ? A DG 19 ? A DG 19 ? 1_555 K ? C K . ? A K 102 ? 1_555 O6 ? A DG 20 ? A DG 20 ? 1_555 67.7  ? 
# 
loop_
_pdbx_refine_tls.id 
_pdbx_refine_tls.pdbx_refine_id 
_pdbx_refine_tls.details 
_pdbx_refine_tls.method 
_pdbx_refine_tls.origin_x 
_pdbx_refine_tls.origin_y 
_pdbx_refine_tls.origin_z 
_pdbx_refine_tls.T[1][1] 
_pdbx_refine_tls.T[1][1]_esd 
_pdbx_refine_tls.T[1][2] 
_pdbx_refine_tls.T[1][2]_esd 
_pdbx_refine_tls.T[1][3] 
_pdbx_refine_tls.T[1][3]_esd 
_pdbx_refine_tls.T[2][2] 
_pdbx_refine_tls.T[2][2]_esd 
_pdbx_refine_tls.T[2][3] 
_pdbx_refine_tls.T[2][3]_esd 
_pdbx_refine_tls.T[3][3] 
_pdbx_refine_tls.T[3][3]_esd 
_pdbx_refine_tls.L[1][1] 
_pdbx_refine_tls.L[1][1]_esd 
_pdbx_refine_tls.L[1][2] 
_pdbx_refine_tls.L[1][2]_esd 
_pdbx_refine_tls.L[1][3] 
_pdbx_refine_tls.L[1][3]_esd 
_pdbx_refine_tls.L[2][2] 
_pdbx_refine_tls.L[2][2]_esd 
_pdbx_refine_tls.L[2][3] 
_pdbx_refine_tls.L[2][3]_esd 
_pdbx_refine_tls.L[3][3] 
_pdbx_refine_tls.L[3][3]_esd 
_pdbx_refine_tls.S[1][1] 
_pdbx_refine_tls.S[1][1]_esd 
_pdbx_refine_tls.S[1][2] 
_pdbx_refine_tls.S[1][2]_esd 
_pdbx_refine_tls.S[1][3] 
_pdbx_refine_tls.S[1][3]_esd 
_pdbx_refine_tls.S[2][1] 
_pdbx_refine_tls.S[2][1]_esd 
_pdbx_refine_tls.S[2][2] 
_pdbx_refine_tls.S[2][2]_esd 
_pdbx_refine_tls.S[2][3] 
_pdbx_refine_tls.S[2][3]_esd 
_pdbx_refine_tls.S[3][1] 
_pdbx_refine_tls.S[3][1]_esd 
_pdbx_refine_tls.S[3][2] 
_pdbx_refine_tls.S[3][2]_esd 
_pdbx_refine_tls.S[3][3] 
_pdbx_refine_tls.S[3][3]_esd 
1 'X-RAY DIFFRACTION' ? refined 3.1571  -7.8852 3.0240  1.4168 ? -0.1832 ? -0.2414 ? 1.4278 ? 0.1418  ? 1.3092 ? -0.0044 ? 0.0044  ? 0.5585  ? 2.7869  ? 4.0209  ? 9.3703 ? 0.6125  ? -0.4713 ? -1.9066 ? 1.5672  ? 1.2602 ? -2.1367 ? 2.2758  ? 2.3498  ? -0.0495 ? 
2 'X-RAY DIFFRACTION' ? refined 3.0507  1.8310  -2.8385 0.8742 ? -0.0390 ? -0.0133 ? 1.3047 ? -0.0552 ? 0.8734 ? 0.6828  ? 0.3857  ? 0.8615  ? -0.1496 ? 0.3011  ? 1.5280 ? 0.1473  ? -0.3941 ? 0.9059  ? -0.3396 ? 0.6706 ? -0.8941 ? -0.6032 ? 2.6908  ? -0.0485 ? 
3 'X-RAY DIFFRACTION' ? refined -4.5469 -0.6991 5.9657  0.8538 ? -0.1250 ? 0.0828  ? 1.0206 ? 0.1728  ? 0.5961 ? 3.4934  ? -1.1787 ? -0.7864 ? 3.6951  ? -2.2377 ? 4.1922 ? -0.4190 ? -0.3145 ? -1.4435 ? -1.1220 ? 0.3216 ? 0.3612  ? 1.6200  ? -0.6965 ? 0.6430  ? 
# 
loop_
_pdbx_refine_tls_group.id 
_pdbx_refine_tls_group.pdbx_refine_id 
_pdbx_refine_tls_group.refine_tls_id 
_pdbx_refine_tls_group.beg_label_asym_id 
_pdbx_refine_tls_group.beg_label_seq_id 
_pdbx_refine_tls_group.beg_auth_asym_id 
_pdbx_refine_tls_group.beg_auth_seq_id 
_pdbx_refine_tls_group.beg_PDB_ins_code 
_pdbx_refine_tls_group.end_label_asym_id 
_pdbx_refine_tls_group.end_label_seq_id 
_pdbx_refine_tls_group.end_auth_asym_id 
_pdbx_refine_tls_group.end_auth_seq_id 
_pdbx_refine_tls_group.end_PDB_ins_code 
_pdbx_refine_tls_group.selection 
_pdbx_refine_tls_group.selection_details 
1 'X-RAY DIFFRACTION' 1 ? ? ? ? ? ? ? ? ? ? ? 
;chain 'A' and (resid 1 through 5 )
;
2 'X-RAY DIFFRACTION' 2 ? ? ? ? ? ? ? ? ? ? ? 
;chain 'A' and (resid 6 through 15 )
;
3 'X-RAY DIFFRACTION' 3 ? ? ? ? ? ? ? ? ? ? ? 
;chain 'A' and (resid 16 through 21 )
;
# 
_pdbx_entry_details.entry_id                 8P6B 
_pdbx_entry_details.has_ligand_of_interest   Y 
_pdbx_entry_details.compound_details         ? 
_pdbx_entry_details.source_details           ? 
_pdbx_entry_details.nonpolymer_details       ? 
_pdbx_entry_details.sequence_details         ? 
# 
loop_
_chem_comp_atom.comp_id 
_chem_comp_atom.atom_id 
_chem_comp_atom.type_symbol 
_chem_comp_atom.pdbx_aromatic_flag 
_chem_comp_atom.pdbx_stereo_config 
_chem_comp_atom.pdbx_ordinal 
0K8 C10    C  Y N 1   
0K8 C11    C  Y N 2   
0K8 C12    C  Y N 3   
0K8 C13    C  Y N 4   
0K8 C14    C  Y N 5   
0K8 C15    C  Y N 6   
0K8 C17    C  Y N 7   
0K8 C16    C  Y N 8   
0K8 N7     N  Y N 9   
0K8 N6     N  Y N 10  
0K8 N1     N  Y N 11  
0K8 N3     N  Y N 12  
0K8 C18    C  Y N 13  
0K8 C19    C  Y N 14  
0K8 C20    C  Y N 15  
0K8 C21    C  Y N 16  
0K8 C22    C  Y N 17  
0K8 C23    C  Y N 18  
0K8 C24    C  Y N 19  
0K8 C25    C  Y N 20  
0K8 C26    C  Y N 21  
0K8 C27    C  Y N 22  
0K8 C28    C  Y N 23  
0K8 C29    C  Y N 24  
0K8 C30    C  Y N 25  
0K8 C31    C  Y N 26  
0K8 C32    C  Y N 27  
0K8 C33    C  Y N 28  
0K8 C34    C  Y N 29  
0K8 C35    C  Y N 30  
0K8 C36    C  Y N 31  
0K8 C37    C  Y N 32  
0K8 C38    C  Y N 33  
0K8 C39    C  Y N 34  
0K8 C40    C  Y N 35  
0K8 C41    C  Y N 36  
0K8 C42    C  Y N 37  
0K8 C43    C  Y N 38  
0K8 C44    C  Y N 39  
0K8 C45    C  Y N 40  
0K8 C46    C  Y N 41  
0K8 C47    C  Y N 42  
0K8 C48    C  Y N 43  
0K8 C49    C  Y N 44  
0K8 C50    C  Y N 45  
0K8 C51    C  Y N 46  
0K8 C52    C  N N 47  
0K8 C53    C  Y N 48  
0K8 C54    C  Y N 49  
0K8 C55    C  Y N 50  
0K8 C56    C  Y N 51  
0K8 C57    C  Y N 52  
0K8 C58    C  Y N 53  
0K8 C9     C  N N 54  
0K8 N2     N  Y N 55  
0K8 N4     N  Y N 56  
0K8 N5     N  Y N 57  
0K8 N8     N  Y N 58  
0K8 O59    O  N N 59  
0K8 O60    O  N N 60  
0K8 RU1    RU N N 61  
0K8 H62    H  N N 62  
0K8 H63    H  N N 63  
0K8 H64    H  N N 64  
0K8 H65    H  N N 65  
0K8 H66    H  N N 66  
0K8 H67    H  N N 67  
0K8 H68    H  N N 68  
0K8 H69    H  N N 69  
0K8 H70    H  N N 70  
0K8 H71    H  N N 71  
0K8 H72    H  N N 72  
0K8 H73    H  N N 73  
0K8 H74    H  N N 74  
0K8 H75    H  N N 75  
0K8 H76    H  N N 76  
0K8 H77    H  N N 77  
0K8 H78    H  N N 78  
0K8 H79    H  N N 79  
0K8 H80    H  N N 80  
0K8 H81    H  N N 81  
0K8 H82    H  N N 82  
0K8 H83    H  N N 83  
0K8 H84    H  N N 84  
0K8 H85    H  N N 85  
0K8 H86    H  N N 86  
0K8 H87    H  N N 87  
0K8 H88    H  N N 88  
0K8 H89    H  N N 89  
DA  OP3    O  N N 90  
DA  P      P  N N 91  
DA  OP1    O  N N 92  
DA  OP2    O  N N 93  
DA  "O5'"  O  N N 94  
DA  "C5'"  C  N N 95  
DA  "C4'"  C  N R 96  
DA  "O4'"  O  N N 97  
DA  "C3'"  C  N S 98  
DA  "O3'"  O  N N 99  
DA  "C2'"  C  N N 100 
DA  "C1'"  C  N R 101 
DA  N9     N  Y N 102 
DA  C8     C  Y N 103 
DA  N7     N  Y N 104 
DA  C5     C  Y N 105 
DA  C6     C  Y N 106 
DA  N6     N  N N 107 
DA  N1     N  Y N 108 
DA  C2     C  Y N 109 
DA  N3     N  Y N 110 
DA  C4     C  Y N 111 
DA  HOP3   H  N N 112 
DA  HOP2   H  N N 113 
DA  "H5'"  H  N N 114 
DA  "H5''" H  N N 115 
DA  "H4'"  H  N N 116 
DA  "H3'"  H  N N 117 
DA  "HO3'" H  N N 118 
DA  "H2'"  H  N N 119 
DA  "H2''" H  N N 120 
DA  "H1'"  H  N N 121 
DA  H8     H  N N 122 
DA  H61    H  N N 123 
DA  H62    H  N N 124 
DA  H2     H  N N 125 
DG  OP3    O  N N 126 
DG  P      P  N N 127 
DG  OP1    O  N N 128 
DG  OP2    O  N N 129 
DG  "O5'"  O  N N 130 
DG  "C5'"  C  N N 131 
DG  "C4'"  C  N R 132 
DG  "O4'"  O  N N 133 
DG  "C3'"  C  N S 134 
DG  "O3'"  O  N N 135 
DG  "C2'"  C  N N 136 
DG  "C1'"  C  N R 137 
DG  N9     N  Y N 138 
DG  C8     C  Y N 139 
DG  N7     N  Y N 140 
DG  C5     C  Y N 141 
DG  C6     C  N N 142 
DG  O6     O  N N 143 
DG  N1     N  N N 144 
DG  C2     C  N N 145 
DG  N2     N  N N 146 
DG  N3     N  N N 147 
DG  C4     C  Y N 148 
DG  HOP3   H  N N 149 
DG  HOP2   H  N N 150 
DG  "H5'"  H  N N 151 
DG  "H5''" H  N N 152 
DG  "H4'"  H  N N 153 
DG  "H3'"  H  N N 154 
DG  "HO3'" H  N N 155 
DG  "H2'"  H  N N 156 
DG  "H2''" H  N N 157 
DG  "H1'"  H  N N 158 
DG  H8     H  N N 159 
DG  H1     H  N N 160 
DG  H21    H  N N 161 
DG  H22    H  N N 162 
DT  OP3    O  N N 163 
DT  P      P  N N 164 
DT  OP1    O  N N 165 
DT  OP2    O  N N 166 
DT  "O5'"  O  N N 167 
DT  "C5'"  C  N N 168 
DT  "C4'"  C  N R 169 
DT  "O4'"  O  N N 170 
DT  "C3'"  C  N S 171 
DT  "O3'"  O  N N 172 
DT  "C2'"  C  N N 173 
DT  "C1'"  C  N R 174 
DT  N1     N  N N 175 
DT  C2     C  N N 176 
DT  O2     O  N N 177 
DT  N3     N  N N 178 
DT  C4     C  N N 179 
DT  O4     O  N N 180 
DT  C5     C  N N 181 
DT  C7     C  N N 182 
DT  C6     C  N N 183 
DT  HOP3   H  N N 184 
DT  HOP2   H  N N 185 
DT  "H5'"  H  N N 186 
DT  "H5''" H  N N 187 
DT  "H4'"  H  N N 188 
DT  "H3'"  H  N N 189 
DT  "HO3'" H  N N 190 
DT  "H2'"  H  N N 191 
DT  "H2''" H  N N 192 
DT  "H1'"  H  N N 193 
DT  H3     H  N N 194 
DT  H71    H  N N 195 
DT  H72    H  N N 196 
DT  H73    H  N N 197 
DT  H6     H  N N 198 
K   K      K  N N 199 
# 
loop_
_chem_comp_bond.comp_id 
_chem_comp_bond.atom_id_1 
_chem_comp_bond.atom_id_2 
_chem_comp_bond.value_order 
_chem_comp_bond.pdbx_aromatic_flag 
_chem_comp_bond.pdbx_stereo_config 
_chem_comp_bond.pdbx_ordinal 
0K8 C33   C34    doub Y N 1   
0K8 C33   C32    sing Y N 2   
0K8 C30   C32    sing Y N 3   
0K8 C30   C29    doub Y N 4   
0K8 C34   C35    sing Y N 5   
0K8 C32   C31    doub Y N 6   
0K8 C29   C28    sing Y N 7   
0K8 C35   C36    sing Y N 8   
0K8 C35   C39    doub Y N 9   
0K8 C31   C39    sing Y N 10  
0K8 C31   N5     sing Y N 11  
0K8 C36   C37    doub Y N 12  
0K8 C28   N5     doub Y N 13  
0K8 C39   N6     sing Y N 14  
0K8 N5    RU1    sing N N 15  
0K8 C26   C25    sing Y N 16  
0K8 C26   C27    doub Y N 17  
0K8 C25   N4     doub Y N 18  
0K8 C37   C38    sing Y N 19  
0K8 N6    C38    doub Y N 20  
0K8 N6    RU1    sing N N 21  
0K8 C27   C24    sing Y N 22  
0K8 N4    RU1    sing N N 23  
0K8 N4    C23    sing Y N 24  
0K8 RU1   N8     sing N N 25  
0K8 RU1   N7     sing N N 26  
0K8 RU1   N3     sing N N 27  
0K8 C51   N8     doub Y N 28  
0K8 C51   C50    sing Y N 29  
0K8 N8    C48    sing Y N 30  
0K8 C24   C23    doub Y N 31  
0K8 C24   C17    sing Y N 32  
0K8 C23   C22    sing Y N 33  
0K8 C50   C49    doub Y N 34  
0K8 N7    C40    doub Y N 35  
0K8 N7    C44    sing Y N 36  
0K8 C40   C41    sing Y N 37  
0K8 C48   C44    sing Y N 38  
0K8 C48   C47    doub Y N 39  
0K8 C44   C43    doub Y N 40  
0K8 C49   C47    sing Y N 41  
0K8 C47   C46    sing Y N 42  
0K8 C41   C42    doub Y N 43  
0K8 N2    C17    sing Y N 44  
0K8 N2    C15    doub Y N 45  
0K8 N3    C22    sing Y N 46  
0K8 N3    C21    doub Y N 47  
0K8 C17   C16    doub Y N 48  
0K8 C22   C18    doub Y N 49  
0K8 C43   C42    sing Y N 50  
0K8 C43   C45    sing Y N 51  
0K8 C46   C45    doub Y N 52  
0K8 C21   C20    sing Y N 53  
0K8 C12   C15    sing Y N 54  
0K8 C12   C11    doub Y N 55  
0K8 C15   C14    sing Y N 56  
0K8 C18   C16    sing Y N 57  
0K8 C18   C19    sing Y N 58  
0K8 C16   N1     sing Y N 59  
0K8 C11   C10    sing Y N 60  
0K8 C20   C19    doub Y N 61  
0K8 C14   N1     doub Y N 62  
0K8 C14   C13    sing Y N 63  
0K8 C10   C13    doub Y N 64  
0K8 C10   C9     sing N N 65  
0K8 C13   C52    sing N N 66  
0K8 O60   C9     doub N N 67  
0K8 C9    C54    sing N N 68  
0K8 C52   O59    doub N N 69  
0K8 C52   C53    sing N N 70  
0K8 C54   C53    doub Y N 71  
0K8 C54   C58    sing Y N 72  
0K8 C53   C55    sing Y N 73  
0K8 C58   C57    doub Y N 74  
0K8 C55   C56    doub Y N 75  
0K8 C57   C56    sing Y N 76  
0K8 C11   H62    sing N N 77  
0K8 C12   H63    sing N N 78  
0K8 C19   H64    sing N N 79  
0K8 C20   H65    sing N N 80  
0K8 C21   H66    sing N N 81  
0K8 C25   H67    sing N N 82  
0K8 C26   H68    sing N N 83  
0K8 C27   H69    sing N N 84  
0K8 C28   H70    sing N N 85  
0K8 C29   H71    sing N N 86  
0K8 C30   H72    sing N N 87  
0K8 C33   H73    sing N N 88  
0K8 C34   H74    sing N N 89  
0K8 C36   H75    sing N N 90  
0K8 C37   H76    sing N N 91  
0K8 C38   H77    sing N N 92  
0K8 C40   H78    sing N N 93  
0K8 C41   H79    sing N N 94  
0K8 C42   H80    sing N N 95  
0K8 C45   H81    sing N N 96  
0K8 C46   H82    sing N N 97  
0K8 C49   H83    sing N N 98  
0K8 C50   H84    sing N N 99  
0K8 C51   H85    sing N N 100 
0K8 C55   H86    sing N N 101 
0K8 C56   H87    sing N N 102 
0K8 C57   H88    sing N N 103 
0K8 C58   H89    sing N N 104 
DA  OP3   P      sing N N 105 
DA  OP3   HOP3   sing N N 106 
DA  P     OP1    doub N N 107 
DA  P     OP2    sing N N 108 
DA  P     "O5'"  sing N N 109 
DA  OP2   HOP2   sing N N 110 
DA  "O5'" "C5'"  sing N N 111 
DA  "C5'" "C4'"  sing N N 112 
DA  "C5'" "H5'"  sing N N 113 
DA  "C5'" "H5''" sing N N 114 
DA  "C4'" "O4'"  sing N N 115 
DA  "C4'" "C3'"  sing N N 116 
DA  "C4'" "H4'"  sing N N 117 
DA  "O4'" "C1'"  sing N N 118 
DA  "C3'" "O3'"  sing N N 119 
DA  "C3'" "C2'"  sing N N 120 
DA  "C3'" "H3'"  sing N N 121 
DA  "O3'" "HO3'" sing N N 122 
DA  "C2'" "C1'"  sing N N 123 
DA  "C2'" "H2'"  sing N N 124 
DA  "C2'" "H2''" sing N N 125 
DA  "C1'" N9     sing N N 126 
DA  "C1'" "H1'"  sing N N 127 
DA  N9    C8     sing Y N 128 
DA  N9    C4     sing Y N 129 
DA  C8    N7     doub Y N 130 
DA  C8    H8     sing N N 131 
DA  N7    C5     sing Y N 132 
DA  C5    C6     sing Y N 133 
DA  C5    C4     doub Y N 134 
DA  C6    N6     sing N N 135 
DA  C6    N1     doub Y N 136 
DA  N6    H61    sing N N 137 
DA  N6    H62    sing N N 138 
DA  N1    C2     sing Y N 139 
DA  C2    N3     doub Y N 140 
DA  C2    H2     sing N N 141 
DA  N3    C4     sing Y N 142 
DG  OP3   P      sing N N 143 
DG  OP3   HOP3   sing N N 144 
DG  P     OP1    doub N N 145 
DG  P     OP2    sing N N 146 
DG  P     "O5'"  sing N N 147 
DG  OP2   HOP2   sing N N 148 
DG  "O5'" "C5'"  sing N N 149 
DG  "C5'" "C4'"  sing N N 150 
DG  "C5'" "H5'"  sing N N 151 
DG  "C5'" "H5''" sing N N 152 
DG  "C4'" "O4'"  sing N N 153 
DG  "C4'" "C3'"  sing N N 154 
DG  "C4'" "H4'"  sing N N 155 
DG  "O4'" "C1'"  sing N N 156 
DG  "C3'" "O3'"  sing N N 157 
DG  "C3'" "C2'"  sing N N 158 
DG  "C3'" "H3'"  sing N N 159 
DG  "O3'" "HO3'" sing N N 160 
DG  "C2'" "C1'"  sing N N 161 
DG  "C2'" "H2'"  sing N N 162 
DG  "C2'" "H2''" sing N N 163 
DG  "C1'" N9     sing N N 164 
DG  "C1'" "H1'"  sing N N 165 
DG  N9    C8     sing Y N 166 
DG  N9    C4     sing Y N 167 
DG  C8    N7     doub Y N 168 
DG  C8    H8     sing N N 169 
DG  N7    C5     sing Y N 170 
DG  C5    C6     sing N N 171 
DG  C5    C4     doub Y N 172 
DG  C6    O6     doub N N 173 
DG  C6    N1     sing N N 174 
DG  N1    C2     sing N N 175 
DG  N1    H1     sing N N 176 
DG  C2    N2     sing N N 177 
DG  C2    N3     doub N N 178 
DG  N2    H21    sing N N 179 
DG  N2    H22    sing N N 180 
DG  N3    C4     sing N N 181 
DT  OP3   P      sing N N 182 
DT  OP3   HOP3   sing N N 183 
DT  P     OP1    doub N N 184 
DT  P     OP2    sing N N 185 
DT  P     "O5'"  sing N N 186 
DT  OP2   HOP2   sing N N 187 
DT  "O5'" "C5'"  sing N N 188 
DT  "C5'" "C4'"  sing N N 189 
DT  "C5'" "H5'"  sing N N 190 
DT  "C5'" "H5''" sing N N 191 
DT  "C4'" "O4'"  sing N N 192 
DT  "C4'" "C3'"  sing N N 193 
DT  "C4'" "H4'"  sing N N 194 
DT  "O4'" "C1'"  sing N N 195 
DT  "C3'" "O3'"  sing N N 196 
DT  "C3'" "C2'"  sing N N 197 
DT  "C3'" "H3'"  sing N N 198 
DT  "O3'" "HO3'" sing N N 199 
DT  "C2'" "C1'"  sing N N 200 
DT  "C2'" "H2'"  sing N N 201 
DT  "C2'" "H2''" sing N N 202 
DT  "C1'" N1     sing N N 203 
DT  "C1'" "H1'"  sing N N 204 
DT  N1    C2     sing N N 205 
DT  N1    C6     sing N N 206 
DT  C2    O2     doub N N 207 
DT  C2    N3     sing N N 208 
DT  N3    C4     sing N N 209 
DT  N3    H3     sing N N 210 
DT  C4    O4     doub N N 211 
DT  C4    C5     sing N N 212 
DT  C5    C7     sing N N 213 
DT  C5    C6     doub N N 214 
DT  C7    H71    sing N N 215 
DT  C7    H72    sing N N 216 
DT  C7    H73    sing N N 217 
DT  C6    H6     sing N N 218 
# 
loop_
_ndb_struct_conf_na.entry_id 
_ndb_struct_conf_na.feature 
8P6B 'double helix'    
8P6B 'hairpin loop'    
8P6B 'quadruple helix' 
# 
loop_
_ndb_struct_na_base_pair.model_number 
_ndb_struct_na_base_pair.i_label_asym_id 
_ndb_struct_na_base_pair.i_label_comp_id 
_ndb_struct_na_base_pair.i_label_seq_id 
_ndb_struct_na_base_pair.i_symmetry 
_ndb_struct_na_base_pair.j_label_asym_id 
_ndb_struct_na_base_pair.j_label_comp_id 
_ndb_struct_na_base_pair.j_label_seq_id 
_ndb_struct_na_base_pair.j_symmetry 
_ndb_struct_na_base_pair.shear 
_ndb_struct_na_base_pair.stretch 
_ndb_struct_na_base_pair.stagger 
_ndb_struct_na_base_pair.buckle 
_ndb_struct_na_base_pair.propeller 
_ndb_struct_na_base_pair.opening 
_ndb_struct_na_base_pair.pair_number 
_ndb_struct_na_base_pair.pair_name 
_ndb_struct_na_base_pair.i_auth_asym_id 
_ndb_struct_na_base_pair.i_auth_seq_id 
_ndb_struct_na_base_pair.i_PDB_ins_code 
_ndb_struct_na_base_pair.j_auth_asym_id 
_ndb_struct_na_base_pair.j_auth_seq_id 
_ndb_struct_na_base_pair.j_PDB_ins_code 
_ndb_struct_na_base_pair.hbond_type_28 
_ndb_struct_na_base_pair.hbond_type_12 
1 A DT 6  1_555 A DT 17 1_555 1.462  -3.896 -0.443 50.201  -7.377  134.741 1 A_DT6:DT17_A  A 6  ? A 17 ? ?  ? 
1 A DG 7  1_555 A DG 15 1_555 -1.851 3.537  -0.592 19.193  -1.403  92.479  2 A_DG7:DG15_A  A 7  ? A 15 ? 6  3 
1 A DT 10 1_555 A DA 12 1_555 -1.409 3.398  0.279  -13.072 -22.104 -76.037 3 A_DT10:DA12_A A 10 ? A 12 ? 23 3 
1 A DG 1  1_555 A DG 21 1_555 1.701  3.446  0.519  -9.138  2.478   -89.781 4 A_DG1:DG21_A  A 1  ? A 21 ? 6  3 
1 A DG 9  1_555 A DG 13 1_555 -1.904 -2.887 -0.307 16.058  -1.512  96.238  5 A_DG9:DG13_A  A 9  ? A 13 ? 6  3 
1 A DG 20 1_555 A DG 14 1_555 -0.803 -3.746 0.530  -6.786  -4.930  92.861  6 A_DG20:DG14_A A 20 ? A 14 ? 6  3 
# 
loop_
_ndb_struct_na_base_pair_step.model_number 
_ndb_struct_na_base_pair_step.i_label_asym_id_1 
_ndb_struct_na_base_pair_step.i_label_comp_id_1 
_ndb_struct_na_base_pair_step.i_label_seq_id_1 
_ndb_struct_na_base_pair_step.i_symmetry_1 
_ndb_struct_na_base_pair_step.j_label_asym_id_1 
_ndb_struct_na_base_pair_step.j_label_comp_id_1 
_ndb_struct_na_base_pair_step.j_label_seq_id_1 
_ndb_struct_na_base_pair_step.j_symmetry_1 
_ndb_struct_na_base_pair_step.i_label_asym_id_2 
_ndb_struct_na_base_pair_step.i_label_comp_id_2 
_ndb_struct_na_base_pair_step.i_label_seq_id_2 
_ndb_struct_na_base_pair_step.i_symmetry_2 
_ndb_struct_na_base_pair_step.j_label_asym_id_2 
_ndb_struct_na_base_pair_step.j_label_comp_id_2 
_ndb_struct_na_base_pair_step.j_label_seq_id_2 
_ndb_struct_na_base_pair_step.j_symmetry_2 
_ndb_struct_na_base_pair_step.shift 
_ndb_struct_na_base_pair_step.slide 
_ndb_struct_na_base_pair_step.rise 
_ndb_struct_na_base_pair_step.tilt 
_ndb_struct_na_base_pair_step.roll 
_ndb_struct_na_base_pair_step.twist 
_ndb_struct_na_base_pair_step.x_displacement 
_ndb_struct_na_base_pair_step.y_displacement 
_ndb_struct_na_base_pair_step.helical_rise 
_ndb_struct_na_base_pair_step.inclination 
_ndb_struct_na_base_pair_step.tip 
_ndb_struct_na_base_pair_step.helical_twist 
_ndb_struct_na_base_pair_step.step_number 
_ndb_struct_na_base_pair_step.step_name 
_ndb_struct_na_base_pair_step.i_auth_asym_id_1 
_ndb_struct_na_base_pair_step.i_auth_seq_id_1 
_ndb_struct_na_base_pair_step.i_PDB_ins_code_1 
_ndb_struct_na_base_pair_step.j_auth_asym_id_1 
_ndb_struct_na_base_pair_step.j_auth_seq_id_1 
_ndb_struct_na_base_pair_step.j_PDB_ins_code_1 
_ndb_struct_na_base_pair_step.i_auth_asym_id_2 
_ndb_struct_na_base_pair_step.i_auth_seq_id_2 
_ndb_struct_na_base_pair_step.i_PDB_ins_code_2 
_ndb_struct_na_base_pair_step.j_auth_asym_id_2 
_ndb_struct_na_base_pair_step.j_auth_seq_id_2 
_ndb_struct_na_base_pair_step.j_PDB_ins_code_2 
1 A DT 6  1_555 A DT 17 1_555 A DG 7  1_555 A DG 15 1_555 1.369 -0.158 3.946  1.428   10.544   42.854   -1.409 -1.661 3.846 14.171 
-1.920  44.094   1 AA_DT6DG7:DG15DT17_AA  A 6  ? A 17 ? A 7  ? A 15 ? 
1 A DT 10 1_555 A DA 12 1_555 A DG 1  1_555 A DG 21 1_555 6.100 -3.286 -0.744 -97.723 -131.518 -34.416  1.654  3.080  0.733 70.311 
-52.244 -164.577 2 AA_DT10DG1:DG21DA12_AA A 10 ? A 12 ? A 1  ? A 21 ? 
1 A DG 1  1_555 A DG 21 1_555 A DG 9  1_555 A DG 13 1_555 1.647 3.187  0.147  18.401  -11.988  -175.883 -1.594 0.825  0.149 5.998 
9.206   -175.959 3 AA_DG1DG9:DG13DG21_AA  A 1  ? A 21 ? A 9  ? A 13 ? 
1 A DG 9  1_555 A DG 13 1_555 A DG 20 1_555 A DG 14 1_555 3.688 1.042  2.719  53.316  153.592  -86.465  -1.137 2.068  0.284 
-79.365 27.550  -167.333 4 AA_DG9DG20:DG14DG13_AA A 9  ? A 13 ? A 20 ? A 14 ? 
# 
_pdbx_audit_support.funding_organization   'Biotechnology and Biological Sciences Research Council (BBSRC)' 
_pdbx_audit_support.country                'United Kingdom' 
_pdbx_audit_support.grant_number           BB/T008342/1 
_pdbx_audit_support.ordinal                1 
# 
_pdbx_entity_instance_feature.ordinal        1 
_pdbx_entity_instance_feature.comp_id        0K8 
_pdbx_entity_instance_feature.asym_id        ? 
_pdbx_entity_instance_feature.seq_num        ? 
_pdbx_entity_instance_feature.auth_comp_id   0K8 
_pdbx_entity_instance_feature.auth_asym_id   ? 
_pdbx_entity_instance_feature.auth_seq_num   ? 
_pdbx_entity_instance_feature.feature_type   'SUBJECT OF INVESTIGATION' 
_pdbx_entity_instance_feature.details        ? 
# 
_atom_sites.entry_id                    8P6B 
_atom_sites.Cartn_transf_matrix[1][1]   ? 
_atom_sites.Cartn_transf_matrix[1][2]   ? 
_atom_sites.Cartn_transf_matrix[1][3]   ? 
_atom_sites.Cartn_transf_matrix[2][1]   ? 
_atom_sites.Cartn_transf_matrix[2][2]   ? 
_atom_sites.Cartn_transf_matrix[2][3]   ? 
_atom_sites.Cartn_transf_matrix[3][1]   ? 
_atom_sites.Cartn_transf_matrix[3][2]   ? 
_atom_sites.Cartn_transf_matrix[3][3]   ? 
_atom_sites.Cartn_transf_vector[1]      ? 
_atom_sites.Cartn_transf_vector[2]      ? 
_atom_sites.Cartn_transf_vector[3]      ? 
_atom_sites.fract_transf_matrix[1][1]   0.00620452 
_atom_sites.fract_transf_matrix[1][2]   -0.03806232 
_atom_sites.fract_transf_matrix[1][3]   -0.00915967 
_atom_sites.fract_transf_matrix[2][1]   0.03198019 
_atom_sites.fract_transf_matrix[2][2]   -0.01037376 
_atom_sites.fract_transf_matrix[2][3]   -0.02099580 
_atom_sites.fract_transf_matrix[3][1]   0.00361158 
_atom_sites.fract_transf_matrix[3][2]   -0.00083430 
_atom_sites.fract_transf_matrix[3][3]   0.00591328 
_atom_sites.fract_transf_vector[1]      0.213813 
_atom_sites.fract_transf_vector[2]      -0.042141 
_atom_sites.fract_transf_vector[3]      -0.253917 
_atom_sites.solution_primary            ? 
_atom_sites.solution_secondary          ? 
_atom_sites.solution_hydrogens          ? 
_atom_sites.special_details             ? 
# 
loop_
_atom_type.symbol 
C  
H  
K  
N  
O  
P  
RU 
# 
loop_
_atom_site.group_PDB 
_atom_site.id 
_atom_site.type_symbol 
_atom_site.label_atom_id 
_atom_site.label_alt_id 
_atom_site.label_comp_id 
_atom_site.label_asym_id 
_atom_site.label_entity_id 
_atom_site.label_seq_id 
_atom_site.pdbx_PDB_ins_code 
_atom_site.Cartn_x 
_atom_site.Cartn_y 
_atom_site.Cartn_z 
_atom_site.occupancy 
_atom_site.B_iso_or_equiv 
_atom_site.pdbx_formal_charge 
_atom_site.auth_seq_id 
_atom_site.auth_comp_id 
_atom_site.auth_asym_id 
_atom_site.auth_atom_id 
_atom_site.pdbx_PDB_model_num 
ATOM   1   C  "C4'" . DG  A 1 1  ? -5.357  -9.267  -2.362  1.00 94.42  ? 1   DG  A "C4'" 1 
ATOM   2   O  "O4'" . DG  A 1 1  ? -4.727  -8.283  -3.201  1.00 92.73  ? 1   DG  A "O4'" 1 
ATOM   3   C  "C3'" . DG  A 1 1  ? -4.264  -9.722  -1.411  1.00 95.74  ? 1   DG  A "C3'" 1 
ATOM   4   O  "O3'" . DG  A 1 1  ? -4.508  -11.070 -0.994  1.00 104.89 ? 1   DG  A "O3'" 1 
ATOM   5   C  "C2'" . DG  A 1 1  ? -2.994  -9.618  -2.261  1.00 95.29  ? 1   DG  A "C2'" 1 
ATOM   6   C  "C1'" . DG  A 1 1  ? -3.360  -8.604  -3.348  1.00 92.64  ? 1   DG  A "C1'" 1 
ATOM   7   N  N9    . DG  A 1 1  ? -2.580  -7.374  -3.292  1.00 87.46  ? 1   DG  A N9    1 
ATOM   8   C  C8    . DG  A 1 1  ? -1.210  -7.269  -3.307  1.00 88.50  ? 1   DG  A C8    1 
ATOM   9   N  N7    . DG  A 1 1  ? -0.782  -6.040  -3.259  1.00 83.97  ? 1   DG  A N7    1 
ATOM   10  C  C5    . DG  A 1 1  ? -1.939  -5.281  -3.212  1.00 83.22  ? 1   DG  A C5    1 
ATOM   11  C  C6    . DG  A 1 1  ? -2.103  -3.884  -3.152  1.00 78.59  ? 1   DG  A C6    1 
ATOM   12  O  O6    . DG  A 1 1  ? -1.228  -3.018  -3.138  1.00 76.77  ? 1   DG  A O6    1 
ATOM   13  N  N1    . DG  A 1 1  ? -3.442  -3.520  -3.123  1.00 79.91  ? 1   DG  A N1    1 
ATOM   14  C  C2    . DG  A 1 1  ? -4.494  -4.400  -3.154  1.00 80.29  ? 1   DG  A C2    1 
ATOM   15  N  N2    . DG  A 1 1  ? -5.722  -3.862  -3.122  1.00 83.77  ? 1   DG  A N2    1 
ATOM   16  N  N3    . DG  A 1 1  ? -4.358  -5.717  -3.206  1.00 80.75  ? 1   DG  A N3    1 
ATOM   17  C  C4    . DG  A 1 1  ? -3.055  -6.085  -3.235  1.00 84.89  ? 1   DG  A C4    1 
ATOM   18  P  P     . DG  A 1 2  ? -3.452  -12.239 -1.329  1.00 98.66  ? 2   DG  A P     1 
ATOM   19  O  OP1   . DG  A 1 2  ? -3.312  -12.346 -2.796  1.00 95.25  ? 2   DG  A OP1   1 
ATOM   20  O  OP2   . DG  A 1 2  ? -3.842  -13.433 -0.550  1.00 100.97 ? 2   DG  A OP2   1 
ATOM   21  O  "O5'" . DG  A 1 2  ? -2.078  -11.702 -0.727  1.00 98.36  ? 2   DG  A "O5'" 1 
ATOM   22  C  "C5'" . DG  A 1 2  ? -0.855  -12.115 -1.298  1.00 102.94 ? 2   DG  A "C5'" 1 
ATOM   23  C  "C4'" . DG  A 1 2  ? 0.300   -11.565 -0.499  1.00 106.25 ? 2   DG  A "C4'" 1 
ATOM   24  O  "O4'" . DG  A 1 2  ? 0.374   -10.126 -0.694  1.00 100.31 ? 2   DG  A "O4'" 1 
ATOM   25  C  "C3'" . DG  A 1 2  ? 0.182   -11.765 1.015   1.00 109.74 ? 2   DG  A "C3'" 1 
ATOM   26  O  "O3'" . DG  A 1 2  ? 1.482   -11.932 1.574   1.00 116.41 ? 2   DG  A "O3'" 1 
ATOM   27  C  "C2'" . DG  A 1 2  ? -0.444  -10.450 1.458   1.00 102.91 ? 2   DG  A "C2'" 1 
ATOM   28  C  "C1'" . DG  A 1 2  ? 0.333   -9.503  0.569   1.00 100.09 ? 2   DG  A "C1'" 1 
ATOM   29  N  N9    . DG  A 1 2  ? -0.236  -8.162  0.439   1.00 93.90  ? 2   DG  A N9    1 
ATOM   30  C  C8    . DG  A 1 2  ? -1.544  -7.764  0.616   1.00 92.65  ? 2   DG  A C8    1 
ATOM   31  N  N7    . DG  A 1 2  ? -1.719  -6.478  0.432   1.00 86.02  ? 2   DG  A N7    1 
ATOM   32  C  C5    . DG  A 1 2  ? -0.454  -6.013  0.121   1.00 84.60  ? 2   DG  A C5    1 
ATOM   33  C  C6    . DG  A 1 2  ? -0.006  -4.713  -0.179  1.00 84.06  ? 2   DG  A C6    1 
ATOM   34  O  O6    . DG  A 1 2  ? -0.666  -3.672  -0.223  1.00 82.46  ? 2   DG  A O6    1 
ATOM   35  N  N1    . DG  A 1 2  ? 1.355   -4.689  -0.448  1.00 87.40  ? 2   DG  A N1    1 
ATOM   36  C  C2    . DG  A 1 2  ? 2.182   -5.785  -0.417  1.00 91.92  ? 2   DG  A C2    1 
ATOM   37  N  N2    . DG  A 1 2  ? 3.467   -5.578  -0.689  1.00 96.06  ? 2   DG  A N2    1 
ATOM   38  N  N3    . DG  A 1 2  ? 1.775   -7.000  -0.136  1.00 94.92  ? 2   DG  A N3    1 
ATOM   39  C  C4    . DG  A 1 2  ? 0.461   -7.041  0.121   1.00 90.57  ? 2   DG  A C4    1 
ATOM   40  P  P     . DG  A 1 3  ? 1.666   -12.303 3.126   1.00 122.06 ? 3   DG  A P     1 
ATOM   41  O  OP1   . DG  A 1 3  ? 1.768   -13.778 3.210   1.00 129.46 ? 3   DG  A OP1   1 
ATOM   42  O  OP2   . DG  A 1 3  ? 0.609   -11.604 3.892   1.00 116.65 ? 3   DG  A OP2   1 
ATOM   43  O  "O5'" . DG  A 1 3  ? 3.092   -11.666 3.502   1.00 125.68 ? 3   DG  A "O5'" 1 
ATOM   44  C  "C5'" . DG  A 1 3  ? 4.243   -11.990 2.722   1.00 130.31 ? 3   DG  A "C5'" 1 
ATOM   45  C  "C4'" . DG  A 1 3  ? 5.294   -10.900 2.819   1.00 130.42 ? 3   DG  A "C4'" 1 
ATOM   46  O  "O4'" . DG  A 1 3  ? 4.725   -9.643  2.375   1.00 121.74 ? 3   DG  A "O4'" 1 
ATOM   47  C  "C3'" . DG  A 1 3  ? 5.835   -10.644 4.225   1.00 134.70 ? 3   DG  A "C3'" 1 
ATOM   48  O  "O3'" . DG  A 1 3  ? 7.229   -10.355 4.162   1.00 139.97 ? 3   DG  A "O3'" 1 
ATOM   49  C  "C2'" . DG  A 1 3  ? 5.028   -9.435  4.688   1.00 126.83 ? 3   DG  A "C2'" 1 
ATOM   50  C  "C1'" . DG  A 1 3  ? 4.867   -8.667  3.388   1.00 120.41 ? 3   DG  A "C1'" 1 
ATOM   51  N  N9    . DG  A 1 3  ? 3.692   -7.804  3.368   1.00 111.89 ? 3   DG  A N9    1 
ATOM   52  C  C8    . DG  A 1 3  ? 2.408   -8.149  3.712   1.00 108.62 ? 3   DG  A C8    1 
ATOM   53  N  N7    . DG  A 1 3  ? 1.557   -7.169  3.595   1.00 101.33 ? 3   DG  A N7    1 
ATOM   54  C  C5    . DG  A 1 3  ? 2.322   -6.103  3.148   1.00 99.56  ? 3   DG  A C5    1 
ATOM   55  C  C6    . DG  A 1 3  ? 1.943   -4.774  2.842   1.00 95.83  ? 3   DG  A C6    1 
ATOM   56  O  O6    . DG  A 1 3  ? 0.813   -4.261  2.911   1.00 94.24  ? 3   DG  A O6    1 
ATOM   57  N  N1    . DG  A 1 3  ? 3.030   -4.012  2.419   1.00 96.71  ? 3   DG  A N1    1 
ATOM   58  C  C2    . DG  A 1 3  ? 4.322   -4.479  2.311   1.00 100.89 ? 3   DG  A C2    1 
ATOM   59  N  N2    . DG  A 1 3  ? 5.239   -3.596  1.893   1.00 101.48 ? 3   DG  A N2    1 
ATOM   60  N  N3    . DG  A 1 3  ? 4.691   -5.724  2.592   1.00 107.18 ? 3   DG  A N3    1 
ATOM   61  C  C4    . DG  A 1 3  ? 3.642   -6.477  3.005   1.00 106.05 ? 3   DG  A C4    1 
ATOM   62  P  P     . DT  A 1 4  ? 8.164   -10.578 5.450   1.00 150.01 ? 4   DT  A P     1 
ATOM   63  O  OP1   . DT  A 1 4  ? 9.572   -10.386 5.033   1.00 153.92 ? 4   DT  A OP1   1 
ATOM   64  O  OP2   . DT  A 1 4  ? 7.755   -11.851 6.085   1.00 153.36 ? 4   DT  A OP2   1 
ATOM   65  O  "O5'" . DT  A 1 4  ? 7.779   -9.360  6.415   1.00 154.13 ? 4   DT  A "O5'" 1 
ATOM   66  C  "C5'" . DT  A 1 4  ? 6.917   -9.573  7.535   1.00 150.86 ? 4   DT  A "C5'" 1 
ATOM   67  C  "C4'" . DT  A 1 4  ? 6.668   -8.272  8.281   1.00 154.62 ? 4   DT  A "C4'" 1 
ATOM   68  O  "O4'" . DT  A 1 4  ? 5.254   -7.939  8.223   1.00 148.09 ? 4   DT  A "O4'" 1 
ATOM   69  C  "C3'" . DT  A 1 4  ? 7.029   -8.295  9.768   1.00 157.37 ? 4   DT  A "C3'" 1 
ATOM   70  O  "O3'" . DT  A 1 4  ? 7.529   -7.021  10.164  1.00 159.59 ? 4   DT  A "O3'" 1 
ATOM   71  C  "C2'" . DT  A 1 4  ? 5.685   -8.591  10.427  1.00 154.91 ? 4   DT  A "C2'" 1 
ATOM   72  C  "C1'" . DT  A 1 4  ? 4.748   -7.793  9.533   1.00 152.92 ? 4   DT  A "C1'" 1 
ATOM   73  N  N1    . DT  A 1 4  ? 3.332   -8.271  9.554   1.00 153.21 ? 4   DT  A N1    1 
ATOM   74  C  C2    . DT  A 1 4  ? 2.457   -7.834  8.584   1.00 142.60 ? 4   DT  A C2    1 
ATOM   75  O  O2    . DT  A 1 4  ? 2.779   -7.070  7.691   1.00 132.09 ? 4   DT  A O2    1 
ATOM   76  N  N3    . DT  A 1 4  ? 1.183   -8.326  8.693   1.00 136.67 ? 4   DT  A N3    1 
ATOM   77  C  C4    . DT  A 1 4  ? 0.706   -9.194  9.658   1.00 144.95 ? 4   DT  A C4    1 
ATOM   78  O  O4    . DT  A 1 4  ? -0.459  -9.584  9.675   1.00 142.14 ? 4   DT  A O4    1 
ATOM   79  C  C5    . DT  A 1 4  ? 1.674   -9.609  10.646  1.00 149.57 ? 4   DT  A C5    1 
ATOM   80  C  C7    . DT  A 1 4  ? 1.272   -10.545 11.740  1.00 160.17 ? 4   DT  A C7    1 
ATOM   81  C  C6    . DT  A 1 4  ? 2.924   -9.133  10.549  1.00 150.60 ? 4   DT  A C6    1 
ATOM   82  P  P     . DT  A 1 5  ? 9.109   -6.727  10.152  1.00 167.65 ? 5   DT  A P     1 
ATOM   83  O  OP1   . DT  A 1 5  ? 9.765   -7.740  11.010  1.00 160.90 ? 5   DT  A OP1   1 
ATOM   84  O  OP2   . DT  A 1 5  ? 9.288   -5.287  10.441  1.00 163.38 ? 5   DT  A OP2   1 
ATOM   85  O  "O5'" . DT  A 1 5  ? 9.541   -6.971  8.629   1.00 160.24 ? 5   DT  A "O5'" 1 
ATOM   86  C  "C5'" . DT  A 1 5  ? 9.151   -6.040  7.619   1.00 152.91 ? 5   DT  A "C5'" 1 
ATOM   87  C  "C4'" . DT  A 1 5  ? 10.359  -5.298  7.073   1.00 153.71 ? 5   DT  A "C4'" 1 
ATOM   88  O  "O4'" . DT  A 1 5  ? 10.844  -5.969  5.892   1.00 157.63 ? 5   DT  A "O4'" 1 
ATOM   89  C  "C3'" . DT  A 1 5  ? 10.086  -3.875  6.625   1.00 146.12 ? 5   DT  A "C3'" 1 
ATOM   90  O  "O3'" . DT  A 1 5  ? 10.220  -2.994  7.732   1.00 147.78 ? 5   DT  A "O3'" 1 
ATOM   91  C  "C2'" . DT  A 1 5  ? 11.182  -3.628  5.588   1.00 151.58 ? 5   DT  A "C2'" 1 
ATOM   92  C  "C1'" . DT  A 1 5  ? 11.467  -5.030  5.032   1.00 157.41 ? 5   DT  A "C1'" 1 
ATOM   93  N  N1    . DT  A 1 5  ? 10.961  -5.245  3.643   1.00 158.09 ? 5   DT  A N1    1 
ATOM   94  C  C2    . DT  A 1 5  ? 11.581  -6.176  2.841   1.00 160.84 ? 5   DT  A C2    1 
ATOM   95  O  O2    . DT  A 1 5  ? 12.533  -6.845  3.206   1.00 169.84 ? 5   DT  A O2    1 
ATOM   96  N  N3    . DT  A 1 5  ? 11.039  -6.301  1.585   1.00 158.55 ? 5   DT  A N3    1 
ATOM   97  C  C4    . DT  A 1 5  ? 9.964   -5.600  1.065   1.00 157.05 ? 5   DT  A C4    1 
ATOM   98  O  O4    . DT  A 1 5  ? 9.547   -5.781  -0.079  1.00 153.88 ? 5   DT  A O4    1 
ATOM   99  C  C5    . DT  A 1 5  ? 9.362   -4.638  1.959   1.00 150.35 ? 5   DT  A C5    1 
ATOM   100 C  C7    . DT  A 1 5  ? 8.192   -3.818  1.507   1.00 135.49 ? 5   DT  A C7    1 
ATOM   101 C  C6    . DT  A 1 5  ? 9.884   -4.509  3.190   1.00 154.65 ? 5   DT  A C6    1 
ATOM   102 P  P     . DT  A 1 6  ? 9.461   -1.579  7.741   1.00 137.42 ? 6   DT  A P     1 
ATOM   103 O  OP1   . DT  A 1 6  ? 10.384  -0.584  8.332   1.00 133.88 ? 6   DT  A OP1   1 
ATOM   104 O  OP2   . DT  A 1 6  ? 8.130   -1.787  8.352   1.00 123.49 ? 6   DT  A OP2   1 
ATOM   105 O  "O5'" . DT  A 1 6  ? 9.257   -1.243  6.190   1.00 129.30 ? 6   DT  A "O5'" 1 
ATOM   106 C  "C5'" . DT  A 1 6  ? 9.345   0.107   5.737   1.00 121.62 ? 6   DT  A "C5'" 1 
ATOM   107 C  "C4'" . DT  A 1 6  ? 7.967   0.657   5.418   1.00 111.08 ? 6   DT  A "C4'" 1 
ATOM   108 O  "O4'" . DT  A 1 6  ? 7.175   -0.398  4.855   1.00 113.43 ? 6   DT  A "O4'" 1 
ATOM   109 C  "C3'" . DT  A 1 6  ? 7.181   1.146   6.623   1.00 107.91 ? 6   DT  A "C3'" 1 
ATOM   110 O  "O3'" . DT  A 1 6  ? 7.407   2.555   6.827   1.00 106.77 ? 6   DT  A "O3'" 1 
ATOM   111 C  "C2'" . DT  A 1 6  ? 5.716   0.826   6.284   1.00 103.25 ? 6   DT  A "C2'" 1 
ATOM   112 C  "C1'" . DT  A 1 6  ? 5.810   -0.168  5.120   1.00 107.16 ? 6   DT  A "C1'" 1 
ATOM   113 N  N1    . DT  A 1 6  ? 5.163   -1.482  5.396   1.00 103.30 ? 6   DT  A N1    1 
ATOM   114 C  C2    . DT  A 1 6  ? 3.807   -1.536  5.625   1.00 102.50 ? 6   DT  A C2    1 
ATOM   115 O  O2    . DT  A 1 6  ? 3.081   -0.554  5.618   1.00 104.79 ? 6   DT  A O2    1 
ATOM   116 N  N3    . DT  A 1 6  ? 3.321   -2.793  5.859   1.00 100.51 ? 6   DT  A N3    1 
ATOM   117 C  C4    . DT  A 1 6  ? 4.038   -3.972  5.880   1.00 103.20 ? 6   DT  A C4    1 
ATOM   118 O  O4    . DT  A 1 6  ? 3.511   -5.055  6.101   1.00 105.57 ? 6   DT  A O4    1 
ATOM   119 C  C5    . DT  A 1 6  ? 5.451   -3.848  5.629   1.00 111.38 ? 6   DT  A C5    1 
ATOM   120 C  C7    . DT  A 1 6  ? 6.330   -5.062  5.633   1.00 125.31 ? 6   DT  A C7    1 
ATOM   121 C  C6    . DT  A 1 6  ? 5.938   -2.622  5.398   1.00 110.11 ? 6   DT  A C6    1 
ATOM   122 P  P     . DG  A 1 7  ? 6.584   3.671   6.008   1.00 103.24 ? 7   DG  A P     1 
ATOM   123 O  OP1   . DG  A 1 7  ? 7.085   5.000   6.412   1.00 103.86 ? 7   DG  A OP1   1 
ATOM   124 O  OP2   . DG  A 1 7  ? 5.141   3.410   6.157   1.00 101.94 ? 7   DG  A OP2   1 
ATOM   125 O  "O5'" . DG  A 1 7  ? 7.045   3.459   4.496   1.00 104.41 ? 7   DG  A "O5'" 1 
ATOM   126 C  "C5'" . DG  A 1 7  ? 7.878   4.424   3.871   1.00 104.53 ? 7   DG  A "C5'" 1 
ATOM   127 C  "C4'" . DG  A 1 7  ? 8.540   3.844   2.630   1.00 103.88 ? 7   DG  A "C4'" 1 
ATOM   128 O  "O4'" . DG  A 1 7  ? 8.197   2.441   2.507   1.00 103.92 ? 7   DG  A "O4'" 1 
ATOM   129 C  "C3'" . DG  A 1 7  ? 8.139   4.494   1.302   1.00 102.33 ? 7   DG  A "C3'" 1 
ATOM   130 O  "O3'" . DG  A 1 7  ? 9.266   4.539   0.432   1.00 104.90 ? 7   DG  A "O3'" 1 
ATOM   131 C  "C2'" . DG  A 1 7  ? 7.069   3.548   0.775   1.00 100.75 ? 7   DG  A "C2'" 1 
ATOM   132 C  "C1'" . DG  A 1 7  ? 7.612   2.205   1.247   1.00 102.59 ? 7   DG  A "C1'" 1 
ATOM   133 N  N9    . DG  A 1 7  ? 6.592   1.172   1.397   1.00 99.35  ? 7   DG  A N9    1 
ATOM   134 C  C8    . DG  A 1 7  ? 6.661   -0.121  0.946   1.00 100.38 ? 7   DG  A C8    1 
ATOM   135 N  N7    . DG  A 1 7  ? 5.597   -0.827  1.212   1.00 102.83 ? 7   DG  A N7    1 
ATOM   136 C  C5    . DG  A 1 7  ? 4.767   0.053   1.892   1.00 100.66 ? 7   DG  A C5    1 
ATOM   137 C  C6    . DG  A 1 7  ? 3.478   -0.152  2.435   1.00 94.37  ? 7   DG  A C6    1 
ATOM   138 O  O6    . DG  A 1 7  ? 2.796   -1.185  2.422   1.00 92.11  ? 7   DG  A O6    1 
ATOM   139 N  N1    . DG  A 1 7  ? 2.986   1.001   3.041   1.00 94.29  ? 7   DG  A N1    1 
ATOM   140 C  C2    . DG  A 1 7  ? 3.658   2.200   3.116   1.00 95.97  ? 7   DG  A C2    1 
ATOM   141 N  N2    . DG  A 1 7  ? 3.023   3.200   3.746   1.00 90.44  ? 7   DG  A N2    1 
ATOM   142 N  N3    . DG  A 1 7  ? 4.871   2.403   2.615   1.00 100.35 ? 7   DG  A N3    1 
ATOM   143 C  C4    . DG  A 1 7  ? 5.363   1.291   2.017   1.00 101.46 ? 7   DG  A C4    1 
ATOM   144 P  P     . DG  A 1 8  ? 9.120   5.111   -1.063  1.00 105.27 ? 8   DG  A P     1 
ATOM   145 O  OP1   . DG  A 1 8  ? 10.415  5.723   -1.439  1.00 110.59 ? 8   DG  A OP1   1 
ATOM   146 O  OP2   . DG  A 1 8  ? 7.874   5.914   -1.136  1.00 102.27 ? 8   DG  A OP2   1 
ATOM   147 O  "O5'" . DG  A 1 8  ? 8.964   3.792   -1.945  1.00 103.22 ? 8   DG  A "O5'" 1 
ATOM   148 C  "C5'" . DG  A 1 8  ? 9.972   2.789   -1.879  1.00 104.92 ? 8   DG  A "C5'" 1 
ATOM   149 C  "C4'" . DG  A 1 8  ? 9.505   1.515   -2.544  1.00 101.62 ? 8   DG  A "C4'" 1 
ATOM   150 O  "O4'" . DG  A 1 8  ? 8.305   1.045   -1.885  1.00 96.88  ? 8   DG  A "O4'" 1 
ATOM   151 C  "C3'" . DG  A 1 8  ? 9.158   1.648   -4.028  1.00 100.67 ? 8   DG  A "C3'" 1 
ATOM   152 O  "O3'" . DG  A 1 8  ? 9.654   0.528   -4.720  1.00 100.93 ? 8   DG  A "O3'" 1 
ATOM   153 C  "C2'" . DG  A 1 8  ? 7.634   1.670   -4.024  1.00 98.35  ? 8   DG  A "C2'" 1 
ATOM   154 C  "C1'" . DG  A 1 8  ? 7.337   0.751   -2.848  1.00 97.14  ? 8   DG  A "C1'" 1 
ATOM   155 N  N9    . DG  A 1 8  ? 6.018   0.946   -2.259  1.00 96.85  ? 8   DG  A N9    1 
ATOM   156 C  C8    . DG  A 1 8  ? 5.396   2.140   -1.970  1.00 96.58  ? 8   DG  A C8    1 
ATOM   157 N  N7    . DG  A 1 8  ? 4.202   1.993   -1.457  1.00 92.23  ? 8   DG  A N7    1 
ATOM   158 C  C5    . DG  A 1 8  ? 4.024   0.615   -1.401  1.00 93.78  ? 8   DG  A C5    1 
ATOM   159 C  C6    . DG  A 1 8  ? 2.924   -0.155  -0.941  1.00 90.16  ? 8   DG  A C6    1 
ATOM   160 O  O6    . DG  A 1 8  ? 1.846   0.239   -0.469  1.00 84.78  ? 8   DG  A O6    1 
ATOM   161 N  N1    . DG  A 1 8  ? 3.168   -1.520  -1.067  1.00 90.72  ? 8   DG  A N1    1 
ATOM   162 C  C2    . DG  A 1 8  ? 4.327   -2.071  -1.571  1.00 92.52  ? 8   DG  A C2    1 
ATOM   163 N  N2    . DG  A 1 8  ? 4.378   -3.400  -1.617  1.00 90.40  ? 8   DG  A N2    1 
ATOM   164 N  N3    . DG  A 1 8  ? 5.359   -1.367  -2.003  1.00 93.66  ? 8   DG  A N3    1 
ATOM   165 C  C4    . DG  A 1 8  ? 5.139   -0.038  -1.893  1.00 94.88  ? 8   DG  A C4    1 
ATOM   166 P  P     . DG  A 1 9  ? 9.610   0.466   -6.322  1.00 103.48 ? 9   DG  A P     1 
ATOM   167 O  OP1   . DG  A 1 9  ? 10.899  0.959   -6.854  1.00 106.00 ? 9   DG  A OP1   1 
ATOM   168 O  OP2   . DG  A 1 9  ? 8.346   1.097   -6.775  1.00 107.10 ? 9   DG  A OP2   1 
ATOM   169 O  "O5'" . DG  A 1 9  ? 9.519   -1.099  -6.628  1.00 103.36 ? 9   DG  A "O5'" 1 
ATOM   170 C  "C5'" . DG  A 1 9  ? 8.656   -1.551  -7.676  1.00 105.29 ? 9   DG  A "C5'" 1 
ATOM   171 C  "C4'" . DG  A 1 9  ? 7.817   -2.733  -7.233  1.00 102.75 ? 9   DG  A "C4'" 1 
ATOM   172 O  "O4'" . DG  A 1 9  ? 7.203   -2.447  -5.961  1.00 102.75 ? 9   DG  A "O4'" 1 
ATOM   173 C  "C3'" . DG  A 1 9  ? 6.649   -3.055  -8.142  1.00 105.78 ? 9   DG  A "C3'" 1 
ATOM   174 O  "O3'" . DG  A 1 9  ? 7.095   -3.848  -9.241  1.00 105.94 ? 9   DG  A "O3'" 1 
ATOM   175 C  "C2'" . DG  A 1 9  ? 5.732   -3.843  -7.209  1.00 101.68 ? 9   DG  A "C2'" 1 
ATOM   176 C  "C1'" . DG  A 1 9  ? 5.997   -3.187  -5.848  1.00 100.68 ? 9   DG  A "C1'" 1 
ATOM   177 N  N9    . DG  A 1 9  ? 4.924   -2.291  -5.420  1.00 97.11  ? 9   DG  A N9    1 
ATOM   178 C  C8    . DG  A 1 9  ? 4.901   -0.917  -5.512  1.00 93.77  ? 9   DG  A C8    1 
ATOM   179 N  N7    . DG  A 1 9  ? 3.802   -0.387  -5.049  1.00 89.25  ? 9   DG  A N7    1 
ATOM   180 C  C5    . DG  A 1 9  ? 3.046   -1.472  -4.620  1.00 87.44  ? 9   DG  A C5    1 
ATOM   181 C  C6    . DG  A 1 9  ? 1.756   -1.515  -4.032  1.00 85.28  ? 9   DG  A C6    1 
ATOM   182 O  O6    . DG  A 1 9  ? 1.009   -0.568  -3.759  1.00 84.59  ? 9   DG  A O6    1 
ATOM   183 N  N1    . DG  A 1 9  ? 1.353   -2.819  -3.757  1.00 84.61  ? 9   DG  A N1    1 
ATOM   184 C  C2    . DG  A 1 9  ? 2.100   -3.941  -4.014  1.00 84.35  ? 9   DG  A C2    1 
ATOM   185 N  N2    . DG  A 1 9  ? 1.546   -5.116  -3.674  1.00 82.27  ? 9   DG  A N2    1 
ATOM   186 N  N3    . DG  A 1 9  ? 3.307   -3.918  -4.571  1.00 90.39  ? 9   DG  A N3    1 
ATOM   187 C  C4    . DG  A 1 9  ? 3.717   -2.652  -4.844  1.00 91.56  ? 9   DG  A C4    1 
ATOM   188 P  P     . DT  A 1 10 ? 7.569   -3.143  -10.604 1.00 108.60 ? 10  DT  A P     1 
ATOM   189 O  OP1   . DT  A 1 10 ? 8.635   -3.982  -11.202 1.00 109.12 ? 10  DT  A OP1   1 
ATOM   190 O  OP2   . DT  A 1 10 ? 7.841   -1.715  -10.333 1.00 116.76 ? 10  DT  A OP2   1 
ATOM   191 O  "O5'" . DT  A 1 10 ? 6.272   -3.223  -11.519 1.00 106.16 ? 10  DT  A "O5'" 1 
ATOM   192 C  "C5'" . DT  A 1 10 ? 5.005   -2.914  -10.971 1.00 100.11 ? 10  DT  A "C5'" 1 
ATOM   193 C  "C4'" . DT  A 1 10 ? 3.919   -3.591  -11.776 1.00 93.35  ? 10  DT  A "C4'" 1 
ATOM   194 O  "O4'" . DT  A 1 10 ? 2.782   -3.829  -10.940 1.00 92.70  ? 10  DT  A "O4'" 1 
ATOM   195 C  "C3'" . DT  A 1 10 ? 3.374   -2.785  -12.946 1.00 94.60  ? 10  DT  A "C3'" 1 
ATOM   196 O  "O3'" . DT  A 1 10 ? 4.188   -2.995  -14.100 1.00 95.93  ? 10  DT  A "O3'" 1 
ATOM   197 C  "C2'" . DT  A 1 10 ? 1.964   -3.372  -13.128 1.00 88.39  ? 10  DT  A "C2'" 1 
ATOM   198 C  "C1'" . DT  A 1 10 ? 1.660   -4.028  -11.763 1.00 83.49  ? 10  DT  A "C1'" 1 
ATOM   199 N  N1    . DT  A 1 10 ? 0.465   -3.465  -11.074 1.00 78.21  ? 10  DT  A N1    1 
ATOM   200 C  C2    . DT  A 1 10 ? 0.348   -2.102  -10.918 1.00 80.05  ? 10  DT  A C2    1 
ATOM   201 O  O2    . DT  A 1 10 ? 1.181   -1.306  -11.315 1.00 85.63  ? 10  DT  A O2    1 
ATOM   202 N  N3    . DT  A 1 10 ? -0.796  -1.698  -10.280 1.00 76.84  ? 10  DT  A N3    1 
ATOM   203 C  C4    . DT  A 1 10 ? -1.811  -2.505  -9.794  1.00 77.40  ? 10  DT  A C4    1 
ATOM   204 O  O4    . DT  A 1 10 ? -2.800  -2.049  -9.227  1.00 75.20  ? 10  DT  A O4    1 
ATOM   205 C  C5    . DT  A 1 10 ? -1.619  -3.923  -9.981  1.00 78.65  ? 10  DT  A C5    1 
ATOM   206 C  C7    . DT  A 1 10 ? -2.650  -4.896  -9.491  1.00 78.28  ? 10  DT  A C7    1 
ATOM   207 C  C6    . DT  A 1 10 ? -0.503  -4.330  -10.604 1.00 77.85  ? 10  DT  A C6    1 
ATOM   208 P  P     . DT  A 1 11 ? 4.323   -1.860  -15.234 1.00 99.66  ? 11  DT  A P     1 
ATOM   209 O  OP1   . DT  A 1 11 ? 3.492   -2.289  -16.380 1.00 100.00 ? 11  DT  A OP1   1 
ATOM   210 O  OP2   . DT  A 1 11 ? 5.767   -1.582  -15.400 1.00 87.49  ? 11  DT  A OP2   1 
ATOM   211 O  "O5'" . DT  A 1 11 ? 3.613   -0.566  -14.615 1.00 99.98  ? 11  DT  A "O5'" 1 
ATOM   212 C  "C5'" . DT  A 1 11 ? 3.546   0.636   -15.385 1.00 91.04  ? 11  DT  A "C5'" 1 
ATOM   213 C  "C4'" . DT  A 1 11 ? 2.681   1.682   -14.700 1.00 92.31  ? 11  DT  A "C4'" 1 
ATOM   214 O  "O4'" . DT  A 1 11 ? 1.301   1.293   -14.765 1.00 91.17  ? 11  DT  A "O4'" 1 
ATOM   215 C  "C3'" . DT  A 1 11 ? 2.951   1.883   -13.215 1.00 96.17  ? 11  DT  A "C3'" 1 
ATOM   216 O  "O3'" . DT  A 1 11 ? 3.917   2.911   -13.038 1.00 96.68  ? 11  DT  A "O3'" 1 
ATOM   217 C  "C2'" . DT  A 1 11 ? 1.580   2.297   -12.643 1.00 91.72  ? 11  DT  A "C2'" 1 
ATOM   218 C  "C1'" . DT  A 1 11 ? 0.595   2.020   -13.789 1.00 89.57  ? 11  DT  A "C1'" 1 
ATOM   219 N  N1    . DT  A 1 11 ? -0.610  1.233   -13.370 1.00 84.65  ? 11  DT  A N1    1 
ATOM   220 C  C2    . DT  A 1 11 ? -1.659  1.879   -12.759 1.00 80.12  ? 11  DT  A C2    1 
ATOM   221 O  O2    . DT  A 1 11 ? -1.667  3.075   -12.536 1.00 81.21  ? 11  DT  A O2    1 
ATOM   222 N  N3    . DT  A 1 11 ? -2.705  1.075   -12.415 1.00 77.79  ? 11  DT  A N3    1 
ATOM   223 C  C4    . DT  A 1 11 ? -2.812  -0.287  -12.616 1.00 80.25  ? 11  DT  A C4    1 
ATOM   224 O  O4    . DT  A 1 11 ? -3.799  -0.924  -12.266 1.00 80.46  ? 11  DT  A O4    1 
ATOM   225 C  C5    . DT  A 1 11 ? -1.682  -0.909  -13.266 1.00 80.34  ? 11  DT  A C5    1 
ATOM   226 C  C7    . DT  A 1 11 ? -1.680  -2.383  -13.541 1.00 78.59  ? 11  DT  A C7    1 
ATOM   227 C  C6    . DT  A 1 11 ? -0.648  -0.126  -13.606 1.00 84.28  ? 11  DT  A C6    1 
ATOM   228 P  P     . DA  A 1 12 ? 5.076   2.748   -11.942 1.00 98.72  ? 12  DA  A P     1 
ATOM   229 O  OP1   . DA  A 1 12 ? 6.331   3.299   -12.504 1.00 96.19  ? 12  DA  A OP1   1 
ATOM   230 O  OP2   . DA  A 1 12 ? 5.037   1.346   -11.472 1.00 104.57 ? 12  DA  A OP2   1 
ATOM   231 O  "O5'" . DA  A 1 12 ? 4.611   3.699   -10.748 1.00 94.77  ? 12  DA  A "O5'" 1 
ATOM   232 C  "C5'" . DA  A 1 12 ? 3.736   3.209   -9.749  1.00 87.24  ? 12  DA  A "C5'" 1 
ATOM   233 C  "C4'" . DA  A 1 12 ? 2.692   4.251   -9.412  1.00 86.51  ? 12  DA  A "C4'" 1 
ATOM   234 O  "O4'" . DA  A 1 12 ? 1.393   3.792   -9.867  1.00 90.01  ? 12  DA  A "O4'" 1 
ATOM   235 C  "C3'" . DA  A 1 12 ? 2.530   4.551   -7.924  1.00 85.02  ? 12  DA  A "C3'" 1 
ATOM   236 O  "O3'" . DA  A 1 12 ? 2.183   5.916   -7.749  1.00 86.10  ? 12  DA  A "O3'" 1 
ATOM   237 C  "C2'" . DA  A 1 12 ? 1.373   3.640   -7.538  1.00 82.73  ? 12  DA  A "C2'" 1 
ATOM   238 C  "C1'" . DA  A 1 12 ? 0.500   3.759   -8.777  1.00 82.36  ? 12  DA  A "C1'" 1 
ATOM   239 N  N9    . DA  A 1 12 ? -0.420  2.642   -8.959  1.00 78.03  ? 12  DA  A N9    1 
ATOM   240 C  C8    . DA  A 1 12 ? -0.100  1.354   -9.275  1.00 77.18  ? 12  DA  A C8    1 
ATOM   241 N  N7    . DA  A 1 12 ? -1.139  0.563   -9.375  1.00 77.34  ? 12  DA  A N7    1 
ATOM   242 C  C5    . DA  A 1 12 ? -2.215  1.393   -9.115  1.00 76.67  ? 12  DA  A C5    1 
ATOM   243 C  C6    . DA  A 1 12 ? -3.605  1.165   -9.070  1.00 74.64  ? 12  DA  A C6    1 
ATOM   244 N  N6    . DA  A 1 12 ? -4.164  -0.023  -9.295  1.00 75.04  ? 12  DA  A N6    1 
ATOM   245 N  N1    . DA  A 1 12 ? -4.401  2.207   -8.786  1.00 76.37  ? 12  DA  A N1    1 
ATOM   246 C  C2    . DA  A 1 12 ? -3.845  3.397   -8.567  1.00 77.25  ? 12  DA  A C2    1 
ATOM   247 N  N3    . DA  A 1 12 ? -2.560  3.735   -8.579  1.00 77.10  ? 12  DA  A N3    1 
ATOM   248 C  C4    . DA  A 1 12 ? -1.790  2.676   -8.862  1.00 76.90  ? 12  DA  A C4    1 
ATOM   249 P  P     . DG  A 1 13 ? 3.180   6.924   -6.994  1.00 92.88  ? 13  DG  A P     1 
ATOM   250 O  OP1   . DG  A 1 13 ? 2.699   8.309   -7.218  1.00 91.40  ? 13  DG  A OP1   1 
ATOM   251 O  OP2   . DG  A 1 13 ? 4.565   6.557   -7.361  1.00 92.32  ? 13  DG  A OP2   1 
ATOM   252 O  "O5'" . DG  A 1 13 ? 2.973   6.575   -5.451  1.00 87.01  ? 13  DG  A "O5'" 1 
ATOM   253 C  "C5'" . DG  A 1 13 ? 3.577   7.382   -4.464  1.00 90.28  ? 13  DG  A "C5'" 1 
ATOM   254 C  "C4'" . DG  A 1 13 ? 2.550   7.881   -3.462  1.00 87.73  ? 13  DG  A "C4'" 1 
ATOM   255 O  "O4'" . DG  A 1 13 ? 1.340   7.102   -3.580  1.00 87.16  ? 13  DG  A "O4'" 1 
ATOM   256 C  "C3'" . DG  A 1 13 ? 2.986   7.785   -1.991  1.00 89.03  ? 13  DG  A "C3'" 1 
ATOM   257 O  "O3'" . DG  A 1 13 ? 2.966   9.065   -1.391  1.00 91.05  ? 13  DG  A "O3'" 1 
ATOM   258 C  "C2'" . DG  A 1 13 ? 1.957   6.853   -1.346  1.00 84.84  ? 13  DG  A "C2'" 1 
ATOM   259 C  "C1'" . DG  A 1 13 ? 0.779   6.938   -2.306  1.00 84.21  ? 13  DG  A "C1'" 1 
ATOM   260 N  N9    . DG  A 1 13 ? -0.037  5.729   -2.306  1.00 83.90  ? 13  DG  A N9    1 
ATOM   261 C  C8    . DG  A 1 13 ? -1.340  5.611   -1.883  1.00 83.10  ? 13  DG  A C8    1 
ATOM   262 N  N7    . DG  A 1 13 ? -1.809  4.399   -1.985  1.00 82.08  ? 13  DG  A N7    1 
ATOM   263 C  C5    . DG  A 1 13 ? -0.749  3.663   -2.499  1.00 80.87  ? 13  DG  A C5    1 
ATOM   264 C  C6    . DG  A 1 13 ? -0.661  2.289   -2.820  1.00 79.47  ? 13  DG  A C6    1 
ATOM   265 O  O6    . DG  A 1 13 ? -1.532  1.418   -2.704  1.00 79.75  ? 13  DG  A O6    1 
ATOM   266 N  N1    . DG  A 1 13 ? 0.589   1.955   -3.324  1.00 78.62  ? 13  DG  A N1    1 
ATOM   267 C  C2    . DG  A 1 13 ? 1.626   2.835   -3.493  1.00 81.69  ? 13  DG  A C2    1 
ATOM   268 N  N2    . DG  A 1 13 ? 2.759   2.326   -3.992  1.00 86.51  ? 13  DG  A N2    1 
ATOM   269 N  N3    . DG  A 1 13 ? 1.564   4.123   -3.193  1.00 83.25  ? 13  DG  A N3    1 
ATOM   270 C  C4    . DG  A 1 13 ? 0.350   4.466   -2.701  1.00 82.28  ? 13  DG  A C4    1 
ATOM   271 P  P     . DG  A 1 14 ? 3.610   9.278   0.065   1.00 93.52  ? 14  DG  A P     1 
ATOM   272 O  OP1   . DG  A 1 14 ? 3.802   10.737  0.227   1.00 99.43  ? 14  DG  A OP1   1 
ATOM   273 O  OP2   . DG  A 1 14 ? 4.760   8.358   0.232   1.00 95.76  ? 14  DG  A OP2   1 
ATOM   274 O  "O5'" . DG  A 1 14 ? 2.459   8.797   1.054   1.00 89.09  ? 14  DG  A "O5'" 1 
ATOM   275 C  "C5'" . DG  A 1 14 ? 1.214   9.450   1.031   1.00 86.22  ? 14  DG  A "C5'" 1 
ATOM   276 C  "C4'" . DG  A 1 14 ? 0.208   8.727   1.907   1.00 88.58  ? 14  DG  A "C4'" 1 
ATOM   277 O  "O4'" . DG  A 1 14 ? -0.310  7.568   1.217   1.00 85.44  ? 14  DG  A "O4'" 1 
ATOM   278 C  "C3'" . DG  A 1 14 ? 0.763   8.207   3.225   1.00 82.98  ? 14  DG  A "C3'" 1 
ATOM   279 O  "O3'" . DG  A 1 14 ? 0.663   9.240   4.209   1.00 85.94  ? 14  DG  A "O3'" 1 
ATOM   280 C  "C2'" . DG  A 1 14 ? -0.141  7.006   3.545   1.00 79.07  ? 14  DG  A "C2'" 1 
ATOM   281 C  "C1'" . DG  A 1 14 ? -0.728  6.606   2.172   1.00 85.97  ? 14  DG  A "C1'" 1 
ATOM   282 N  N9    . DG  A 1 14 ? -0.330  5.277   1.704   1.00 81.48  ? 14  DG  A N9    1 
ATOM   283 C  C8    . DG  A 1 14 ? 0.931   4.867   1.332   1.00 83.93  ? 14  DG  A C8    1 
ATOM   284 N  N7    . DG  A 1 14 ? 0.979   3.624   0.938   1.00 83.25  ? 14  DG  A N7    1 
ATOM   285 C  C5    . DG  A 1 14 ? -0.336  3.184   1.049   1.00 82.16  ? 14  DG  A C5    1 
ATOM   286 C  C6    . DG  A 1 14 ? -0.896  1.920   0.767   1.00 77.82  ? 14  DG  A C6    1 
ATOM   287 O  O6    . DG  A 1 14 ? -0.326  0.909   0.358   1.00 78.28  ? 14  DG  A O6    1 
ATOM   288 N  N1    . DG  A 1 14 ? -2.263  1.891   1.015   1.00 75.44  ? 14  DG  A N1    1 
ATOM   289 C  C2    . DG  A 1 14 ? -3.001  2.953   1.476   1.00 79.77  ? 14  DG  A C2    1 
ATOM   290 N  N2    . DG  A 1 14 ? -4.314  2.731   1.650   1.00 81.24  ? 14  DG  A N2    1 
ATOM   291 N  N3    . DG  A 1 14 ? -2.490  4.150   1.748   1.00 80.22  ? 14  DG  A N3    1 
ATOM   292 C  C4    . DG  A 1 14 ? -1.153  4.190   1.512   1.00 81.28  ? 14  DG  A C4    1 
ATOM   293 P  P     . DG  A 1 15 ? 0.825   8.924   5.779   1.00 91.02  ? 15  DG  A P     1 
ATOM   294 O  OP1   . DG  A 1 15 ? 1.310   10.163  6.436   1.00 97.66  ? 15  DG  A OP1   1 
ATOM   295 O  OP2   . DG  A 1 15 ? 1.656   7.710   5.996   1.00 85.28  ? 15  DG  A OP2   1 
ATOM   296 O  "O5'" . DG  A 1 15 ? -0.678  8.599   6.203   1.00 80.31  ? 15  DG  A "O5'" 1 
ATOM   297 C  "C5'" . DG  A 1 15 ? -0.928  7.654   7.212   1.00 86.62  ? 15  DG  A "C5'" 1 
ATOM   298 C  "C4'" . DG  A 1 15 ? -2.379  7.239   7.196   1.00 87.41  ? 15  DG  A "C4'" 1 
ATOM   299 O  "O4'" . DG  A 1 15 ? -2.575  6.304   6.122   1.00 84.24  ? 15  DG  A "O4'" 1 
ATOM   300 C  "C3'" . DG  A 1 15 ? -2.869  6.526   8.448   1.00 94.37  ? 15  DG  A "C3'" 1 
ATOM   301 O  "O3'" . DG  A 1 15 ? -4.270  6.710   8.588   1.00 94.51  ? 15  DG  A "O3'" 1 
ATOM   302 C  "C2'" . DG  A 1 15 ? -2.526  5.073   8.153   1.00 88.31  ? 15  DG  A "C2'" 1 
ATOM   303 C  "C1'" . DG  A 1 15 ? -2.751  5.001   6.641   1.00 86.84  ? 15  DG  A "C1'" 1 
ATOM   304 N  N9    . DG  A 1 15 ? -1.830  4.099   5.961   1.00 85.69  ? 15  DG  A N9    1 
ATOM   305 C  C8    . DG  A 1 15 ? -0.476  4.256   5.814   1.00 83.49  ? 15  DG  A C8    1 
ATOM   306 N  N7    . DG  A 1 15 ? 0.086   3.279   5.163   1.00 82.49  ? 15  DG  A N7    1 
ATOM   307 C  C5    . DG  A 1 15 ? -0.965  2.420   4.856   1.00 81.02  ? 15  DG  A C5    1 
ATOM   308 C  C6    . DG  A 1 15 ? -0.963  1.193   4.158   1.00 75.73  ? 15  DG  A C6    1 
ATOM   309 O  O6    . DG  A 1 15 ? -0.006  0.609   3.658   1.00 76.12  ? 15  DG  A O6    1 
ATOM   310 N  N1    . DG  A 1 15 ? -2.235  0.641   4.062   1.00 80.43  ? 15  DG  A N1    1 
ATOM   311 C  C2    . DG  A 1 15 ? -3.372  1.215   4.574   1.00 83.46  ? 15  DG  A C2    1 
ATOM   312 N  N2    . DG  A 1 15 ? -4.520  0.546   4.386   1.00 83.68  ? 15  DG  A N2    1 
ATOM   313 N  N3    . DG  A 1 15 ? -3.387  2.367   5.229   1.00 86.01  ? 15  DG  A N3    1 
ATOM   314 C  C4    . DG  A 1 15 ? -2.148  2.909   5.338   1.00 85.14  ? 15  DG  A C4    1 
ATOM   315 P  P     . DT  A 1 16 ? -4.842  7.584   9.807   1.00 102.25 ? 16  DT  A P     1 
ATOM   316 O  OP1   . DT  A 1 16 ? -6.303  7.701   9.605   1.00 110.28 ? 16  DT  A OP1   1 
ATOM   317 O  OP2   . DT  A 1 16 ? -4.013  8.807   9.901   1.00 99.71  ? 16  DT  A OP2   1 
ATOM   318 O  "O5'" . DT  A 1 16 ? -4.571  6.665   11.096  1.00 99.78  ? 16  DT  A "O5'" 1 
ATOM   319 C  "C5'" . DT  A 1 16 ? -3.788  7.153   12.191  1.00 92.65  ? 16  DT  A "C5'" 1 
ATOM   320 C  "C4'" . DT  A 1 16 ? -2.401  6.537   12.177  1.00 92.71  ? 16  DT  A "C4'" 1 
ATOM   321 O  "O4'" . DT  A 1 16 ? -1.454  7.481   12.731  1.00 92.34  ? 16  DT  A "O4'" 1 
ATOM   322 C  "C3'" . DT  A 1 16 ? -2.267  5.251   12.984  1.00 93.41  ? 16  DT  A "C3'" 1 
ATOM   323 O  "O3'" . DT  A 1 16 ? -2.412  4.123   12.115  1.00 87.51  ? 16  DT  A "O3'" 1 
ATOM   324 C  "C2'" . DT  A 1 16 ? -0.857  5.332   13.576  1.00 89.18  ? 16  DT  A "C2'" 1 
ATOM   325 C  "C1'" . DT  A 1 16 ? -0.560  6.838   13.608  1.00 89.56  ? 16  DT  A "C1'" 1 
ATOM   326 N  N1    . DT  A 1 16 ? -0.685  7.475   14.963  1.00 89.56  ? 16  DT  A N1    1 
ATOM   327 C  C2    . DT  A 1 16 ? 0.315   8.313   15.405  1.00 94.58  ? 16  DT  A C2    1 
ATOM   328 O  O2    . DT  A 1 16 ? 1.314   8.568   14.745  1.00 96.42  ? 16  DT  A O2    1 
ATOM   329 N  N3    . DT  A 1 16 ? 0.118   8.844   16.657  1.00 95.18  ? 16  DT  A N3    1 
ATOM   330 C  C4    . DT  A 1 16 ? -0.967  8.633   17.484  1.00 92.44  ? 16  DT  A C4    1 
ATOM   331 O  O4    . DT  A 1 16 ? -1.057  9.163   18.590  1.00 92.67  ? 16  DT  A O4    1 
ATOM   332 C  C5    . DT  A 1 16 ? -1.988  7.750   16.959  1.00 88.62  ? 16  DT  A C5    1 
ATOM   333 C  C7    . DT  A 1 16 ? -3.211  7.440   17.767  1.00 86.74  ? 16  DT  A C7    1 
ATOM   334 C  C6    . DT  A 1 16 ? -1.799  7.220   15.736  1.00 86.92  ? 16  DT  A C6    1 
ATOM   335 P  P     . DT  A 1 17 ? -2.628  2.640   12.706  1.00 88.84  ? 17  DT  A P     1 
ATOM   336 O  OP1   . DT  A 1 17 ? -3.739  2.663   13.684  1.00 79.53  ? 17  DT  A OP1   1 
ATOM   337 O  OP2   . DT  A 1 17 ? -1.319  2.105   13.141  1.00 87.45  ? 17  DT  A OP2   1 
ATOM   338 O  "O5'" . DT  A 1 17 ? -3.092  1.814   11.416  1.00 92.30  ? 17  DT  A "O5'" 1 
ATOM   339 C  "C5'" . DT  A 1 17 ? -4.120  2.333   10.586  1.00 83.44  ? 17  DT  A "C5'" 1 
ATOM   340 C  "C4'" . DT  A 1 17 ? -4.153  1.632   9.236   1.00 84.58  ? 17  DT  A "C4'" 1 
ATOM   341 O  "O4'" . DT  A 1 17 ? -2.998  2.006   8.438   1.00 84.25  ? 17  DT  A "O4'" 1 
ATOM   342 C  "C3'" . DT  A 1 17 ? -4.170  0.109   9.298   1.00 87.18  ? 17  DT  A "C3'" 1 
ATOM   343 O  "O3'" . DT  A 1 17 ? -5.097  -0.406  8.346   1.00 84.90  ? 17  DT  A "O3'" 1 
ATOM   344 C  "C2'" . DT  A 1 17 ? -2.732  -0.283  8.965   1.00 88.99  ? 17  DT  A "C2'" 1 
ATOM   345 C  "C1'" . DT  A 1 17 ? -2.269  0.856   8.062   1.00 86.42  ? 17  DT  A "C1'" 1 
ATOM   346 N  N1    . DT  A 1 17 ? -0.827  1.161   8.221   1.00 89.19  ? 17  DT  A N1    1 
ATOM   347 C  C2    . DT  A 1 17 ? 0.092   0.462   7.482   1.00 86.80  ? 17  DT  A C2    1 
ATOM   348 O  O2    . DT  A 1 17 ? -0.211  -0.402  6.687   1.00 89.35  ? 17  DT  A O2    1 
ATOM   349 N  N3    . DT  A 1 17 ? 1.398   0.813   7.712   1.00 91.66  ? 17  DT  A N3    1 
ATOM   350 C  C4    . DT  A 1 17 ? 1.864   1.769   8.592   1.00 95.77  ? 17  DT  A C4    1 
ATOM   351 O  O4    . DT  A 1 17 ? 3.063   2.015   8.726   1.00 98.13  ? 17  DT  A O4    1 
ATOM   352 C  C5    . DT  A 1 17 ? 0.846   2.465   9.346   1.00 93.28  ? 17  DT  A C5    1 
ATOM   353 C  C7    . DT  A 1 17 ? 1.226   3.527   10.331  1.00 86.81  ? 17  DT  A C7    1 
ATOM   354 C  C6    . DT  A 1 17 ? -0.437  2.126   9.126   1.00 92.37  ? 17  DT  A C6    1 
ATOM   355 P  P     . DA  A 1 18 ? -5.940  -1.734  8.679   1.00 90.89  ? 18  DA  A P     1 
ATOM   356 O  OP1   . DA  A 1 18 ? -6.959  -1.904  7.618   1.00 87.50  ? 18  DA  A OP1   1 
ATOM   357 O  OP2   . DA  A 1 18 ? -6.376  -1.650  10.089  1.00 87.43  ? 18  DA  A OP2   1 
ATOM   358 O  "O5'" . DA  A 1 18 ? -4.862  -2.913  8.567   1.00 87.25  ? 18  DA  A "O5'" 1 
ATOM   359 C  "C5'" . DA  A 1 18 ? -4.384  -3.304  7.283   1.00 91.32  ? 18  DA  A "C5'" 1 
ATOM   360 C  "C4'" . DA  A 1 18 ? -3.368  -4.416  7.398   1.00 89.70  ? 18  DA  A "C4'" 1 
ATOM   361 O  "O4'" . DA  A 1 18 ? -2.148  -3.883  7.969   1.00 91.69  ? 18  DA  A "O4'" 1 
ATOM   362 C  "C3'" . DA  A 1 18 ? -3.786  -5.564  8.305   1.00 91.29  ? 18  DA  A "C3'" 1 
ATOM   363 O  "O3'" . DA  A 1 18 ? -3.193  -6.768  7.863   1.00 98.05  ? 18  DA  A "O3'" 1 
ATOM   364 C  "C2'" . DA  A 1 18 ? -3.211  -5.134  9.645   1.00 94.08  ? 18  DA  A "C2'" 1 
ATOM   365 C  "C1'" . DA  A 1 18 ? -1.890  -4.512  9.207   1.00 92.69  ? 18  DA  A "C1'" 1 
ATOM   366 N  N9    . DA  A 1 18 ? -1.372  -3.515  10.133  1.00 92.27  ? 18  DA  A N9    1 
ATOM   367 C  C8    . DA  A 1 18 ? -1.926  -3.122  11.329  1.00 91.85  ? 18  DA  A C8    1 
ATOM   368 N  N7    . DA  A 1 18 ? -1.237  -2.198  11.955  1.00 91.48  ? 18  DA  A N7    1 
ATOM   369 C  C5    . DA  A 1 18 ? -0.155  -1.966  11.115  1.00 92.02  ? 18  DA  A C5    1 
ATOM   370 C  C6    . DA  A 1 18 ? 0.950   -1.098  11.209  1.00 93.42  ? 18  DA  A C6    1 
ATOM   371 N  N6    . DA  A 1 18 ? 1.147   -0.268  12.240  1.00 92.25  ? 18  DA  A N6    1 
ATOM   372 N  N1    . DA  A 1 18 ? 1.849   -1.117  10.193  1.00 96.27  ? 18  DA  A N1    1 
ATOM   373 C  C2    . DA  A 1 18 ? 1.646   -1.951  9.162   1.00 94.63  ? 18  DA  A C2    1 
ATOM   374 N  N3    . DA  A 1 18 ? 0.647   -2.812  8.965   1.00 91.36  ? 18  DA  A N3    1 
ATOM   375 C  C4    . DA  A 1 18 ? -0.226  -2.766  9.991   1.00 91.22  ? 18  DA  A C4    1 
ATOM   376 P  P     . DG  A 1 19 ? -4.090  -8.087  7.670   1.00 105.53 ? 19  DG  A P     1 
ATOM   377 O  OP1   . DG  A 1 19 ? -5.022  -8.170  8.819   1.00 97.46  ? 19  DG  A OP1   1 
ATOM   378 O  OP2   . DG  A 1 19 ? -3.180  -9.219  7.378   1.00 105.83 ? 19  DG  A OP2   1 
ATOM   379 O  "O5'" . DG  A 1 19 ? -4.920  -7.777  6.339   1.00 97.14  ? 19  DG  A "O5'" 1 
ATOM   380 C  "C5'" . DG  A 1 19 ? -6.260  -8.222  6.221   1.00 91.81  ? 19  DG  A "C5'" 1 
ATOM   381 C  "C4'" . DG  A 1 19 ? -7.106  -7.187  5.505   1.00 95.90  ? 19  DG  A "C4'" 1 
ATOM   382 O  "O4'" . DG  A 1 19 ? -6.423  -5.903  5.506   1.00 96.20  ? 19  DG  A "O4'" 1 
ATOM   383 C  "C3'" . DG  A 1 19 ? -7.405  -7.498  4.034   1.00 97.80  ? 19  DG  A "C3'" 1 
ATOM   384 O  "O3'" . DG  A 1 19 ? -8.795  -7.309  3.786   1.00 96.34  ? 19  DG  A "O3'" 1 
ATOM   385 C  "C2'" . DG  A 1 19 ? -6.542  -6.484  3.277   1.00 92.12  ? 19  DG  A "C2'" 1 
ATOM   386 C  "C1'" . DG  A 1 19 ? -6.579  -5.318  4.236   1.00 92.22  ? 19  DG  A "C1'" 1 
ATOM   387 N  N9    . DG  A 1 19 ? -5.527  -4.326  4.027   1.00 89.16  ? 19  DG  A N9    1 
ATOM   388 C  C8    . DG  A 1 19 ? -5.686  -2.963  3.992   1.00 88.09  ? 19  DG  A C8    1 
ATOM   389 N  N7    . DG  A 1 19 ? -4.576  -2.313  3.797   1.00 86.01  ? 19  DG  A N7    1 
ATOM   390 C  C5    . DG  A 1 19 ? -3.614  -3.307  3.696   1.00 87.60  ? 19  DG  A C5    1 
ATOM   391 C  C6    . DG  A 1 19 ? -2.217  -3.201  3.490   1.00 85.42  ? 19  DG  A C6    1 
ATOM   392 O  O6    . DG  A 1 19 ? -1.540  -2.173  3.357   1.00 85.46  ? 19  DG  A O6    1 
ATOM   393 N  N1    . DG  A 1 19 ? -1.605  -4.451  3.449   1.00 82.94  ? 19  DG  A N1    1 
ATOM   394 C  C2    . DG  A 1 19 ? -2.257  -5.648  3.594   1.00 85.20  ? 19  DG  A C2    1 
ATOM   395 N  N2    . DG  A 1 19 ? -1.496  -6.746  3.523   1.00 84.16  ? 19  DG  A N2    1 
ATOM   396 N  N3    . DG  A 1 19 ? -3.568  -5.762  3.793   1.00 90.23  ? 19  DG  A N3    1 
ATOM   397 C  C4    . DG  A 1 19 ? -4.181  -4.554  3.831   1.00 89.62  ? 19  DG  A C4    1 
ATOM   398 P  P     . DG  A 1 20 ? -9.386  -7.407  2.297   1.00 101.18 ? 20  DG  A P     1 
ATOM   399 O  OP1   . DG  A 1 20 ? -10.657 -8.168  2.354   1.00 103.31 ? 20  DG  A OP1   1 
ATOM   400 O  OP2   . DG  A 1 20 ? -8.294  -7.877  1.414   1.00 100.48 ? 20  DG  A OP2   1 
ATOM   401 O  "O5'" . DG  A 1 20 ? -9.733  -5.890  1.931   1.00 94.12  ? 20  DG  A "O5'" 1 
ATOM   402 C  "C5'" . DG  A 1 20 ? -9.026  -4.841  2.544   1.00 88.87  ? 20  DG  A "C5'" 1 
ATOM   403 C  "C4'" . DG  A 1 20 ? -9.461  -3.494  1.998   1.00 89.34  ? 20  DG  A "C4'" 1 
ATOM   404 O  "O4'" . DG  A 1 20 ? -8.392  -2.528  2.193   1.00 86.82  ? 20  DG  A "O4'" 1 
ATOM   405 C  "C3'" . DG  A 1 20 ? -9.778  -3.458  0.499   1.00 87.11  ? 20  DG  A "C3'" 1 
ATOM   406 O  "O3'" . DG  A 1 20 ? -10.877 -2.594  0.287   1.00 92.07  ? 20  DG  A "O3'" 1 
ATOM   407 C  "C2'" . DG  A 1 20 ? -8.498  -2.878  -0.104  1.00 83.84  ? 20  DG  A "C2'" 1 
ATOM   408 C  "C1'" . DG  A 1 20 ? -8.141  -1.868  0.966   1.00 87.30  ? 20  DG  A "C1'" 1 
ATOM   409 N  N9    . DG  A 1 20 ? -6.753  -1.396  0.942   1.00 83.58  ? 20  DG  A N9    1 
ATOM   410 C  C8    . DG  A 1 20 ? -6.327  -0.103  1.161   1.00 81.74  ? 20  DG  A C8    1 
ATOM   411 N  N7    . DG  A 1 20 ? -5.038  0.045   1.086   1.00 79.84  ? 20  DG  A N7    1 
ATOM   412 C  C5    . DG  A 1 20 ? -4.571  -1.230  0.803   1.00 82.52  ? 20  DG  A C5    1 
ATOM   413 C  C6    . DG  A 1 20 ? -3.254  -1.683  0.618   1.00 82.18  ? 20  DG  A C6    1 
ATOM   414 O  O6    . DG  A 1 20 ? -2.206  -1.028  0.677   1.00 81.50  ? 20  DG  A O6    1 
ATOM   415 N  N1    . DG  A 1 20 ? -3.210  -3.049  0.347   1.00 81.38  ? 20  DG  A N1    1 
ATOM   416 C  C2    . DG  A 1 20 ? -4.309  -3.874  0.265   1.00 86.15  ? 20  DG  A C2    1 
ATOM   417 N  N2    . DG  A 1 20 ? -4.060  -5.166  -0.002  1.00 85.72  ? 20  DG  A N2    1 
ATOM   418 N  N3    . DG  A 1 20 ? -5.561  -3.462  0.437   1.00 86.16  ? 20  DG  A N3    1 
ATOM   419 C  C4    . DG  A 1 20 ? -5.616  -2.131  0.704   1.00 83.94  ? 20  DG  A C4    1 
ATOM   420 P  P     . DG  A 1 21 ? -11.743 -2.673  -1.063  1.00 102.08 ? 21  DG  A P     1 
ATOM   421 O  OP1   . DG  A 1 21 ? -13.127 -3.033  -0.663  1.00 104.04 ? 21  DG  A OP1   1 
ATOM   422 O  OP2   . DG  A 1 21 ? -11.024 -3.517  -2.052  1.00 99.39  ? 21  DG  A OP2   1 
ATOM   423 O  "O5'" . DG  A 1 21 ? -11.727 -1.164  -1.597  1.00 92.39  ? 21  DG  A "O5'" 1 
ATOM   424 C  "C5'" . DG  A 1 21 ? -12.031 -0.096  -0.705  1.00 88.62  ? 21  DG  A "C5'" 1 
ATOM   425 C  "C4'" . DG  A 1 21 ? -11.256 1.151   -1.089  1.00 88.78  ? 21  DG  A "C4'" 1 
ATOM   426 O  "O4'" . DG  A 1 21 ? -9.830  0.918   -0.940  1.00 85.55  ? 21  DG  A "O4'" 1 
ATOM   427 C  "C3'" . DG  A 1 21 ? -11.450 1.593   -2.535  1.00 97.72  ? 21  DG  A "C3'" 1 
ATOM   428 O  "O3'" . DG  A 1 21 ? -11.688 2.994   -2.578  1.00 106.17 ? 21  DG  A "O3'" 1 
ATOM   429 C  "C2'" . DG  A 1 21 ? -10.130 1.216   -3.220  1.00 91.56  ? 21  DG  A "C2'" 1 
ATOM   430 C  "C1'" . DG  A 1 21 ? -9.151  1.399   -2.093  1.00 85.77  ? 21  DG  A "C1'" 1 
ATOM   431 N  N9    . DG  A 1 21 ? -7.916  0.633   -2.265  1.00 82.81  ? 21  DG  A N9    1 
ATOM   432 C  C8    . DG  A 1 21 ? -7.809  -0.706  -2.544  1.00 83.49  ? 21  DG  A C8    1 
ATOM   433 N  N7    . DG  A 1 21 ? -6.576  -1.126  -2.613  1.00 79.44  ? 21  DG  A N7    1 
ATOM   434 C  C5    . DG  A 1 21 ? -5.815  0.008   -2.364  1.00 78.79  ? 21  DG  A C5    1 
ATOM   435 C  C6    . DG  A 1 21 ? -4.410  0.173   -2.310  1.00 80.48  ? 21  DG  A C6    1 
ATOM   436 O  O6    . DG  A 1 21 ? -3.529  -0.678  -2.473  1.00 80.51  ? 21  DG  A O6    1 
ATOM   437 N  N1    . DG  A 1 21 ? -4.055  1.489   -2.033  1.00 78.82  ? 21  DG  A N1    1 
ATOM   438 C  C2    . DG  A 1 21 ? -4.943  2.515   -1.834  1.00 78.54  ? 21  DG  A C2    1 
ATOM   439 N  N2    . DG  A 1 21 ? -4.414  3.718   -1.584  1.00 79.52  ? 21  DG  A N2    1 
ATOM   440 N  N3    . DG  A 1 21 ? -6.258  2.374   -1.877  1.00 77.96  ? 21  DG  A N3    1 
ATOM   441 C  C4    . DG  A 1 21 ? -6.623  1.099   -2.149  1.00 79.53  ? 21  DG  A C4    1 
HETATM 442 C  C10   . 0K8 B 2 .  ? -2.728  -1.643  -6.200  1.00 76.57  ? 101 0K8 A C10   1 
HETATM 443 C  C11   . 0K8 B 2 .  ? -4.095  -1.856  -5.878  1.00 78.12  ? 101 0K8 A C11   1 
HETATM 444 C  C12   . 0K8 B 2 .  ? -4.915  -0.817  -5.542  1.00 77.90  ? 101 0K8 A C12   1 
HETATM 445 C  C13   . 0K8 B 2 .  ? -2.163  -0.377  -6.191  1.00 78.02  ? 101 0K8 A C13   1 
HETATM 446 C  C14   . 0K8 B 2 .  ? -3.002  0.740   -5.840  1.00 76.75  ? 101 0K8 A C14   1 
HETATM 447 C  C15   . 0K8 B 2 .  ? -4.390  0.501   -5.517  1.00 76.87  ? 101 0K8 A C15   1 
HETATM 448 C  C17   . 0K8 B 2 .  ? -4.699  2.730   -5.159  1.00 78.53  ? 101 0K8 A C17   1 
HETATM 449 C  C16   . 0K8 B 2 .  ? -3.332  2.979   -5.477  1.00 79.66  ? 101 0K8 A C16   1 
HETATM 450 N  N7    . 0K8 B 2 .  ? -6.600  9.123   -4.205  1.00 88.22  ? 101 0K8 A N7    1 
HETATM 451 N  N6    . 0K8 B 2 .  ? -4.215  8.094   -2.452  1.00 86.66  ? 101 0K8 A N6    1 
HETATM 452 N  N1    . 0K8 B 2 .  ? -2.513  1.996   -5.810  1.00 78.30  ? 101 0K8 A N1    1 
HETATM 453 N  N3    . 0K8 B 2 .  ? -3.245  6.700   -5.029  1.00 79.69  ? 101 0K8 A N3    1 
HETATM 454 C  C18   . 0K8 B 2 .  ? -2.806  4.347   -5.447  1.00 81.32  ? 101 0K8 A C18   1 
HETATM 455 C  C19   . 0K8 B 2 .  ? -1.465  4.653   -5.750  1.00 80.59  ? 101 0K8 A C19   1 
HETATM 456 C  C20   . 0K8 B 2 .  ? -1.055  5.980   -5.690  1.00 82.47  ? 101 0K8 A C20   1 
HETATM 457 C  C21   . 0K8 B 2 .  ? -1.972  6.979   -5.334  1.00 81.72  ? 101 0K8 A C21   1 
HETATM 458 C  C22   . 0K8 B 2 .  ? -3.663  5.402   -5.096  1.00 81.45  ? 101 0K8 A C22   1 
HETATM 459 C  C23   . 0K8 B 2 .  ? -5.053  5.136   -4.771  1.00 82.01  ? 101 0K8 A C23   1 
HETATM 460 C  C24   . 0K8 B 2 .  ? -5.573  3.836   -4.799  1.00 80.67  ? 101 0K8 A C24   1 
HETATM 461 C  C25   . 0K8 B 2 .  ? -7.121  6.016   -4.139  1.00 87.15  ? 101 0K8 A C25   1 
HETATM 462 C  C26   . 0K8 B 2 .  ? -7.705  4.748   -4.139  1.00 86.73  ? 101 0K8 A C26   1 
HETATM 463 C  C27   . 0K8 B 2 .  ? -6.929  3.649   -4.479  1.00 83.03  ? 101 0K8 A C27   1 
HETATM 464 C  C28   . 0K8 B 2 .  ? -3.221  10.569  -5.454  1.00 92.77  ? 101 0K8 A C28   1 
HETATM 465 C  C29   . 0K8 B 2 .  ? -2.366  11.680  -5.296  1.00 98.31  ? 101 0K8 A C29   1 
HETATM 466 C  C30   . 0K8 B 2 .  ? -1.822  11.962  -4.054  1.00 92.87  ? 101 0K8 A C30   1 
HETATM 467 C  C31   . 0K8 B 2 .  ? -3.017  10.024  -3.217  1.00 91.20  ? 101 0K8 A C31   1 
HETATM 468 C  C32   . 0K8 B 2 .  ? -2.146  11.121  -2.964  1.00 95.69  ? 101 0K8 A C32   1 
HETATM 469 C  C33   . 0K8 B 2 .  ? -1.635  11.323  -1.631  1.00 87.77  ? 101 0K8 A C33   1 
HETATM 470 C  C34   . 0K8 B 2 .  ? -1.980  10.477  -0.615  1.00 85.14  ? 101 0K8 A C34   1 
HETATM 471 C  C35   . 0K8 B 2 .  ? -2.859  9.359   -0.841  1.00 91.14  ? 101 0K8 A C35   1 
HETATM 472 C  C36   . 0K8 B 2 .  ? -3.248  8.455   0.179   1.00 86.92  ? 101 0K8 A C36   1 
HETATM 473 C  C37   . 0K8 B 2 .  ? -4.100  7.411   -0.142  1.00 87.54  ? 101 0K8 A C37   1 
HETATM 474 C  C38   . 0K8 B 2 .  ? -4.563  7.265   -1.465  1.00 86.91  ? 101 0K8 A C38   1 
HETATM 475 C  C39   . 0K8 B 2 .  ? -3.377  9.137   -2.147  1.00 89.09  ? 101 0K8 A C39   1 
HETATM 476 C  C40   . 0K8 B 2 .  ? -7.140  9.557   -3.068  1.00 95.50  ? 101 0K8 A C40   1 
HETATM 477 C  C41   . 0K8 B 2 .  ? -8.355  10.265  -3.009  1.00 96.48  ? 101 0K8 A C41   1 
HETATM 478 C  C42   . 0K8 B 2 .  ? -9.052  10.524  -4.175  1.00 92.57  ? 101 0K8 A C42   1 
HETATM 479 C  C43   . 0K8 B 2 .  ? -8.513  10.065  -5.396  1.00 94.46  ? 101 0K8 A C43   1 
HETATM 480 C  C44   . 0K8 B 2 .  ? -7.281  9.360   -5.361  1.00 93.39  ? 101 0K8 A C44   1 
HETATM 481 C  C45   . 0K8 B 2 .  ? -9.151  10.270  -6.662  1.00 93.71  ? 101 0K8 A C45   1 
HETATM 482 C  C46   . 0K8 B 2 .  ? -8.592  9.805   -7.814  1.00 92.53  ? 101 0K8 A C46   1 
HETATM 483 C  C47   . 0K8 B 2 .  ? -7.349  9.090   -7.803  1.00 89.12  ? 101 0K8 A C47   1 
HETATM 484 C  C48   . 0K8 B 2 .  ? -6.692  8.870   -6.572  1.00 93.26  ? 101 0K8 A C48   1 
HETATM 485 C  C49   . 0K8 B 2 .  ? -6.735  8.593   -8.974  1.00 88.76  ? 101 0K8 A C49   1 
HETATM 486 C  C50   . 0K8 B 2 .  ? -5.530  7.915   -8.874  1.00 89.23  ? 101 0K8 A C50   1 
HETATM 487 C  C51   . 0K8 B 2 .  ? -4.943  7.731   -7.609  1.00 86.66  ? 101 0K8 A C51   1 
HETATM 488 C  C52   . 0K8 B 2 .  ? -0.709  -0.201  -6.541  1.00 79.88  ? 101 0K8 A C52   1 
HETATM 489 C  C53   . 0K8 B 2 .  ? 0.057   -1.423  -6.898  1.00 76.89  ? 101 0K8 A C53   1 
HETATM 490 C  C54   . 0K8 B 2 .  ? -0.521  -2.700  -6.897  1.00 76.40  ? 101 0K8 A C54   1 
HETATM 491 C  C55   . 0K8 B 2 .  ? 1.404   -1.283  -7.231  1.00 80.81  ? 101 0K8 A C55   1 
HETATM 492 C  C56   . 0K8 B 2 .  ? 2.162   -2.402  -7.560  1.00 86.26  ? 101 0K8 A C56   1 
HETATM 493 C  C57   . 0K8 B 2 .  ? 1.582   -3.674  -7.565  1.00 84.23  ? 101 0K8 A C57   1 
HETATM 494 C  C58   . 0K8 B 2 .  ? 0.240   -3.820  -7.234  1.00 79.64  ? 101 0K8 A C58   1 
HETATM 495 C  C9    . 0K8 B 2 .  ? -1.940  -2.875  -6.551  1.00 76.10  ? 101 0K8 A C9    1 
HETATM 496 N  N2    . 0K8 B 2 .  ? -5.210  1.511   -5.179  1.00 78.75  ? 101 0K8 A N2    1 
HETATM 497 N  N4    . 0K8 B 2 .  ? -5.830  6.199   -4.437  1.00 85.15  ? 101 0K8 A N4    1 
HETATM 498 N  N5    . 0K8 B 2 .  ? -3.553  9.758   -4.451  1.00 91.08  ? 101 0K8 A N5    1 
HETATM 499 N  N8    . 0K8 B 2 .  ? -5.501  8.200   -6.485  1.00 90.89  ? 101 0K8 A N8    1 
HETATM 500 O  O59   . 0K8 B 2 .  ? -0.166  0.892   -6.544  1.00 81.80  ? 101 0K8 A O59   1 
HETATM 501 O  O60   . 0K8 B 2 .  ? -2.485  -3.965  -6.541  1.00 76.62  ? 101 0K8 A O60   1 
HETATM 502 RU RU1   . 0K8 B 2 .  ? -4.800  8.033   -4.495  1.00 103.78 ? 101 0K8 A RU1   1 
HETATM 503 H  H62   . 0K8 B 2 .  ? -4.456  -2.879  -5.911  1.00 95.21  ? 101 0K8 A H62   1 
HETATM 504 H  H63   . 0K8 B 2 .  ? -5.963  -0.960  -5.292  1.00 94.95  ? 101 0K8 A H63   1 
HETATM 505 H  H64   . 0K8 B 2 .  ? -0.792  3.841   -6.020  1.00 98.18  ? 101 0K8 A H64   1 
HETATM 506 H  H65   . 0K8 B 2 .  ? -0.030  6.259   -5.916  1.00 100.43 ? 101 0K8 A H65   1 
HETATM 507 H  H66   . 0K8 B 2 .  ? -1.682  8.024   -5.292  1.00 99.53  ? 101 0K8 A H66   1 
HETATM 508 H  H67   . 0K8 B 2 .  ? -7.695  6.904   -3.894  1.00 106.04 ? 101 0K8 A H67   1 
HETATM 509 H  H68   . 0K8 B 2 .  ? -8.753  4.640   -3.875  1.00 105.54 ? 101 0K8 A H68   1 
HETATM 510 H  H69   . 0K8 B 2 .  ? -7.338  2.644   -4.505  1.00 101.10 ? 101 0K8 A H69   1 
HETATM 511 H  H70   . 0K8 B 2 .  ? -3.648  10.331  -6.424  1.00 112.79 ? 101 0K8 A H70   1 
HETATM 512 H  H71   . 0K8 B 2 .  ? -2.146  12.303  -6.158  1.00 119.44 ? 101 0K8 A H71   1 
HETATM 513 H  H72   . 0K8 B 2 .  ? -1.158  12.811  -3.910  1.00 112.91 ? 101 0K8 A H72   1 
HETATM 514 H  H73   . 0K8 B 2 .  ? -0.970  12.163  -1.450  1.00 106.79 ? 101 0K8 A H73   1 
HETATM 515 H  H74   . 0K8 B 2 .  ? -1.592  10.636  0.389   1.00 103.64 ? 101 0K8 A H74   1 
HETATM 516 H  H75   . 0K8 B 2 .  ? -2.878  8.588   1.193   1.00 105.77 ? 101 0K8 A H75   1 
HETATM 517 H  H76   . 0K8 B 2 .  ? -4.420  6.696   0.611   1.00 106.51 ? 101 0K8 A H76   1 
HETATM 518 H  H77   . 0K8 B 2 .  ? -5.236  6.455   -1.732  1.00 105.76 ? 101 0K8 A H77   1 
HETATM 519 H  H78   . 0K8 B 2 .  ? -6.585  9.334   -2.161  1.00 116.07 ? 101 0K8 A H78   1 
HETATM 520 H  H79   . 0K8 B 2 .  ? -8.729  10.599  -2.045  1.00 117.24 ? 101 0K8 A H79   1 
HETATM 521 H  H80   . 0K8 B 2 .  ? -9.994  11.067  -4.162  1.00 112.55 ? 101 0K8 A H80   1 
HETATM 522 H  H81   . 0K8 B 2 .  ? -10.096 10.809  -6.685  1.00 113.92 ? 101 0K8 A H81   1 
HETATM 523 H  H82   . 0K8 B 2 .  ? -9.085  9.970   -8.768  1.00 112.50 ? 101 0K8 A H82   1 
HETATM 524 H  H83   . 0K8 B 2 .  ? -7.209  8.745   -9.941  1.00 107.98 ? 101 0K8 A H83   1 
HETATM 525 H  H84   . 0K8 B 2 .  ? -5.031  7.521   -9.754  1.00 108.55 ? 101 0K8 A H84   1 
HETATM 526 H  H85   . 0K8 B 2 .  ? -4.003  7.194   -7.500  1.00 105.46 ? 101 0K8 A H85   1 
HETATM 527 H  H86   . 0K8 B 2 .  ? 1.839   -0.289  -7.225  1.00 98.44  ? 101 0K8 A H86   1 
HETATM 528 H  H87   . 0K8 B 2 .  ? 3.213   -2.286  -7.815  1.00 104.98 ? 101 0K8 A H87   1 
HETATM 529 H  H88   . 0K8 B 2 .  ? 2.177   -4.545  -7.826  1.00 102.55 ? 101 0K8 A H88   1 
HETATM 530 H  H89   . 0K8 B 2 .  ? -0.239  -4.795  -7.229  1.00 97.04  ? 101 0K8 A H89   1 
HETATM 531 K  K     . K   C 3 .  ? 0.290   -1.443  1.511   1.00 74.39  ? 102 K   A K     1 
HETATM 532 K  K     . K   D 3 .  ? -0.796  -0.829  -1.739  1.00 79.42  ? 103 K   A K     1 
# 
loop_
_atom_site_anisotrop.id 
_atom_site_anisotrop.type_symbol 
_atom_site_anisotrop.pdbx_label_atom_id 
_atom_site_anisotrop.pdbx_label_alt_id 
_atom_site_anisotrop.pdbx_label_comp_id 
_atom_site_anisotrop.pdbx_label_asym_id 
_atom_site_anisotrop.pdbx_label_seq_id 
_atom_site_anisotrop.pdbx_PDB_ins_code 
_atom_site_anisotrop.U[1][1] 
_atom_site_anisotrop.U[2][2] 
_atom_site_anisotrop.U[3][3] 
_atom_site_anisotrop.U[1][2] 
_atom_site_anisotrop.U[1][3] 
_atom_site_anisotrop.U[2][3] 
_atom_site_anisotrop.pdbx_auth_seq_id 
_atom_site_anisotrop.pdbx_auth_comp_id 
_atom_site_anisotrop.pdbx_auth_asym_id 
_atom_site_anisotrop.pdbx_auth_atom_id 
1   C "C4'" . DG A 1  ? 1.4120 1.0263 1.1490 -0.4220 0.1311  0.1946  1  DG A "C4'" 
2   O "O4'" . DG A 1  ? 1.3491 1.0626 1.1117 -0.4379 0.1537  0.1315  1  DG A "O4'" 
3   C "C3'" . DG A 1  ? 1.4227 1.0266 1.1885 -0.3763 0.0679  0.2145  1  DG A "C3'" 
4   O "O3'" . DG A 1  ? 1.5682 1.0681 1.3490 -0.3475 0.0399  0.2510  1  DG A "O3'" 
5   C "C2'" . DG A 1  ? 1.3442 1.0526 1.2238 -0.3565 0.0591  0.1369  1  DG A "C2'" 
6   C "C1'" . DG A 1  ? 1.2940 1.0677 1.1581 -0.4046 0.1186  0.0890  1  DG A "C1'" 
7   N N9    . DG A 1  ? 1.2093 1.0694 1.0445 -0.4239 0.1208  0.0591  1  DG A N9    
8   C C8    . DG A 1  ? 1.1676 1.1163 1.0787 -0.4048 0.0914  0.0127  1  DG A C8    
9   N N7    . DG A 1  ? 1.1081 1.1196 0.9628 -0.4390 0.1054  -0.0084 1  DG A N7    
10  C C5    . DG A 1  ? 1.1600 1.1131 0.8889 -0.4766 0.1435  0.0275  1  DG A C5    
11  C C6    . DG A 1  ? 1.1359 1.1018 0.7484 -0.5126 0.1672  0.0237  1  DG A C6    
12  O O6    . DG A 1  ? 1.0984 1.1276 0.6909 -0.5337 0.1655  -0.0105 1  DG A O6    
13  N N1    . DG A 1  ? 1.1895 1.0945 0.7522 -0.4577 0.1578  0.0376  1  DG A N1    
14  C C2    . DG A 1  ? 1.2031 1.0586 0.7888 -0.4329 0.1619  0.0664  1  DG A C2    
15  N N2    . DG A 1  ? 1.2598 1.0992 0.8240 -0.3876 0.1520  0.0643  1  DG A N2    
16  N N3    . DG A 1  ? 1.2001 1.0241 0.8438 -0.4559 0.1707  0.0909  1  DG A N3    
17  C C4    . DG A 1  ? 1.2114 1.0810 0.9329 -0.4666 0.1533  0.0669  1  DG A C4    
18  P P     . DG A 2  ? 1.4525 0.9463 1.3498 -0.2890 -0.0044 0.2139  2  DG A P     
19  O OP1   . DG A 2  ? 1.3531 0.9150 1.3508 -0.2972 0.0311  0.1412  2  DG A OP1   
20  O OP2   . DG A 2  ? 1.5434 0.8953 1.3978 -0.2642 -0.0369 0.2710  2  DG A OP2   
21  O "O5'" . DG A 2  ? 1.4120 0.9893 1.3362 -0.2526 -0.0535 0.1952  2  DG A "O5'" 
22  C "C5'" . DG A 2  ? 1.4035 1.0588 1.4489 -0.2074 -0.0829 0.1289  2  DG A "C5'" 
23  C "C4'" . DG A 2  ? 1.4173 1.1509 1.4689 -0.1778 -0.1309 0.1195  2  DG A "C4'" 
24  O "O4'" . DG A 2  ? 1.3200 1.1536 1.3377 -0.2316 -0.0931 0.0978  2  DG A "O4'" 
25  C "C3'" . DG A 2  ? 1.5264 1.1628 1.4804 -0.1514 -0.1797 0.1969  2  DG A "C3'" 
26  O "O3'" . DG A 2  ? 1.5745 1.2687 1.5797 -0.0908 -0.2442 0.1721  2  DG A "O3'" 
27  C "C2'" . DG A 2  ? 1.4683 1.1248 1.3171 -0.2117 -0.1435 0.2325  2  DG A "C2'" 
28  C "C1'" . DG A 2  ? 1.3591 1.1676 1.2762 -0.2359 -0.1175 0.1548  2  DG A "C1'" 
29  N N9    . DG A 2  ? 1.2987 1.1401 1.1289 -0.3003 -0.0673 0.1611  2  DG A N9    
30  C C8    . DG A 2  ? 1.3444 1.1104 1.0655 -0.3410 -0.0287 0.2129  2  DG A C8    
31  N N7    . DG A 2  ? 1.2674 1.0822 0.9188 -0.3869 0.0068  0.2010  2  DG A N7    
32  C C5    . DG A 2  ? 1.1909 1.1159 0.9076 -0.3841 -0.0060 0.1392  2  DG A C5    
33  C C6    . DG A 2  ? 1.1714 1.1765 0.8460 -0.4278 0.0199  0.0998  2  DG A C6    
34  O O6    . DG A 2  ? 1.1962 1.1802 0.7568 -0.4722 0.0570  0.1144  2  DG A O6    
35  N N1    . DG A 2  ? 1.1439 1.2609 0.9160 -0.4161 -0.0017 0.0344  2  DG A N1    
36  C C2    . DG A 2  ? 1.1472 1.3000 1.0452 -0.3592 -0.0473 0.0088  2  DG A C2    
37  N N2    . DG A 2  ? 1.1281 1.4095 1.1124 -0.3542 -0.0633 -0.0620 2  DG A N2    
38  N N3    . DG A 2  ? 1.2035 1.2700 1.1329 -0.3109 -0.0757 0.0470  2  DG A N3    
39  C C4    . DG A 2  ? 1.2184 1.1710 1.0518 -0.3307 -0.0512 0.1121  2  DG A C4    
40  P P     . DG A 3  ? 1.7074 1.3037 1.6267 -0.0433 -0.3106 0.2401  3  DG A P     
41  O OP1   . DG A 3  ? 1.8333 1.3129 1.7728 0.0214  -0.3552 0.2493  3  DG A OP1   
42  O OP2   . DG A 3  ? 1.7074 1.2325 1.4922 -0.0979 -0.2814 0.3150  3  DG A OP2   
43  O "O5'" . DG A 3  ? 1.6852 1.4281 1.6618 -0.0095 -0.3557 0.1910  3  DG A "O5'" 
44  C "C5'" . DG A 3  ? 1.6558 1.5235 1.7718 0.0329  -0.3772 0.1019  3  DG A "C5'" 
45  C "C4'" . DG A 3  ? 1.5847 1.6274 1.7434 0.0192  -0.3842 0.0476  3  DG A "C4'" 
46  O "O4'" . DG A 3  ? 1.4758 1.5658 1.5840 -0.0709 -0.3138 0.0477  3  DG A "O4'" 
47  C "C3'" . DG A 3  ? 1.6606 1.6991 1.7584 0.0556  -0.4454 0.0845  3  DG A "C3'" 
48  O "O3'" . DG A 3  ? 1.6362 1.8482 1.8340 0.0869  -0.4808 0.0047  3  DG A "O3'" 
49  C "C2'" . DG A 3  ? 1.6098 1.6231 1.5860 -0.0226 -0.3997 0.1407  3  DG A "C2'" 
50  C "C1'" . DG A 3  ? 1.4810 1.5917 1.5021 -0.0930 -0.3264 0.0827  3  DG A "C1'" 
51  N N9    . DG A 3  ? 1.4328 1.4802 1.3382 -0.1663 -0.2668 0.1329  3  DG A N9    
52  C C8    . DG A 3  ? 1.4719 1.3719 1.2834 -0.1788 -0.2490 0.2092  3  DG A C8    
53  N N7    . DG A 3  ? 1.4142 1.3010 1.1347 -0.2428 -0.1962 0.2333  3  DG A N7    
54  C C5    . DG A 3  ? 1.3409 1.3575 1.0844 -0.2770 -0.1773 0.1732  3  DG A C5    
55  C C6    . DG A 3  ? 1.3115 1.3590 0.9705 -0.3447 -0.1256 0.1662  3  DG A C6    
56  O O6    . DG A 3  ? 1.3527 1.3253 0.9025 -0.3816 -0.0880 0.2117  3  DG A O6    
57  N N1    . DG A 3  ? 1.2640 1.4425 0.9680 -0.3685 -0.1201 0.0946  3  DG A N1    
58  C C2    . DG A 3  ? 1.2390 1.5262 1.0680 -0.3305 -0.1596 0.0330  3  DG A C2    
59  N N2    . DG A 3  ? 1.1950 1.6111 1.0496 -0.3704 -0.1432 -0.0364 3  DG A N2    
60  N N3    . DG A 3  ? 1.2959 1.5651 1.2114 -0.2581 -0.2119 0.0361  3  DG A N3    
61  C C4    . DG A 3  ? 1.3488 1.4711 1.2094 -0.2354 -0.2180 0.1099  3  DG A C4    
62  P P     . DT A 4  ? 1.7615 1.9904 1.9478 0.1641  -0.5686 0.0136  4  DT A P     
63  O OP1   . DT A 4  ? 1.6972 2.1335 2.0174 0.1923  -0.5943 -0.0911 4  DT A OP1   
64  O OP2   . DT A 4  ? 1.8833 1.9285 2.0151 0.2372  -0.6201 0.0741  4  DT A OP2   
65  O "O5'" . DT A 4  ? 1.8600 2.0748 1.9215 0.1046  -0.5527 0.0748  4  DT A "O5'" 
66  C "C5'" . DT A 4  ? 1.9228 1.9618 1.8472 0.1132  -0.5717 0.1769  4  DT A "C5'" 
67  C "C4'" . DT A 4  ? 1.9982 2.0572 1.8196 0.0523  -0.5509 0.2183  4  DT A "C4'" 
68  O "O4'" . DT A 4  ? 1.9917 1.9308 1.7044 -0.0125 -0.4908 0.2874  4  DT A "O4'" 
69  C "C3'" . DT A 4  ? 2.0750 2.0843 1.8201 0.1013  -0.6194 0.2691  4  DT A "C3'" 
70  O "O3'" . DT A 4  ? 2.0724 2.1988 1.7927 0.0580  -0.6125 0.2531  4  DT A "O3'" 
71  C "C2'" . DT A 4  ? 2.1575 1.9654 1.7630 0.0836  -0.6042 0.3733  4  DT A "C2'" 
72  C "C1'" . DT A 4  ? 2.1341 1.9593 1.7167 -0.0079 -0.5160 0.3736  4  DT A "C1'" 
73  N N1    . DT A 4  ? 2.2213 1.8834 1.7164 -0.0341 -0.4801 0.4447  4  DT A N1    
74  C C2    . DT A 4  ? 2.0848 1.7572 1.5760 -0.1005 -0.4058 0.4351  4  DT A C2    
75  O O2    . DT A 4  ? 1.8926 1.6868 1.4395 -0.1393 -0.3672 0.3740  4  DT A O2    
76  N N3    . DT A 4  ? 2.0820 1.6151 1.4956 -0.1214 -0.3776 0.4970  4  DT A N3    
77  C C4    . DT A 4  ? 2.2645 1.6443 1.5985 -0.0906 -0.4120 0.5673  4  DT A C4    
78  O O4    . DT A 4  ? 2.2886 1.5573 1.5549 -0.1214 -0.3785 0.6152  4  DT A O4    
79  C C5    . DT A 4  ? 2.3311 1.6906 1.6613 -0.0210 -0.4900 0.5774  4  DT A C5    
80  C C7    . DT A 4  ? 2.5594 1.7386 1.7878 0.0163  -0.5330 0.6518  4  DT A C7    
81  C C6    . DT A 4  ? 2.2684 1.7723 1.6816 0.0071  -0.5217 0.5155  4  DT A C6    
82  P P     . DT A 5  ? 2.0694 2.3976 1.9028 0.0907  -0.6566 0.1597  5  DT A P     
83  O OP1   . DT A 5  ? 1.9899 2.2798 1.8436 0.1973  -0.7471 0.1657  5  DT A OP1   
84  O OP2   . DT A 5  ? 2.0043 2.4224 1.7810 0.0169  -0.6269 0.1552  5  DT A OP2   
85  O "O5'" . DT A 5  ? 1.8863 2.3382 1.8637 0.0774  -0.6192 0.0631  5  DT A "O5'" 
86  C "C5'" . DT A 5  ? 1.7746 2.2852 1.7502 -0.0178 -0.5364 0.0339  5  DT A "C5'" 
87  C "C4'" . DT A 5  ? 1.6812 2.4066 1.7524 -0.0493 -0.5267 -0.0694 5  DT A "C4'" 
88  O "O4'" . DT A 5  ? 1.6542 2.4689 1.8660 -0.0285 -0.5163 -0.1524 5  DT A "O4'" 
89  C "C3'" . DT A 5  ? 1.5935 2.3649 1.5936 -0.1586 -0.4534 -0.0808 5  DT A "C3'" 
90  O "O3'" . DT A 5  ? 1.6482 2.4194 1.5475 -0.1804 -0.4723 -0.0412 5  DT A "O3'" 
91  C "C2'" . DT A 5  ? 1.5536 2.5220 1.6836 -0.1856 -0.4326 -0.1999 5  DT A "C2'" 
92  C "C1'" . DT A 5  ? 1.5791 2.5585 1.8431 -0.1028 -0.4661 -0.2377 5  DT A "C1'" 
93  N N1    . DT A 5  ? 1.5773 2.5422 1.8871 -0.1396 -0.4031 -0.2697 5  DT A N1    
94  C C2    . DT A 5  ? 1.5366 2.5833 1.9914 -0.0884 -0.4195 -0.3432 5  DT A C2    
95  O O2    . DT A 5  ? 1.5907 2.7240 2.1385 -0.0099 -0.4853 -0.3864 5  DT A O2    
96  N N3    . DT A 5  ? 1.5058 2.5287 1.9896 -0.1280 -0.3581 -0.3667 5  DT A N3    
97  C C4    . DT A 5  ? 1.5518 2.4807 1.9347 -0.2084 -0.2856 -0.3271 5  DT A C4    
98  O O4    . DT A 5  ? 1.5051 2.4194 1.9222 -0.2356 -0.2360 -0.3548 5  DT A O4    
99  C C5    . DT A 5  ? 1.5442 2.3932 1.7755 -0.2538 -0.2746 -0.2533 5  DT A C5    
100 C C7    . DT A 5  ? 1.4315 2.1782 1.5384 -0.3316 -0.2034 -0.2107 5  DT A C7    
101 C C6    . DT A 5  ? 1.6010 2.4710 1.8041 -0.2194 -0.3320 -0.2274 5  DT A C6    
102 P P     . DT A 6  ? 1.1637 2.5613 1.4962 0.1469  -0.1697 -0.2746 6  DT A P     
103 O OP1   . DT A 6  ? 1.0864 2.5598 1.4406 0.0913  -0.1605 -0.3071 6  DT A OP1   
104 O OP2   . DT A 6  ? 1.0330 2.3230 1.3360 0.1812  -0.1883 -0.2482 6  DT A OP2   
105 O "O5'" . DT A 6  ? 1.0913 2.4234 1.3980 0.1179  -0.1443 -0.2590 6  DT A "O5'" 
106 C "C5'" . DT A 6  ? 1.0137 2.3048 1.3026 0.0460  -0.1207 -0.2654 6  DT A "C5'" 
107 C "C4'" . DT A 6  ? 0.9493 2.0822 1.1890 0.0363  -0.1171 -0.2351 6  DT A "C4'" 
108 O "O4'" . DT A 6  ? 1.0039 2.0784 1.2275 0.0932  -0.1256 -0.2055 6  DT A "O4'" 
109 C "C3'" . DT A 6  ? 0.9345 2.0063 1.1594 0.0376  -0.1328 -0.2322 6  DT A "C3'" 
110 O "O3'" . DT A 6  ? 0.9287 1.9832 1.1448 -0.0311 -0.1190 -0.2488 6  DT A "O3'" 
111 C "C2'" . DT A 6  ? 0.9354 1.8693 1.1187 0.0714  -0.1396 -0.1949 6  DT A "C2'" 
112 C "C1'" . DT A 6  ? 0.9812 1.9245 1.1659 0.1050  -0.1339 -0.1790 6  DT A "C1'" 
113 N N1    . DT A 6  ? 0.9384 1.8653 1.1213 0.1794  -0.1571 -0.1579 6  DT A N1    
114 C C2    . DT A 6  ? 0.9803 1.7876 1.1267 0.2032  -0.1681 -0.1295 6  DT A C2    
115 O O2    . DT A 6  ? 1.0516 1.7634 1.1667 0.1681  -0.1600 -0.1211 6  DT A O2    
116 N N3    . DT A 6  ? 0.9566 1.7594 1.1029 0.2704  -0.1899 -0.1112 6  DT A N3    
117 C C4    . DT A 6  ? 0.9473 1.8482 1.1256 0.3158  -0.2023 -0.1184 6  DT A C4    
118 O O4    . DT A 6  ? 1.0061 1.8423 1.1628 0.3551  -0.2076 -0.0975 6  DT A O4    
119 C C5    . DT A 6  ? 0.9972 2.0211 1.2138 0.2893  -0.1898 -0.1494 6  DT A C5    
120 C C7    . DT A 6  ? 1.1403 2.2418 1.3789 0.3258  -0.1934 -0.1585 6  DT A C7    
121 C C6    . DT A 6  ? 0.9782 2.0102 1.1953 0.2226  -0.1676 -0.1672 6  DT A C6    
122 P P     . DG A 7  ? 0.9445 1.8639 1.1141 -0.0801 -0.1008 -0.2310 7  DG A P     
123 O OP1   . DG A 7  ? 0.9478 1.8807 1.1178 -0.1473 -0.0908 -0.2548 7  DG A OP1   
124 O OP2   . DG A 7  ? 0.9811 1.7763 1.1156 -0.0425 -0.1136 -0.2003 7  DG A OP2   
125 O "O5'" . DG A 7  ? 0.9553 1.8885 1.1235 -0.0949 -0.0793 -0.2245 7  DG A "O5'" 
126 C "C5'" . DG A 7  ? 0.9446 1.9114 1.1155 -0.1630 -0.0568 -0.2423 7  DG A "C5'" 
127 C "C4'" . DG A 7  ? 0.9136 1.9363 1.0970 -0.1609 -0.0415 -0.2410 7  DG A "C4'" 
128 O "O4'" . DG A 7  ? 0.9079 1.9405 1.1001 -0.0874 -0.0556 -0.2242 7  DG A "O4'" 
129 C "C3'" . DG A 7  ? 0.9362 1.8673 1.0844 -0.2028 -0.0195 -0.2230 7  DG A "C3'" 
130 O "O3'" . DG A 7  ? 0.9311 1.9545 1.1000 -0.2358 -0.0010 -0.2393 7  DG A "O3'" 
131 C "C2'" . DG A 7  ? 0.9518 1.7978 1.0785 -0.1444 -0.0268 -0.1892 7  DG A "C2'" 
132 C "C1'" . DG A 7  ? 0.9261 1.8805 1.0916 -0.0814 -0.0435 -0.1979 7  DG A "C1'" 
133 N N9    . DG A 7  ? 0.9108 1.8013 1.0626 -0.0126 -0.0617 -0.1706 7  DG A N9    
134 C C8    . DG A 7  ? 0.9071 1.8344 1.0724 0.0444  -0.0691 -0.1603 7  DG A C8    
135 N N7    . DG A 7  ? 0.9702 1.8209 1.1159 0.0977  -0.0864 -0.1343 7  DG A N7    
136 C C5    . DG A 7  ? 0.9821 1.7420 1.1006 0.0753  -0.0905 -0.1276 7  DG A C5    
137 C C6    . DG A 7  ? 0.9466 1.6031 1.0359 0.1105  -0.1072 -0.1028 7  DG A C6    
138 O O6    . DG A 7  ? 0.9322 1.5550 1.0127 0.1690  -0.1223 -0.0802 7  DG A O6    
139 N N1    . DG A 7  ? 0.9745 1.5648 1.0430 0.0704  -0.1060 -0.1061 7  DG A N1    
140 C C2    . DG A 7  ? 0.9849 1.6022 1.0592 0.0044  -0.0911 -0.1299 7  DG A C2    
141 N N2    . DG A 7  ? 0.9480 1.4895 0.9988 -0.0249 -0.0936 -0.1301 7  DG A N2    
142 N N3    . DG A 7  ? 0.9996 1.7131 1.1002 -0.0304 -0.0754 -0.1524 7  DG A N3    
143 C C4    . DG A 7  ? 0.9838 1.7656 1.1058 0.0082  -0.0758 -0.1499 7  DG A C4    
144 P P     . DG A 8  ? 0.9677 1.9249 1.1073 -0.2820 0.0236  -0.2243 8  DG A P     
145 O OP1   . DG A 8  ? 0.9938 2.0536 1.1544 -0.3416 0.0409  -0.2520 8  DG A OP1   
146 O OP2   . DG A 8  ? 0.9973 1.7987 1.0896 -0.3011 0.0243  -0.2004 8  DG A OP2   
147 O "O5'" . DG A 8  ? 0.9353 1.9050 1.0815 -0.2242 0.0232  -0.2060 8  DG A "O5'" 
148 C "C5'" . DG A 8  ? 0.8962 2.0043 1.0861 -0.1893 0.0182  -0.2249 8  DG A "C5'" 
149 C "C4'" . DG A 8  ? 0.8610 1.9505 1.0496 -0.1249 0.0123  -0.2023 8  DG A "C4'" 
150 O "O4'" . DG A 8  ? 0.8392 1.8344 1.0073 -0.0732 -0.0079 -0.1784 8  DG A "O4'" 
151 C "C3'" . DG A 8  ? 0.8803 1.9022 1.0424 -0.1457 0.0327  -0.1813 8  DG A "C3'" 
152 O "O3'" . DG A 8  ? 0.8509 1.9479 1.0361 -0.1049 0.0333  -0.1821 8  DG A "O3'" 
153 C "C2'" . DG A 8  ? 0.9175 1.7828 1.0365 -0.1216 0.0252  -0.1461 8  DG A "C2'" 
154 C "C1'" . DG A 8  ? 0.8892 1.7773 1.0243 -0.0551 -0.0022 -0.1458 8  DG A "C1'" 
155 N N9    . DG A 8  ? 0.9389 1.7009 1.0399 -0.0365 -0.0152 -0.1221 8  DG A N9    
156 C C8    . DG A 8  ? 0.9770 1.6450 1.0474 -0.0817 -0.0106 -0.1174 8  DG A C8    
157 N N7    . DG A 8  ? 0.9643 1.5318 1.0082 -0.0486 -0.0254 -0.0951 8  DG A N7    
158 C C5    . DG A 8  ? 0.9702 1.5659 1.0271 0.0218  -0.0409 -0.0834 8  DG A C5    
159 C C6    . DG A 8  ? 0.9542 1.4784 0.9932 0.0813  -0.0612 -0.0584 8  DG A C6    
160 O O6    . DG A 8  ? 0.9308 1.3516 0.9388 0.0845  -0.0693 -0.0418 8  DG A O6    
161 N N1    . DG A 8  ? 0.9336 1.5193 0.9939 0.1415  -0.0733 -0.0539 8  DG A N1    
162 C C2    . DG A 8  ? 0.9058 1.6083 1.0013 0.1454  -0.0667 -0.0725 8  DG A C2    
163 N N2    . DG A 8  ? 0.8599 1.6041 0.9706 0.2088  -0.0819 -0.0654 8  DG A N2    
164 N N3    . DG A 8  ? 0.8906 1.6640 1.0039 0.0909  -0.0473 -0.0966 8  DG A N3    
165 C C4    . DG A 8  ? 0.9331 1.6469 1.0250 0.0303  -0.0352 -0.1000 8  DG A C4    
166 P P     . DG A 9  ? 0.8987 1.9653 1.0679 -0.1225 0.0551  -0.1667 9  DG A P     
167 O OP1   . DG A 9  ? 0.8856 2.0633 1.0786 -0.1768 0.0739  -0.1947 9  DG A OP1   
168 O OP2   . DG A 9  ? 1.0142 1.9210 1.1342 -0.1410 0.0617  -0.1348 9  DG A OP2   
169 O "O5'" . DG A 9  ? 0.8801 1.9813 1.0658 -0.0433 0.0421  -0.1561 9  DG A "O5'" 
170 C "C5'" . DG A 9  ? 0.9450 1.9529 1.1026 -0.0204 0.0481  -0.1245 9  DG A "C5'" 
171 C "C4'" . DG A 9  ? 0.9294 1.8927 1.0820 0.0595  0.0243  -0.1033 9  DG A "C4'" 
172 O "O4'" . DG A 9  ? 0.9493 1.8631 1.0919 0.0698  0.0064  -0.1002 9  DG A "O4'" 
173 C "C3'" . DG A 9  ? 1.0225 1.8597 1.1369 0.0815  0.0287  -0.0657 9  DG A "C3'" 
174 O "O3'" . DG A 9  ? 1.0031 1.8914 1.1307 0.1018  0.0373  -0.0645 9  DG A "O3'" 
175 C "C2'" . DG A 9  ? 0.9920 1.7744 1.0970 0.1466  0.0014  -0.0477 9  DG A "C2'" 
176 C "C1'" . DG A 9  ? 0.9645 1.7793 1.0817 0.1263  -0.0094 -0.0687 9  DG A "C1'" 
177 N N9    . DG A 9  ? 0.9738 1.6630 1.0529 0.1023  -0.0101 -0.0510 9  DG A N9    
178 C C8    . DG A 9  ? 0.9527 1.5966 1.0137 0.0329  0.0064  -0.0566 9  DG A C8    
179 N N7    . DG A 9  ? 0.9455 1.4730 0.9724 0.0294  0.0001  -0.0381 9  DG A N7    
180 C C5    . DG A 9  ? 0.9349 1.4305 0.9570 0.0995  -0.0214 -0.0187 9  DG A C5    
181 C C6    . DG A 9  ? 0.9551 1.3396 0.9454 0.1280  -0.0366 0.0057  9  DG A C6    
182 O O6    . DG A 9  ? 0.9879 1.2781 0.9482 0.0973  -0.0340 0.0140  9  DG A O6    
183 N N1    . DG A 9  ? 0.9432 1.3332 0.9382 0.1995  -0.0572 0.0204  9  DG A N1    
184 C C2    . DG A 9  ? 0.8969 1.3846 0.9232 0.2399  -0.0634 0.0124  9  DG A C2    
185 N N2    . DG A 9  ? 0.8761 1.3497 0.9002 0.3075  -0.0857 0.0296  9  DG A N2    
186 N N3    . DG A 9  ? 0.9281 1.5209 0.9854 0.2158  -0.0494 -0.0114 9  DG A N3    
187 C C4    . DG A 9  ? 0.9447 1.5362 0.9979 0.1447  -0.0283 -0.0258 9  DG A C4    
188 P P     . DT A 10 ? 1.0364 1.9324 1.1574 0.0402  0.0677  -0.0674 10 DT A P     
189 O OP1   . DT A 10 ? 0.9878 2.0124 1.1459 0.0607  0.0710  -0.0869 10 DT A OP1   
190 O OP2   . DT A 10 ? 1.1463 2.0317 1.2585 -0.0353 0.0810  -0.0811 10 DT A OP2   
191 O "O5'" . DT A 10 ? 1.0694 1.8184 1.1456 0.0512  0.0746  -0.0270 10 DT A "O5'" 
192 C "C5'" . DT A 10 ? 1.0488 1.6662 1.0886 0.0615  0.0647  -0.0015 10 DT A "C5'" 
193 C "C4'" . DT A 10 ? 1.0081 1.5212 1.0174 0.1014  0.0643  0.0349  10 DT A "C4'" 
194 O "O4'" . DT A 10 ? 1.0394 1.4582 1.0246 0.1412  0.0444  0.0564  10 DT A "O4'" 
195 C "C3'" . DT A 10 ? 1.0689 1.4832 1.0423 0.0526  0.0883  0.0554  10 DT A "C3'" 
196 O "O3'" . DT A 10 ? 1.0562 1.5425 1.0465 0.0350  0.1065  0.0463  10 DT A "O3'" 
197 C "C2'" . DT A 10 ? 1.0453 1.3309 0.9823 0.1013  0.0788  0.0938  10 DT A "C2'" 
198 C "C1'" . DT A 10 ? 0.9758 1.2736 0.9228 0.1567  0.0498  0.0919  10 DT A "C1'" 
199 N N1    . DT A 10 ? 0.9620 1.1371 0.8726 0.1552  0.0407  0.1118  10 DT A N1    
200 C C2    . DT A 10 ? 1.0079 1.1332 0.9006 0.0918  0.0525  0.1062  10 DT A C2    
201 O O2    . DT A 10 ? 1.0579 1.2335 0.9621 0.0342  0.0700  0.0866  10 DT A O2    
202 N N3    . DT A 10 ? 1.0154 1.0290 0.8752 0.0981  0.0421  0.1247  10 DT A N3    
203 C C4    . DT A 10 ? 1.0493 0.9995 0.8921 0.1587  0.0221  0.1480  10 DT A C4    
204 O O4    . DT A 10 ? 1.0632 0.9175 0.8766 0.1590  0.0139  0.1624  10 DT A O4    
205 C C5    . DT A 10 ? 1.0400 1.0464 0.9019 0.2215  0.0103  0.1536  10 DT A C5    
206 C C7    . DT A 10 ? 1.0615 1.0071 0.9057 0.2884  -0.0126 0.1791  10 DT A C7    
207 C C6    . DT A 10 ? 0.9831 1.0970 0.8778 0.2175  0.0198  0.1351  10 DT A C6    
208 P P     . DT A 11 ? 1.1228 1.5712 1.0927 -0.0422 0.1355  0.0494  11 DT A P     
209 O OP1   . DT A 11 ? 1.1664 1.5250 1.1082 -0.0235 0.1446  0.0816  11 DT A OP1   
210 O OP2   . DT A 11 ? 0.9095 1.4984 0.9161 -0.0823 0.1468  0.0143  11 DT A OP2   
211 O "O5'" . DT A 11 ? 1.1733 1.5156 1.1099 -0.0889 0.1360  0.0568  11 DT A "O5'" 
212 C "C5'" . DT A 11 ? 1.0884 1.3717 0.9989 -0.1615 0.1577  0.0616  11 DT A "C5'" 
213 C "C4'" . DT A 11 ? 1.1540 1.3231 1.0304 -0.1902 0.1528  0.0717  11 DT A "C4'" 
214 O "O4'" . DT A 11 ? 1.1938 1.2346 1.0357 -0.1473 0.1443  0.1060  11 DT A "O4'" 
215 C "C3'" . DT A 11 ? 1.1816 1.3962 1.0763 -0.1827 0.1345  0.0499  11 DT A "C3'" 
216 O "O3'" . DT A 11 ? 1.1618 1.4420 1.0697 -0.2497 0.1448  0.0218  11 DT A "O3'" 
217 C "C2'" . DT A 11 ? 1.1863 1.2577 1.0411 -0.1712 0.1233  0.0739  11 DT A "C2'" 
218 C "C1'" . DT A 11 ? 1.2072 1.1688 1.0272 -0.1571 0.1329  0.1092  11 DT A "C1'" 
219 N N1    . DT A 11 ? 1.1798 1.0565 0.9801 -0.0909 0.1150  0.1360  11 DT A N1    
220 C C2    . DT A 11 ? 1.1715 0.9347 0.9381 -0.0957 0.1066  0.1500  11 DT A C2    
221 O O2    . DT A 11 ? 1.2030 0.9277 0.9547 -0.1505 0.1124  0.1416  11 DT A O2    
222 N N3    . DT A 11 ? 1.1697 0.8661 0.9198 -0.0339 0.0903  0.1740  11 DT A N3    
223 C C4    . DT A 11 ? 1.1863 0.9138 0.9488 0.0306  0.0811  0.1861  11 DT A C4    
224 O O4    . DT A 11 ? 1.2175 0.8781 0.9615 0.0819  0.0658  0.2085  11 DT A O4    
225 C C5    . DT A 11 ? 1.1367 0.9812 0.9346 0.0336  0.0900  0.1702  11 DT A C5    
226 C C7    . DT A 11 ? 1.0956 0.9816 0.9089 0.1019  0.0800  0.1803  11 DT A C7    
227 C C6    . DT A 11 ? 1.1576 1.0718 0.9728 -0.0265 0.1067  0.1458  11 DT A C6    
228 P P     . DA A 12 ? 1.1245 1.5484 1.0780 -0.2452 0.1335  -0.0153 12 DA A P     
229 O OP1   . DA A 12 ? 1.0515 1.5771 1.0260 -0.3048 0.1518  -0.0408 12 DA A OP1   
230 O OP2   . DA A 12 ? 1.1729 1.6492 1.1510 -0.1652 0.1148  -0.0138 12 DA A OP2   
231 O "O5'" . DA A 12 ? 1.1004 1.4632 1.0375 -0.2678 0.1221  -0.0202 12 DA A "O5'" 
232 C "C5'" . DA A 12 ? 1.0249 1.3346 0.9550 -0.2125 0.0999  -0.0085 12 DA A "C5'" 
233 C "C4'" . DA A 12 ? 1.0750 1.2490 0.9632 -0.2411 0.0980  0.0066  12 DA A "C4'" 
234 O "O4'" . DA A 12 ? 1.1710 1.2236 1.0252 -0.2016 0.0946  0.0423  12 DA A "O4'" 
235 C "C3'" . DA A 12 ? 1.0531 1.2300 0.9473 -0.2314 0.0787  -0.0069 12 DA A "C3'" 
236 O "O3'" . DA A 12 ? 1.1035 1.1994 0.9688 -0.2899 0.0840  -0.0084 12 DA A "O3'" 
237 C "C2'" . DA A 12 ? 1.0534 1.1573 0.9325 -0.1606 0.0605  0.0190  12 DA A "C2'" 
238 C "C1'" . DA A 12 ? 1.1001 1.0887 0.9404 -0.1682 0.0745  0.0504  12 DA A "C1'" 
239 N N9    . DA A 12 ? 1.0674 1.0021 0.8954 -0.1004 0.0638  0.0786  12 DA A N9    
240 C C8    . DA A 12 ? 1.0260 1.0291 0.8774 -0.0479 0.0592  0.0821  12 DA A C8    
241 N N7    . DA A 12 ? 1.0604 0.9873 0.8910 0.0064  0.0488  0.1108  12 DA A N7    
242 C C5    . DA A 12 ? 1.1066 0.9085 0.8978 -0.0120 0.0472  0.1270  12 DA A C5    
243 C C6    . DA A 12 ? 1.1342 0.8137 0.8883 0.0226  0.0380  0.1581  12 DA A C6    
244 N N6    . DA A 12 ? 1.1469 0.8080 0.8964 0.0844  0.0282  0.1805  12 DA A N6    
245 N N1    . DA A 12 ? 1.2016 0.7780 0.9221 -0.0089 0.0385  0.1653  12 DA A N1    
246 C C2    . DA A 12 ? 1.2066 0.7985 0.9301 -0.0709 0.0472  0.1432  12 DA A C2    
247 N N3    . DA A 12 ? 1.1579 0.8580 0.9135 -0.1097 0.0562  0.1140  12 DA A N3    
248 C C4    . DA A 12 ? 1.1095 0.9136 0.8988 -0.0768 0.0560  0.1072  12 DA A C4    
249 P P     . DG A 13 ? 1.1577 1.3294 1.0420 -0.3473 0.0855  -0.0431 13 DG A P     
250 O OP1   . DG A 13 ? 1.1872 1.2528 1.0330 -0.4096 0.0941  -0.0377 13 DG A OP1   
251 O OP2   . DG A 13 ? 1.0889 1.4054 1.0132 -0.3609 0.0955  -0.0669 13 DG A OP2   
252 O "O5'" . DG A 13 ? 1.0691 1.2669 0.9701 -0.3036 0.0610  -0.0537 13 DG A "O5'" 
253 C "C5'" . DG A 13 ? 1.0890 1.3371 1.0042 -0.3404 0.0562  -0.0817 13 DG A "C5'" 
254 C "C4'" . DG A 13 ? 1.0969 1.2489 0.9875 -0.3306 0.0400  -0.0746 13 DG A "C4'" 
255 O "O4'" . DG A 13 ? 1.1268 1.1894 0.9953 -0.2717 0.0299  -0.0438 13 DG A "O4'" 
256 C "C3'" . DG A 13 ? 1.0767 1.3089 0.9972 -0.3136 0.0219  -0.0993 13 DG A "C3'" 
257 O "O3'" . DG A 13 ? 1.1194 1.3146 1.0256 -0.3663 0.0216  -0.1138 13 DG A "O3'" 
258 C "C2'" . DG A 13 ? 1.0415 1.2264 0.9558 -0.2409 0.0011  -0.0796 13 DG A "C2'" 
259 C "C1'" . DG A 13 ? 1.0943 1.1409 0.9641 -0.2359 0.0083  -0.0456 13 DG A "C1'" 
260 N N9    . DG A 13 ? 1.1029 1.1174 0.9677 -0.1641 -0.0046 -0.0208 13 DG A N9    
261 C C8    . DG A 13 ? 1.1380 1.0467 0.9727 -0.1295 -0.0185 0.0017  13 DG A C8    
262 N N7    . DG A 13 ? 1.1253 1.0315 0.9620 -0.0667 -0.0287 0.0213  13 DG A N7    
263 C C5    . DG A 13 ? 1.0617 1.0784 0.9324 -0.0577 -0.0216 0.0105  13 DG A C5    
264 C C6    . DG A 13 ? 1.0229 1.0864 0.9103 0.0008  -0.0284 0.0217  13 DG A C6    
265 O O6    . DG A 13 ? 1.0475 1.0615 0.9212 0.0569  -0.0424 0.0453  13 DG A O6    
266 N N1    . DG A 13 ? 0.9617 1.1416 0.8840 -0.0104 -0.0177 0.0025  13 DG A N1    
267 C C2    . DG A 13 ? 0.9732 1.2185 0.9120 -0.0718 -0.0021 -0.0238 13 DG A C2    
268 N N2    . DG A 13 ? 0.9847 1.3449 0.9572 -0.0728 0.0062  -0.0402 13 DG A N2    
269 N N3    . DG A 13 ? 1.0130 1.2147 0.9355 -0.1284 0.0041  -0.0337 13 DG A N3    
270 C C4    . DG A 13 ? 1.0503 1.1367 0.9393 -0.1170 -0.0065 -0.0157 13 DG A C4    
271 P P     . DG A 14 ? 1.1107 1.3949 1.0477 -0.3688 0.0071  -0.1446 14 DG A P     
272 O OP1   . DG A 14 ? 1.2033 1.4518 1.1228 -0.4401 0.0143  -0.1597 14 DG A OP1   
273 O OP2   . DG A 14 ? 1.0730 1.5076 1.0577 -0.3445 0.0059  -0.1636 14 DG A OP2   
274 O "O5'" . DG A 14 ? 1.0802 1.2992 1.0058 -0.3101 -0.0159 -0.1299 14 DG A "O5'" 
275 C "C5'" . DG A 14 ? 1.1060 1.1825 0.9875 -0.3168 -0.0190 -0.1102 14 DG A "C5'" 
276 C "C4'" . DG A 14 ? 1.1513 1.1868 1.0273 -0.2523 -0.0411 -0.0958 14 DG A "C4'" 
277 O "O4'" . DG A 14 ? 1.1209 1.1340 0.9917 -0.1984 -0.0422 -0.0687 14 DG A "O4'" 
278 C "C3'" . DG A 14 ? 1.0320 1.1742 0.9465 -0.2222 -0.0591 -0.1176 14 DG A "C3'" 
279 O "O3'" . DG A 14 ? 1.0784 1.2000 0.9868 -0.2549 -0.0664 -0.1354 14 DG A "O3'" 
280 C "C2'" . DG A 14 ? 0.9935 1.1072 0.9039 -0.1470 -0.0771 -0.0941 14 DG A "C2'" 
281 C "C1'" . DG A 14 ? 1.1153 1.1521 0.9990 -0.1350 -0.0644 -0.0639 14 DG A "C1'" 
282 N N9    . DG A 14 ? 1.0269 1.1347 0.9342 -0.0874 -0.0656 -0.0559 14 DG A N9    
283 C C8    . DG A 14 ? 1.0056 1.2337 0.9495 -0.0952 -0.0567 -0.0741 14 DG A C8    
284 N N7    . DG A 14 ? 0.9804 1.2453 0.9374 -0.0432 -0.0614 -0.0617 14 DG A N7    
285 C C5    . DG A 14 ? 1.0113 1.1729 0.9377 0.0004  -0.0740 -0.0324 14 DG A C5    
286 C C6    . DG A 14 ? 0.9634 1.1078 0.8857 0.0641  -0.0845 -0.0079 14 DG A C6    
287 O O6    . DG A 14 ? 0.9367 1.1550 0.8827 0.0967  -0.0855 -0.0079 14 DG A O6    
288 N N1    . DG A 14 ? 0.9841 1.0126 0.8698 0.0902  -0.0956 0.0179  14 DG A N1    
289 C C2    . DG A 14 ? 1.0776 1.0182 0.9350 0.0599  -0.0965 0.0191  14 DG A C2    
290 N N2    . DG A 14 ? 1.1418 0.9791 0.9658 0.0934  -0.1081 0.0454  14 DG A N2    
291 N N3    . DG A 14 ? 1.0779 1.0312 0.9389 0.0014  -0.0874 -0.0042 14 DG A N3    
292 C C4    . DG A 14 ? 1.0422 1.1079 0.9381 -0.0260 -0.0763 -0.0287 14 DG A C4    
293 P P     . DG A 15 ? 1.1093 1.3029 1.0459 -0.2243 -0.0886 -0.1542 15 DG A P     
294 O OP1   . DG A 15 ? 1.1874 1.3963 1.1267 -0.2814 -0.0866 -0.1814 15 DG A OP1   
295 O OP2   . DG A 15 ? 0.9803 1.3005 0.9593 -0.1824 -0.0948 -0.1623 15 DG A OP2   
296 O "O5'" . DG A 15 ? 1.0206 1.1048 0.9262 -0.1765 -0.1057 -0.1285 15 DG A "O5'" 
297 C "C5'" . DG A 15 ? 1.0798 1.2076 1.0038 -0.1185 -0.1276 -0.1270 15 DG A "C5'" 
298 C "C4'" . DG A 15 ? 1.1389 1.1546 1.0278 -0.0744 -0.1392 -0.0961 15 DG A "C4'" 
299 O "O4'" . DG A 15 ? 1.1065 1.1056 0.9889 -0.0423 -0.1324 -0.0711 15 DG A "O4'" 
300 C "C3'" . DG A 15 ? 1.2158 1.2546 1.1152 -0.0215 -0.1650 -0.0948 15 DG A "C3'" 
301 O "O3'" . DG A 15 ? 1.2710 1.1895 1.1306 -0.0031 -0.1739 -0.0728 15 DG A "O3'" 
302 C "C2'" . DG A 15 ? 1.1080 1.2170 1.0303 0.0316  -0.1706 -0.0834 15 DG A "C2'" 
303 C "C1'" . DG A 15 ? 1.1185 1.1635 1.0176 0.0227  -0.1511 -0.0614 15 DG A "C1'" 
304 N N9    . DG A 15 ? 1.0646 1.1994 0.9921 0.0391  -0.1440 -0.0632 15 DG A N9    
305 C C8    . DG A 15 ? 0.9883 1.2331 0.9509 0.0080  -0.1328 -0.0895 15 DG A C8    
306 N N7    . DG A 15 ? 0.9477 1.2564 0.9302 0.0353  -0.1293 -0.0853 15 DG A N7    
307 C C5    . DG A 15 ? 0.9619 1.1958 0.9206 0.0873  -0.1389 -0.0535 15 DG A C5    
308 C C6    . DG A 15 ? 0.8867 1.1396 0.8510 0.1347  -0.1411 -0.0356 15 DG A C6    
309 O O6    . DG A 15 ? 0.8521 1.1954 0.8450 0.1411  -0.1348 -0.0456 15 DG A O6    
310 N N1    . DG A 15 ? 0.9899 1.1443 0.9217 0.1777  -0.1521 -0.0037 15 DG A N1    
311 C C2    . DG A 15 ? 1.0735 1.1257 0.9720 0.1752  -0.1599 0.0089  15 DG A C2    
312 N N2    . DG A 15 ? 1.1140 1.0822 0.9832 0.2198  -0.1700 0.0402  15 DG A N2    
313 N N3    . DG A 15 ? 1.1134 1.1475 1.0069 0.1322  -0.1582 -0.0086 15 DG A N3    
314 C C4    . DG A 15 ? 1.0607 1.1885 0.9856 0.0899  -0.1477 -0.0393 15 DG A C4    
315 P P     . DT A 16 ? 1.1774 1.6964 1.0111 0.0171  -0.0023 0.1628  16 DT A P     
316 O OP1   . DT A 16 ? 1.2666 1.8155 1.1081 0.0017  -0.0131 0.1670  16 DT A OP1   
317 O OP2   . DT A 16 ? 1.1510 1.6477 0.9897 0.0328  -0.0046 0.1403  16 DT A OP2   
318 O "O5'" . DT A 16 ? 1.1261 1.6775 0.9876 0.0310  0.0112  0.1944  16 DT A "O5'" 
319 C "C5'" . DT A 16 ? 1.0232 1.5873 0.9099 0.0559  0.0150  0.1938  16 DT A "C5'" 
320 C "C4'" . DT A 16 ? 1.0338 1.5764 0.9124 0.0652  0.0268  0.2009  16 DT A "C4'" 
321 O "O4'" . DT A 16 ? 1.0235 1.5693 0.9158 0.0815  0.0229  0.1867  16 DT A "O4'" 
322 C "C3'" . DT A 16 ? 1.0305 1.5915 0.9270 0.0740  0.0433  0.2367  16 DT A "C3'" 
323 O "O3'" . DT A 16 ? 0.9750 1.5040 0.8460 0.0554  0.0586  0.2513  16 DT A "O3'" 
324 C "C2'" . DT A 16 ? 0.9722 1.5347 0.8815 0.0962  0.0493  0.2387  16 DT A "C2'" 
325 C "C1'" . DT A 16 ? 0.9757 1.5405 0.8865 0.0990  0.0333  0.2074  16 DT A "C1'" 
326 N N1    . DT A 16 ? 0.9541 1.5567 0.8920 0.1139  0.0300  0.2075  16 DT A N1    
327 C C2    . DT A 16 ? 1.0155 1.6205 0.9578 0.1228  0.0268  0.1947  16 DT A C2    
328 O O2    . DT A 16 ? 1.0487 1.6335 0.9812 0.1202  0.0254  0.1858  16 DT A O2    
329 N N3    . DT A 16 ? 1.0096 1.6418 0.9649 0.1340  0.0268  0.1941  16 DT A N3    
330 C C4    . DT A 16 ? 0.9618 1.6214 0.9290 0.1406  0.0305  0.2055  16 DT A C4    
331 O O4    . DT A 16 ? 0.9571 1.6358 0.9281 0.1525  0.0319  0.2034  16 DT A O4    
332 C C5    . DT A 16 ? 0.9108 1.5748 0.8816 0.1320  0.0330  0.2216  16 DT A C5    
333 C C7    . DT A 16 ? 0.8684 1.5697 0.8575 0.1384  0.0378  0.2400  16 DT A C7    
334 C C6    . DT A 16 ? 0.9049 1.5387 0.8592 0.1174  0.0319  0.2215  16 DT A C6    
335 P P     . DT A 17 ? 0.9841 1.5159 0.8756 0.0544  0.0832  0.2936  17 DT A P     
336 O OP1   . DT A 17 ? 0.8380 1.4199 0.7642 0.0565  0.0750  0.3114  17 DT A OP1   
337 O OP2   . DT A 17 ? 0.9681 1.4840 0.8706 0.0775  0.1021  0.3064  17 DT A OP2   
338 O "O5'" . DT A 17 ? 1.0537 1.5427 0.9104 0.0192  0.0977  0.2983  17 DT A "O5'" 
339 C "C5'" . DT A 17 ? 0.9472 1.4403 0.7828 -0.0086 0.0754  0.2774  17 DT A "C5'" 
340 C "C4'" . DT A 17 ? 0.9970 1.4064 0.8103 -0.0392 0.0773  0.2484  17 DT A "C4'" 
341 O "O4'" . DT A 17 ? 1.0204 1.3871 0.7937 -0.0268 0.0838  0.2227  17 DT A "O4'" 
342 C "C3'" . DT A 17 ? 1.0404 1.3927 0.8794 -0.0536 0.1002  0.2630  17 DT A "C3'" 
343 O "O3'" . DT A 17 ? 1.0300 1.3354 0.8605 -0.0955 0.0868  0.2419  17 DT A "O3'" 
344 C "C2'" . DT A 17 ? 1.0898 1.3838 0.9076 -0.0323 0.1261  0.2557  17 DT A "C2'" 
345 C "C1'" . DT A 17 ? 1.0736 1.3656 0.8444 -0.0275 0.1108  0.2218  17 DT A "C1'" 
346 N N1    . DT A 17 ? 1.1114 1.4036 0.8740 0.0064  0.1285  0.2262  17 DT A N1    
347 C C2    . DT A 17 ? 1.1124 1.3304 0.8554 0.0118  0.1535  0.2156  17 DT A C2    
348 O O2    . DT A 17 ? 1.1755 1.3192 0.9002 -0.0097 0.1617  0.1990  17 DT A O2    
349 N N3    . DT A 17 ? 1.1680 1.4016 0.9130 0.0439  0.1686  0.2256  17 DT A N3    
350 C C4    . DT A 17 ? 1.1883 1.4996 0.9509 0.0667  0.1579  0.2422  17 DT A C4    
351 O O4    . DT A 17 ? 1.2127 1.5318 0.9838 0.0904  0.1677  0.2480  17 DT A O4    
352 C C5    . DT A 17 ? 1.1310 1.5032 0.9101 0.0588  0.1286  0.2443  17 DT A C5    
353 C C7    . DT A 17 ? 1.0206 1.4409 0.8366 0.0775  0.1030  0.2369  17 DT A C7    
354 C C6    . DT A 17 ? 1.1225 1.4894 0.8977 0.0319  0.1197  0.2419  17 DT A C6    
355 P P     . DA A 18 ? 1.0993 1.3797 0.9743 -0.1245 0.0954  0.2644  18 DA A P     
356 O OP1   . DA A 18 ? 1.0720 1.3199 0.9328 -0.1708 0.0697  0.2367  18 DA A OP1   
357 O OP2   . DA A 18 ? 1.0110 1.3736 0.9374 -0.1065 0.1005  0.3094  18 DA A OP2   
358 O "O5'" . DA A 18 ? 1.0847 1.2771 0.9534 -0.1140 0.1309  0.2668  18 DA A "O5'" 
359 C "C5'" . DA A 18 ? 1.1849 1.2816 1.0033 -0.1281 0.1354  0.2278  18 DA A "C5'" 
360 C "C4'" . DA A 18 ? 1.1891 1.2109 1.0083 -0.1098 0.1748  0.2389  18 DA A "C4'" 
361 O "O4'" . DA A 18 ? 1.2010 1.2616 1.0212 -0.0626 0.1928  0.2555  18 DA A "O4'" 
362 C "C3'" . DA A 18 ? 1.1937 1.2074 1.0674 -0.1169 0.1939  0.2773  18 DA A "C3'" 
363 O "O3'" . DA A 18 ? 1.3201 1.2267 1.1787 -0.1184 0.2244  0.2714  18 DA A "O3'" 
364 C "C2'" . DA A 18 ? 1.1882 1.2881 1.0982 -0.0730 0.2072  0.3194  18 DA A "C2'" 
365 C "C1'" . DA A 18 ? 1.1877 1.2769 1.0572 -0.0401 0.2162  0.3011  18 DA A "C1'" 
366 N N9    . DA A 18 ? 1.1463 1.3295 1.0301 -0.0046 0.2108  0.3223  18 DA A N9    
367 C C8    . DA A 18 ? 1.0992 1.3708 1.0199 0.0053  0.2007  0.3544  18 DA A C8    
368 N N7    . DA A 18 ? 1.0736 1.4110 0.9911 0.0378  0.1953  0.3636  18 DA A N7    
369 C C5    . DA A 18 ? 1.1062 1.4004 0.9899 0.0485  0.2027  0.3388  18 DA A C5    
370 C C6    . DA A 18 ? 1.1170 1.4455 0.9871 0.0770  0.2008  0.3358  18 DA A C6    
371 N N6    . DA A 18 ? 1.0709 1.4724 0.9619 0.0978  0.1803  0.3431  18 DA A N6    
372 N N1    . DA A 18 ? 1.1817 1.4535 1.0223 0.0811  0.2130  0.3128  18 DA A N1    
373 C C2    . DA A 18 ? 1.1984 1.3803 1.0165 0.0603  0.2263  0.2912  18 DA A C2    
374 N N3    . DA A 18 ? 1.1706 1.3069 0.9936 0.0307  0.2266  0.2878  18 DA A N3    
375 C C4    . DA A 18 ? 1.1350 1.3350 0.9961 0.0251  0.2140  0.3140  18 DA A C4    
376 P P     . DG A 19 ? 1.4339 1.2637 1.3122 -0.1626 0.2281  0.2727  19 DG A P     
377 O OP1   . DG A 19 ? 1.2817 1.1924 1.2289 -0.1719 0.2211  0.3163  19 DG A OP1   
378 O OP2   . DG A 19 ? 1.4810 1.2009 1.3393 -0.1485 0.2679  0.2708  19 DG A OP2   
379 O "O5'" . DG A 19 ? 1.3560 1.1476 1.1872 -0.2100 0.1905  0.2212  19 DG A "O5'" 
380 C "C5'" . DG A 19 ? 1.2801 1.0688 1.1394 -0.2622 0.1652  0.2202  19 DG A "C5'" 
381 C "C4'" . DG A 19 ? 1.3222 1.1627 1.1586 -0.2890 0.1196  0.1908  19 DG A "C4'" 
382 O "O4'" . DG A 19 ? 1.3145 1.2176 1.1231 -0.2491 0.1159  0.1841  19 DG A "O4'" 
383 C "C3'" . DG A 19 ? 1.3986 1.1454 1.1720 -0.3299 0.0982  0.1375  19 DG A "C3'" 
384 O "O3'" . DG A 19 ? 1.3575 1.1485 1.1546 -0.3787 0.0562  0.1327  19 DG A "O3'" 
385 C "C2'" . DG A 19 ? 1.3488 1.0962 1.0551 -0.2986 0.0963  0.1058  19 DG A "C2'" 
386 C "C1'" . DG A 19 ? 1.2937 1.1692 1.0410 -0.2674 0.0893  0.1376  19 DG A "C1'" 
387 N N9    . DG A 19 ? 1.2609 1.1578 0.9690 -0.2251 0.0978  0.1264  19 DG A N9    
388 C C8    . DG A 19 ? 1.2229 1.2017 0.9225 -0.2125 0.0743  0.1219  19 DG A C8    
389 N N7    . DG A 19 ? 1.2078 1.1856 0.8746 -0.1762 0.0888  0.1134  19 DG A N7    
390 C C5    . DG A 19 ? 1.2599 1.1546 0.9137 -0.1614 0.1247  0.1136  19 DG A C5    
391 C C6    . DG A 19 ? 1.2522 1.1153 0.8781 -0.1227 0.1544  0.1105  19 DG A C6    
392 O O6    . DG A 19 ? 1.2451 1.1482 0.8537 -0.0965 0.1529  0.1061  19 DG A O6    
393 N N1    . DG A 19 ? 1.2510 1.0271 0.8732 -0.1155 0.1896  0.1153  19 DG A N1    
394 C C2    . DG A 19 ? 1.2918 1.0121 0.9331 -0.1442 0.1950  0.1207  19 DG A C2    
395 N N2    . DG A 19 ? 1.3116 0.9431 0.9430 -0.1294 0.2335  0.1252  19 DG A N2    
396 N N3    . DG A 19 ? 1.3361 1.0854 1.0068 -0.1846 0.1657  0.1237  19 DG A N3    
397 C C4    . DG A 19 ? 1.2963 1.1365 0.9724 -0.1900 0.1316  0.1206  19 DG A C4    
398 P P     . DG A 20 ? 1.4620 1.1851 1.1973 -0.4276 0.0196  0.0788  20 DG A P     
399 O OP1   . DG A 20 ? 1.4736 1.1942 1.2577 -0.4863 -0.0053 0.0879  20 DG A OP1   
400 O OP2   . DG A 20 ? 1.5201 1.1218 1.1759 -0.4117 0.0439  0.0406  20 DG A OP2   
401 O "O5'" . DG A 20 ? 1.3465 1.1669 1.0626 -0.4178 -0.0141 0.0675  20 DG A "O5'" 
402 C "C5'" . DG A 20 ? 1.2536 1.1485 0.9744 -0.3651 0.0010  0.0862  20 DG A "C5'" 
403 C "C4'" . DG A 20 ? 1.2443 1.2110 0.9394 -0.3633 -0.0330 0.0697  20 DG A "C4'" 
404 O "O4'" . DG A 20 ? 1.2111 1.2068 0.8807 -0.3114 -0.0144 0.0710  20 DG A "O4'" 
405 C "C3'" . DG A 20 ? 1.2595 1.1658 0.8846 -0.3965 -0.0626 0.0204  20 DG A "C3'" 
406 O "O3'" . DG A 20 ? 1.2882 1.2812 0.9289 -0.4167 -0.1034 0.0223  20 DG A "O3'" 
407 C "C2'" . DG A 20 ? 1.2550 1.1203 0.8103 -0.3549 -0.0418 -0.0046 20 DG A "C2'" 
408 C "C1'" . DG A 20 ? 1.2510 1.2168 0.8490 -0.3113 -0.0300 0.0308  20 DG A "C1'" 
409 N N9    . DG A 20 ? 1.2214 1.1687 0.7856 -0.2643 -0.0004 0.0264  20 DG A N9    
410 C C8    . DG A 20 ? 1.1766 1.1926 0.7367 -0.2304 -0.0023 0.0331  20 DG A C8    
411 N N7    . DG A 20 ? 1.1715 1.1563 0.7058 -0.1952 0.0264  0.0297  20 DG A N7    
412 C C5    . DG A 20 ? 1.2425 1.1319 0.7609 -0.2019 0.0513  0.0209  20 DG A C5    
413 C C6    . DG A 20 ? 1.2690 1.0924 0.7610 -0.1715 0.0895  0.0176  20 DG A C6    
414 O O6    . DG A 20 ? 1.2571 1.0998 0.7396 -0.1343 0.1073  0.0231  20 DG A O6    
415 N N1    . DG A 20 ? 1.2953 1.0222 0.7746 -0.1879 0.1080  0.0085  20 DG A N1    
416 C C2    . DG A 20 ? 1.3617 1.0578 0.8536 -0.2330 0.0891  0.0021  20 DG A C2    
417 N N2    . DG A 20 ? 1.3977 0.9880 0.8713 -0.2436 0.1123  -0.0077 20 DG A N2    
418 N N3    . DG A 20 ? 1.3292 1.0929 0.8516 -0.2652 0.0509  0.0069  20 DG A N3    
419 C C4    . DG A 20 ? 1.2653 1.1252 0.7988 -0.2451 0.0351  0.0169  20 DG A C4    
420 P P     . DG A 21 ? 1.4414 1.4017 1.0353 -0.4665 -0.1475 -0.0170 21 DG A P     
421 O OP1   . DG A 21 ? 1.4225 1.4428 1.0879 -0.5118 -0.1770 0.0075  21 DG A OP1   
422 O OP2   . DG A 21 ? 1.4775 1.3040 0.9946 -0.4767 -0.1354 -0.0602 21 DG A OP2   
423 O "O5'" . DG A 21 ? 1.3093 1.3363 0.8647 -0.4408 -0.1665 -0.0281 21 DG A "O5'" 
424 C "C5'" . DG A 21 ? 1.2062 1.3484 0.8125 -0.4123 -0.1680 0.0078  21 DG A "C5'" 
425 C "C4'" . DG A 21 ? 1.2195 1.3791 0.7746 -0.3696 -0.1615 -0.0055 21 DG A "C4'" 
426 O "O4'" . DG A 21 ? 1.2098 1.3049 0.7357 -0.3343 -0.1214 -0.0123 21 DG A "O4'" 
427 C "C3'" . DG A 21 ? 1.3671 1.4970 0.8489 -0.3852 -0.1898 -0.0446 21 DG A "C3'" 
428 O "O3'" . DG A 21 ? 1.4478 1.6596 0.9268 -0.3609 -0.2036 -0.0357 21 DG A "O3'" 
429 C "C2'" . DG A 21 ? 1.3485 1.3721 0.7584 -0.3658 -0.1605 -0.0761 21 DG A "C2'" 
430 C "C1'" . DG A 21 ? 1.2559 1.3000 0.7028 -0.3216 -0.1212 -0.0476 21 DG A "C1'" 
431 N N9    . DG A 21 ? 1.2614 1.2109 0.6739 -0.3037 -0.0838 -0.0612 21 DG A N9    
432 C C8    . DG A 21 ? 1.3067 1.1619 0.7036 -0.3272 -0.0722 -0.0762 21 DG A C8    
433 N N7    . DG A 21 ? 1.2883 1.0739 0.6561 -0.2977 -0.0335 -0.0824 21 DG A N7    
434 C C5    . DG A 21 ? 1.2614 1.1029 0.6293 -0.2551 -0.0209 -0.0700 21 DG A C5    
435 C C6    . DG A 21 ? 1.2979 1.1125 0.6474 -0.2120 0.0168  -0.0665 21 DG A C6    
436 O O6    . DG A 21 ? 1.3321 1.0669 0.6600 -0.1982 0.0502  -0.0723 21 DG A O6    
437 N N1    . DG A 21 ? 1.2477 1.1391 0.6079 -0.1828 0.0139  -0.0534 21 DG A N1    
438 C C2    . DG A 21 ? 1.2089 1.1857 0.5895 -0.1908 -0.0184 -0.0455 21 DG A C2    
439 N N2    . DG A 21 ? 1.2014 1.2340 0.5860 -0.1598 -0.0151 -0.0349 21 DG A N2    
440 N N3    . DG A 21 ? 1.1862 1.1918 0.5841 -0.2267 -0.0511 -0.0466 21 DG A N3    
441 C C4    . DG A 21 ? 1.2307 1.1681 0.6232 -0.2589 -0.0516 -0.0587 21 DG A C4    
# 
